data_7U8Z
#
_entry.id   7U8Z
#
_cell.length_a   78.340
_cell.length_b   95.130
_cell.length_c   98.139
_cell.angle_alpha   90.000
_cell.angle_beta   98.730
_cell.angle_gamma   90.000
#
_symmetry.space_group_name_H-M   'P 1 21 1'
#
loop_
_entity.id
_entity.type
_entity.pdbx_description
1 polymer 'Hdac6 protein'
2 non-polymer 'ACETATE ION'
3 non-polymer 4-({N-[2-(benzylamino)-2-oxoethyl]-4-(dimethylamino)benzamido}methyl)-3-fluoro-N-hydroxybenzamide
4 non-polymer 'ZINC ION'
5 non-polymer 'POTASSIUM ION'
6 non-polymer 1,2-ETHANEDIOL
7 non-polymer GLYCEROL
8 non-polymer 'MALONATE ION'
9 water water
#
_entity_poly.entity_id   1
_entity_poly.type   'polypeptide(L)'
_entity_poly.pdbx_seq_one_letter_code
;SNAGGSSPITGLVYDQRMMLHHNMWDSHHPELPQRISRIFSRHEELRLLSRCHRIPARLATEEELALCHSSKHISIIKSS
EHMKPRDLNRLGDEYNSIFISNESYTCALLAAGSCFNSAQAILTGQVRNAVAIVRPPGHHAEKDTACGFCFFNTAALTAR
YAQSITRESLRVLIVDWDVHHGNGTQHIFEEDDSVLYISLHRYEDGAFFPNSEDANYDKVGLGKGRGYNVNIPWNGGKMG
DPEYMAAFHHLVMPIAREFAPELVLVSAGFDAARGDPLGGFQVTPEGYAHLTHQLMSLAAGRVLIILEGGYNLTSISESM
SMCTSMLLGDSPPSLDHLTPLKTSATVSINNVLRAHAPFWSSLR
;
_entity_poly.pdbx_strand_id   A,B,C,D
#
# COMPACT_ATOMS: atom_id res chain seq x y z
N PRO A 8 8.61 20.28 -33.17
CA PRO A 8 9.77 19.40 -33.27
C PRO A 8 10.93 19.89 -32.40
N ILE A 9 10.68 19.99 -31.09
CA ILE A 9 11.58 20.64 -30.15
C ILE A 9 12.23 19.60 -29.26
N THR A 10 13.49 19.82 -28.89
CA THR A 10 14.19 18.99 -27.93
C THR A 10 14.39 19.75 -26.62
N GLY A 11 13.97 19.13 -25.51
CA GLY A 11 14.12 19.74 -24.20
C GLY A 11 15.42 19.34 -23.53
N LEU A 12 15.92 20.23 -22.66
CA LEU A 12 17.13 19.97 -21.88
C LEU A 12 16.90 20.52 -20.48
N VAL A 13 17.19 19.71 -19.47
CA VAL A 13 17.10 20.14 -18.07
C VAL A 13 18.46 19.93 -17.41
N TYR A 14 18.92 20.97 -16.73
CA TYR A 14 20.19 20.93 -16.00
C TYR A 14 20.14 22.01 -14.95
N ASP A 15 20.46 21.65 -13.70
CA ASP A 15 20.55 22.59 -12.60
C ASP A 15 21.85 22.34 -11.85
N GLN A 16 22.74 23.35 -11.80
CA GLN A 16 24.04 23.15 -11.18
C GLN A 16 23.95 22.84 -9.69
N ARG A 17 22.83 23.17 -9.05
CA ARG A 17 22.64 22.82 -7.65
C ARG A 17 22.75 21.31 -7.42
N MET A 18 22.53 20.49 -8.46
CA MET A 18 22.70 19.05 -8.27
C MET A 18 24.15 18.68 -7.99
N MET A 19 25.08 19.62 -8.14
CA MET A 19 26.48 19.41 -7.76
CA MET A 19 26.47 19.36 -7.76
C MET A 19 26.70 19.43 -6.26
N LEU A 20 25.72 19.92 -5.48
CA LEU A 20 25.92 20.08 -4.05
C LEU A 20 26.17 18.74 -3.36
N HIS A 21 25.51 17.68 -3.84
CA HIS A 21 25.72 16.33 -3.33
C HIS A 21 27.18 15.92 -3.58
N HIS A 22 27.89 15.59 -2.50
CA HIS A 22 29.31 15.25 -2.65
C HIS A 22 29.73 14.29 -1.55
N ASN A 23 30.94 13.75 -1.71
CA ASN A 23 31.52 12.82 -0.75
C ASN A 23 32.46 13.60 0.14
N MET A 24 32.07 13.83 1.39
CA MET A 24 32.94 14.68 2.20
C MET A 24 34.15 13.94 2.75
N TRP A 25 34.26 12.62 2.54
CA TRP A 25 35.41 11.90 3.04
C TRP A 25 36.32 11.38 1.93
N ASP A 26 35.91 11.48 0.68
CA ASP A 26 36.76 11.07 -0.44
C ASP A 26 36.43 12.01 -1.59
N SER A 27 37.26 13.05 -1.74
CA SER A 27 37.00 14.03 -2.79
C SER A 27 37.24 13.49 -4.19
N HIS A 28 37.81 12.29 -4.33
CA HIS A 28 38.07 11.69 -5.63
C HIS A 28 37.11 10.54 -5.96
N HIS A 29 36.08 10.31 -5.15
CA HIS A 29 35.09 9.29 -5.43
C HIS A 29 34.53 9.48 -6.85
N PRO A 30 34.42 8.42 -7.64
CA PRO A 30 34.11 8.61 -9.08
C PRO A 30 32.77 9.29 -9.37
N GLU A 31 31.81 9.31 -8.44
CA GLU A 31 30.51 9.95 -8.72
C GLU A 31 30.62 11.43 -8.38
N LEU A 32 31.38 12.14 -9.24
CA LEU A 32 31.83 13.52 -9.00
C LEU A 32 30.72 14.52 -9.31
N PRO A 33 30.62 15.60 -8.51
CA PRO A 33 29.75 16.73 -8.90
C PRO A 33 29.97 17.19 -10.33
N GLN A 34 31.22 17.27 -10.77
CA GLN A 34 31.47 17.79 -12.13
C GLN A 34 31.08 16.82 -13.22
N ARG A 35 30.52 15.65 -12.90
CA ARG A 35 29.96 14.81 -13.96
C ARG A 35 28.91 15.59 -14.75
N ILE A 36 27.98 16.24 -14.05
CA ILE A 36 26.91 16.90 -14.80
C ILE A 36 27.37 18.23 -15.37
N SER A 37 28.27 18.95 -14.68
CA SER A 37 28.72 20.22 -15.23
C SER A 37 29.61 20.02 -16.46
N ARG A 38 30.39 18.92 -16.53
CA ARG A 38 31.17 18.67 -17.74
C ARG A 38 30.27 18.28 -18.91
N ILE A 39 29.21 17.51 -18.67
CA ILE A 39 28.28 17.19 -19.75
C ILE A 39 27.61 18.46 -20.25
N PHE A 40 27.14 19.30 -19.32
CA PHE A 40 26.46 20.53 -19.72
C PHE A 40 27.40 21.46 -20.48
N SER A 41 28.64 21.64 -20.00
CA SER A 41 29.55 22.55 -20.70
CA SER A 41 29.58 22.53 -20.68
C SER A 41 29.93 22.02 -22.07
N ARG A 42 29.95 20.68 -22.26
CA ARG A 42 30.22 20.15 -23.57
C ARG A 42 29.05 20.40 -24.52
N HIS A 43 27.83 20.38 -23.98
CA HIS A 43 26.67 20.77 -24.80
C HIS A 43 26.81 22.21 -25.28
N GLU A 44 27.33 23.09 -24.44
CA GLU A 44 27.59 24.48 -24.85
C GLU A 44 28.64 24.52 -25.95
N GLU A 45 29.77 23.85 -25.72
CA GLU A 45 30.90 23.91 -26.63
C GLU A 45 30.53 23.40 -28.01
N LEU A 46 29.68 22.38 -28.07
CA LEU A 46 29.20 21.83 -29.33
C LEU A 46 28.02 22.60 -29.89
N ARG A 47 27.61 23.67 -29.22
CA ARG A 47 26.50 24.51 -29.67
C ARG A 47 25.18 23.74 -29.74
N LEU A 48 25.04 22.73 -28.87
CA LEU A 48 23.81 21.96 -28.71
C LEU A 48 22.82 22.62 -27.76
N LEU A 49 23.32 23.25 -26.71
CA LEU A 49 22.43 23.87 -25.71
C LEU A 49 21.47 24.85 -26.35
N SER A 50 22.00 25.77 -27.18
CA SER A 50 21.16 26.81 -27.75
C SER A 50 20.12 26.25 -28.72
N ARG A 51 20.30 25.01 -29.19
CA ARG A 51 19.28 24.39 -30.04
C ARG A 51 18.16 23.74 -29.24
N CYS A 52 18.27 23.66 -27.92
CA CYS A 52 17.26 23.01 -27.09
C CYS A 52 16.38 24.03 -26.39
N HIS A 53 15.19 23.57 -26.00
CA HIS A 53 14.32 24.33 -25.13
C HIS A 53 14.67 24.00 -23.69
N ARG A 54 15.05 25.02 -22.92
CA ARG A 54 15.51 24.81 -21.55
C ARG A 54 14.31 24.55 -20.63
N ILE A 55 14.23 23.34 -20.10
CA ILE A 55 13.16 22.95 -19.17
C ILE A 55 13.65 23.18 -17.74
N PRO A 56 12.87 23.81 -16.87
CA PRO A 56 13.36 24.06 -15.51
C PRO A 56 13.35 22.82 -14.63
N ALA A 57 14.37 22.72 -13.77
CA ALA A 57 14.37 21.77 -12.68
C ALA A 57 13.34 22.17 -11.63
N ARG A 58 12.98 21.21 -10.78
CA ARG A 58 12.12 21.47 -9.65
C ARG A 58 12.32 20.32 -8.67
N LEU A 59 11.88 20.54 -7.43
CA LEU A 59 11.91 19.47 -6.46
C LEU A 59 10.78 18.49 -6.73
N ALA A 60 11.07 17.21 -6.64
CA ALA A 60 9.99 16.25 -6.47
C ALA A 60 9.36 16.47 -5.10
N THR A 61 8.07 16.14 -4.99
CA THR A 61 7.38 16.17 -3.72
C THR A 61 7.43 14.80 -3.04
N GLU A 62 7.23 14.80 -1.72
CA GLU A 62 7.18 13.53 -0.98
C GLU A 62 6.07 12.64 -1.50
N GLU A 63 4.92 13.23 -1.85
CA GLU A 63 3.84 12.45 -2.44
C GLU A 63 4.32 11.74 -3.71
N GLU A 64 5.07 12.46 -4.55
CA GLU A 64 5.56 11.85 -5.77
C GLU A 64 6.58 10.75 -5.48
N LEU A 65 7.41 10.93 -4.45
CA LEU A 65 8.35 9.87 -4.11
C LEU A 65 7.62 8.60 -3.71
N ALA A 66 6.46 8.75 -3.06
CA ALA A 66 5.64 7.62 -2.64
C ALA A 66 5.05 6.84 -3.81
N LEU A 67 5.17 7.35 -5.04
CA LEU A 67 4.76 6.57 -6.20
C LEU A 67 5.51 5.25 -6.26
N CYS A 68 6.79 5.26 -5.83
CA CYS A 68 7.64 4.07 -5.86
C CYS A 68 8.30 3.70 -4.53
N HIS A 69 8.43 4.63 -3.57
CA HIS A 69 9.22 4.41 -2.37
C HIS A 69 8.37 4.39 -1.11
N SER A 70 8.80 3.58 -0.14
CA SER A 70 8.11 3.44 1.14
C SER A 70 8.23 4.72 1.98
N SER A 71 7.26 4.88 2.90
CA SER A 71 7.33 6.05 3.78
C SER A 71 8.57 6.02 4.66
N LYS A 72 9.00 4.83 5.10
CA LYS A 72 10.18 4.76 5.94
C LYS A 72 11.42 5.18 5.18
N HIS A 73 11.59 4.69 3.96
CA HIS A 73 12.77 5.06 3.17
C HIS A 73 12.77 6.55 2.89
N ILE A 74 11.65 7.11 2.43
CA ILE A 74 11.58 8.55 2.20
C ILE A 74 11.95 9.32 3.46
N SER A 75 11.41 8.91 4.61
CA SER A 75 11.64 9.64 5.85
CA SER A 75 11.64 9.65 5.84
C SER A 75 13.11 9.67 6.22
N ILE A 76 13.80 8.53 6.08
CA ILE A 76 15.20 8.45 6.50
C ILE A 76 16.07 9.34 5.64
N ILE A 77 15.94 9.25 4.32
CA ILE A 77 16.78 10.08 3.45
C ILE A 77 16.44 11.55 3.65
N LYS A 78 15.15 11.87 3.80
CA LYS A 78 14.76 13.24 4.09
C LYS A 78 15.42 13.74 5.37
N SER A 79 15.53 12.88 6.39
CA SER A 79 16.13 13.31 7.66
C SER A 79 17.62 13.64 7.53
N SER A 80 18.29 13.15 6.49
CA SER A 80 19.73 13.40 6.39
C SER A 80 20.05 14.86 6.10
N GLU A 81 19.07 15.66 5.68
CA GLU A 81 19.38 17.07 5.43
C GLU A 81 19.86 17.75 6.70
N HIS A 82 19.42 17.27 7.86
CA HIS A 82 19.71 17.93 9.13
C HIS A 82 20.81 17.24 9.92
N MET A 83 21.45 16.21 9.38
CA MET A 83 22.42 15.44 10.14
C MET A 83 23.81 16.06 10.13
N LYS A 84 24.54 15.81 11.22
CA LYS A 84 25.95 16.18 11.32
C LYS A 84 26.82 15.22 10.49
N PRO A 85 28.06 15.61 10.19
CA PRO A 85 28.92 14.75 9.35
C PRO A 85 29.08 13.30 9.81
N ARG A 86 29.37 13.06 11.09
CA ARG A 86 29.57 11.66 11.48
C ARG A 86 28.26 10.88 11.50
N ASP A 87 27.13 11.54 11.75
CA ASP A 87 25.86 10.85 11.60
C ASP A 87 25.57 10.55 10.13
N LEU A 88 25.90 11.47 9.23
CA LEU A 88 25.78 11.20 7.79
C LEU A 88 26.62 10.01 7.38
N ASN A 89 27.87 9.97 7.86
CA ASN A 89 28.74 8.86 7.54
C ASN A 89 28.19 7.53 8.06
N ARG A 90 27.63 7.54 9.29
CA ARG A 90 27.05 6.31 9.84
C ARG A 90 25.85 5.86 9.01
N LEU A 91 24.99 6.80 8.62
CA LEU A 91 23.83 6.47 7.79
C LEU A 91 24.26 5.85 6.47
N GLY A 92 25.16 6.53 5.75
CA GLY A 92 25.56 6.04 4.44
C GLY A 92 26.23 4.69 4.51
N ASP A 93 27.00 4.44 5.57
CA ASP A 93 27.69 3.17 5.71
C ASP A 93 26.71 2.01 5.88
N GLU A 94 25.47 2.27 6.25
CA GLU A 94 24.48 1.19 6.40
C GLU A 94 23.97 0.67 5.06
N TYR A 95 24.22 1.39 3.98
CA TYR A 95 23.80 0.98 2.65
C TYR A 95 24.98 0.39 1.89
N ASN A 96 24.67 -0.27 0.77
CA ASN A 96 25.65 -0.75 -0.19
C ASN A 96 26.06 0.42 -1.08
N SER A 97 27.31 0.87 -0.93
CA SER A 97 27.90 1.86 -1.84
C SER A 97 27.10 3.16 -1.90
N ILE A 98 26.98 3.82 -0.75
CA ILE A 98 26.30 5.11 -0.63
C ILE A 98 27.17 6.06 0.17
N PHE A 99 27.36 7.28 -0.33
CA PHE A 99 27.82 8.40 0.48
C PHE A 99 26.73 9.46 0.53
N ILE A 100 26.65 10.19 1.65
CA ILE A 100 25.60 11.17 1.86
C ILE A 100 26.18 12.46 2.43
N SER A 101 25.71 13.58 1.91
CA SER A 101 25.94 14.89 2.50
C SER A 101 24.59 15.53 2.82
N ASN A 102 24.65 16.67 3.51
CA ASN A 102 23.38 17.25 3.91
CA ASN A 102 23.45 17.40 3.92
C ASN A 102 22.59 17.82 2.73
N GLU A 103 23.18 17.85 1.53
CA GLU A 103 22.46 18.28 0.34
CA GLU A 103 22.52 18.28 0.31
C GLU A 103 21.99 17.11 -0.52
N SER A 104 22.25 15.87 -0.11
CA SER A 104 21.97 14.70 -0.95
C SER A 104 20.47 14.55 -1.22
N TYR A 105 19.66 14.66 -0.17
CA TYR A 105 18.20 14.56 -0.33
C TYR A 105 17.69 15.58 -1.34
N THR A 106 18.05 16.85 -1.15
CA THR A 106 17.60 17.90 -2.07
C THR A 106 18.04 17.61 -3.50
N CYS A 107 19.25 17.07 -3.68
CA CYS A 107 19.73 16.79 -5.03
C CYS A 107 18.97 15.62 -5.63
N ALA A 108 18.66 14.60 -4.84
CA ALA A 108 17.88 13.49 -5.38
C ALA A 108 16.46 13.95 -5.74
N LEU A 109 15.92 14.91 -4.99
CA LEU A 109 14.61 15.49 -5.33
C LEU A 109 14.66 16.27 -6.65
N LEU A 110 15.75 17.02 -6.86
CA LEU A 110 15.92 17.83 -8.07
C LEU A 110 16.10 16.94 -9.30
N ALA A 111 16.87 15.86 -9.16
CA ALA A 111 17.00 14.91 -10.26
C ALA A 111 15.63 14.38 -10.68
N ALA A 112 14.81 13.94 -9.71
CA ALA A 112 13.50 13.37 -10.03
C ALA A 112 12.56 14.43 -10.61
N GLY A 113 12.51 15.61 -9.97
CA GLY A 113 11.57 16.63 -10.43
C GLY A 113 11.93 17.21 -11.78
N SER A 114 13.23 17.28 -12.09
CA SER A 114 13.68 17.65 -13.43
C SER A 114 13.13 16.69 -14.47
N CYS A 115 13.16 15.40 -14.17
CA CYS A 115 12.65 14.40 -15.11
C CYS A 115 11.12 14.45 -15.17
N PHE A 116 10.45 14.69 -14.04
CA PHE A 116 9.01 14.93 -14.06
C PHE A 116 8.66 16.08 -15.01
N ASN A 117 9.36 17.21 -14.88
CA ASN A 117 9.08 18.34 -15.74
C ASN A 117 9.35 18.02 -17.22
N SER A 118 10.40 17.24 -17.51
CA SER A 118 10.69 16.86 -18.89
C SER A 118 9.62 15.92 -19.44
N ALA A 119 9.25 14.88 -18.67
CA ALA A 119 8.20 13.95 -19.10
C ALA A 119 6.87 14.68 -19.35
N GLN A 120 6.55 15.66 -18.50
CA GLN A 120 5.30 16.42 -18.68
C GLN A 120 5.35 17.28 -19.95
N ALA A 121 6.49 17.89 -20.22
CA ALA A 121 6.63 18.65 -21.47
C ALA A 121 6.48 17.73 -22.69
N ILE A 122 7.02 16.52 -22.62
CA ILE A 122 6.88 15.58 -23.72
C ILE A 122 5.41 15.16 -23.91
N LEU A 123 4.75 14.77 -22.82
CA LEU A 123 3.43 14.18 -22.93
C LEU A 123 2.35 15.21 -23.27
N THR A 124 2.59 16.49 -22.97
CA THR A 124 1.66 17.54 -23.36
C THR A 124 2.04 18.21 -24.68
N GLY A 125 3.09 17.73 -25.34
CA GLY A 125 3.42 18.26 -26.65
C GLY A 125 4.23 19.53 -26.67
N GLN A 126 4.72 20.01 -25.52
CA GLN A 126 5.58 21.20 -25.51
C GLN A 126 6.91 20.93 -26.18
N VAL A 127 7.43 19.71 -26.04
CA VAL A 127 8.63 19.25 -26.74
C VAL A 127 8.36 17.85 -27.26
N ARG A 128 9.11 17.44 -28.29
CA ARG A 128 9.00 16.06 -28.74
C ARG A 128 9.81 15.10 -27.86
N ASN A 129 10.99 15.52 -27.42
CA ASN A 129 11.90 14.64 -26.69
C ASN A 129 12.76 15.51 -25.78
N ALA A 130 13.57 14.87 -24.93
CA ALA A 130 14.28 15.63 -23.90
C ALA A 130 15.48 14.85 -23.37
N VAL A 131 16.42 15.59 -22.80
CA VAL A 131 17.59 15.01 -22.13
C VAL A 131 17.71 15.63 -20.75
N ALA A 132 18.02 14.81 -19.75
CA ALA A 132 18.04 15.23 -18.35
C ALA A 132 19.44 14.99 -17.80
N ILE A 133 20.18 16.07 -17.58
CA ILE A 133 21.56 16.00 -17.09
C ILE A 133 21.48 16.09 -15.57
N VAL A 134 21.33 14.94 -14.90
CA VAL A 134 20.98 14.92 -13.49
C VAL A 134 21.90 13.98 -12.70
N ARG A 135 22.03 14.28 -11.40
CA ARG A 135 22.69 13.41 -10.44
C ARG A 135 22.13 13.74 -9.07
N PRO A 136 22.21 12.81 -8.10
CA PRO A 136 22.76 11.45 -8.15
C PRO A 136 21.88 10.51 -9.02
N PRO A 137 22.44 9.36 -9.44
CA PRO A 137 21.65 8.43 -10.27
C PRO A 137 20.52 7.75 -9.51
N GLY A 138 19.75 6.88 -10.19
CA GLY A 138 18.58 6.26 -9.61
C GLY A 138 18.37 4.75 -9.70
N HIS A 139 18.89 4.08 -10.74
CA HIS A 139 18.31 2.78 -11.06
C HIS A 139 18.67 1.66 -10.08
N HIS A 140 19.67 1.84 -9.21
CA HIS A 140 19.89 0.86 -8.16
C HIS A 140 18.99 1.06 -6.95
N ALA A 141 18.28 2.18 -6.84
CA ALA A 141 17.47 2.43 -5.66
C ALA A 141 16.21 1.55 -5.68
N GLU A 142 15.91 0.94 -4.54
CA GLU A 142 14.75 0.07 -4.35
C GLU A 142 13.66 0.84 -3.62
N LYS A 143 12.45 0.28 -3.66
CA LYS A 143 11.33 0.88 -2.94
C LYS A 143 11.69 1.26 -1.51
N ASP A 144 12.46 0.40 -0.83
CA ASP A 144 12.69 0.62 0.60
C ASP A 144 14.18 0.84 0.95
N THR A 145 15.05 1.12 -0.02
CA THR A 145 16.44 1.37 0.35
C THR A 145 17.21 2.06 -0.76
N ALA A 146 18.33 2.66 -0.37
CA ALA A 146 19.30 3.27 -1.28
C ALA A 146 20.44 2.28 -1.57
N CYS A 147 21.13 2.48 -2.69
CA CYS A 147 22.15 1.54 -3.12
C CYS A 147 22.89 2.10 -4.32
N GLY A 148 24.18 1.77 -4.40
CA GLY A 148 24.94 1.99 -5.63
C GLY A 148 24.83 3.39 -6.16
N PHE A 149 24.99 4.38 -5.26
CA PHE A 149 25.11 5.79 -5.52
C PHE A 149 23.72 6.39 -5.71
N CYS A 150 22.64 5.63 -5.54
CA CYS A 150 21.28 6.01 -5.89
C CYS A 150 20.40 6.08 -4.64
N PHE A 151 19.64 7.16 -4.51
CA PHE A 151 18.77 7.38 -3.35
C PHE A 151 17.31 7.05 -3.66
N PHE A 152 16.79 7.57 -4.76
CA PHE A 152 15.44 7.34 -5.24
C PHE A 152 15.53 6.94 -6.71
N ASN A 153 14.62 6.05 -7.14
CA ASN A 153 14.69 5.54 -8.51
C ASN A 153 14.06 6.55 -9.46
N THR A 154 14.89 7.49 -9.94
CA THR A 154 14.40 8.57 -10.79
C THR A 154 13.61 8.05 -11.99
N ALA A 155 14.16 7.06 -12.71
CA ALA A 155 13.51 6.57 -13.91
C ALA A 155 12.18 5.90 -13.58
N ALA A 156 12.14 5.10 -12.52
CA ALA A 156 10.90 4.46 -12.14
C ALA A 156 9.84 5.48 -11.72
N LEU A 157 10.24 6.44 -10.89
CA LEU A 157 9.34 7.52 -10.50
C LEU A 157 8.81 8.27 -11.71
N THR A 158 9.67 8.52 -12.71
CA THR A 158 9.22 9.23 -13.89
C THR A 158 8.17 8.45 -14.65
N ALA A 159 8.34 7.12 -14.75
CA ALA A 159 7.32 6.31 -15.40
C ALA A 159 5.98 6.42 -14.67
N ARG A 160 6.00 6.35 -13.33
CA ARG A 160 4.74 6.43 -12.58
C ARG A 160 4.17 7.84 -12.60
N TYR A 161 5.03 8.87 -12.47
CA TYR A 161 4.58 10.25 -12.66
C TYR A 161 3.92 10.41 -14.04
N ALA A 162 4.58 9.91 -15.09
CA ALA A 162 4.05 9.99 -16.45
C ALA A 162 2.64 9.45 -16.52
N GLN A 163 2.43 8.27 -15.94
CA GLN A 163 1.11 7.65 -15.90
C GLN A 163 0.13 8.47 -15.07
N SER A 164 0.60 9.11 -14.01
CA SER A 164 -0.28 9.91 -13.15
C SER A 164 -0.82 11.15 -13.86
N ILE A 165 -0.17 11.64 -14.91
CA ILE A 165 -0.67 12.82 -15.61
C ILE A 165 -1.23 12.50 -16.99
N THR A 166 -1.39 11.20 -17.31
CA THR A 166 -2.04 10.78 -18.54
C THR A 166 -3.04 9.67 -18.24
N ARG A 167 -2.59 8.41 -18.31
CA ARG A 167 -3.39 7.27 -17.90
C ARG A 167 -2.55 6.30 -17.07
N GLU A 168 -3.20 5.62 -16.12
CA GLU A 168 -2.57 4.51 -15.43
C GLU A 168 -2.11 3.43 -16.41
N SER A 169 -2.77 3.33 -17.57
CA SER A 169 -2.41 2.35 -18.59
C SER A 169 -1.33 2.83 -19.56
N LEU A 170 -0.81 4.06 -19.40
CA LEU A 170 0.20 4.56 -20.32
C LEU A 170 1.37 3.60 -20.40
N ARG A 171 1.65 3.13 -21.61
CA ARG A 171 2.69 2.14 -21.84
C ARG A 171 4.05 2.84 -21.90
N VAL A 172 4.92 2.50 -20.95
CA VAL A 172 6.23 3.12 -20.80
C VAL A 172 7.28 2.03 -20.97
N LEU A 173 8.23 2.28 -21.87
CA LEU A 173 9.41 1.43 -22.01
C LEU A 173 10.57 2.15 -21.32
N ILE A 174 11.29 1.42 -20.47
CA ILE A 174 12.54 1.88 -19.88
C ILE A 174 13.64 1.03 -20.48
N VAL A 175 14.51 1.66 -21.26
CA VAL A 175 15.73 1.03 -21.76
C VAL A 175 16.87 1.48 -20.86
N ASP A 176 17.60 0.52 -20.28
CA ASP A 176 18.62 0.84 -19.29
C ASP A 176 19.93 0.34 -19.87
N TRP A 177 20.70 1.25 -20.47
CA TRP A 177 21.97 0.88 -21.08
C TRP A 177 23.19 1.28 -20.24
N ASP A 178 22.97 1.70 -18.99
CA ASP A 178 24.04 1.71 -17.99
C ASP A 178 24.71 0.33 -17.95
N VAL A 179 26.03 0.29 -17.73
CA VAL A 179 26.71 -1.01 -17.74
C VAL A 179 26.23 -1.92 -16.59
N HIS A 180 25.58 -1.37 -15.56
CA HIS A 180 25.09 -2.16 -14.44
C HIS A 180 23.59 -2.41 -14.55
N HIS A 181 23.15 -3.54 -13.97
CA HIS A 181 21.74 -3.88 -13.93
C HIS A 181 20.97 -2.90 -13.05
N GLY A 182 19.82 -2.47 -13.52
CA GLY A 182 18.99 -1.64 -12.68
C GLY A 182 18.15 -2.52 -11.79
N ASN A 183 18.73 -3.02 -10.69
CA ASN A 183 17.99 -3.90 -9.79
C ASN A 183 16.73 -3.23 -9.26
N GLY A 184 16.84 -1.95 -8.87
CA GLY A 184 15.67 -1.26 -8.35
C GLY A 184 14.54 -1.15 -9.36
N THR A 185 14.87 -0.77 -10.61
CA THR A 185 13.84 -0.60 -11.64
C THR A 185 13.16 -1.93 -11.95
N GLN A 186 13.97 -2.99 -12.08
CA GLN A 186 13.41 -4.32 -12.32
C GLN A 186 12.41 -4.69 -11.24
N HIS A 187 12.81 -4.51 -9.98
CA HIS A 187 11.95 -4.96 -8.89
C HIS A 187 10.68 -4.12 -8.80
N ILE A 188 10.78 -2.81 -9.03
CA ILE A 188 9.61 -1.93 -8.89
C ILE A 188 8.53 -2.33 -9.90
N PHE A 189 8.93 -2.72 -11.12
CA PHE A 189 7.99 -3.01 -12.18
C PHE A 189 7.86 -4.51 -12.49
N GLU A 190 8.41 -5.39 -11.63
CA GLU A 190 8.53 -6.80 -11.97
C GLU A 190 7.18 -7.45 -12.22
N GLU A 191 6.15 -7.05 -11.47
CA GLU A 191 4.82 -7.64 -11.64
C GLU A 191 3.89 -6.73 -12.45
N ASP A 192 4.44 -5.92 -13.35
CA ASP A 192 3.70 -4.87 -14.04
C ASP A 192 3.87 -5.02 -15.55
N ASP A 193 2.74 -5.05 -16.27
CA ASP A 193 2.77 -5.12 -17.72
C ASP A 193 2.54 -3.77 -18.40
N SER A 194 2.36 -2.69 -17.63
CA SER A 194 2.30 -1.36 -18.22
C SER A 194 3.66 -0.70 -18.41
N VAL A 195 4.72 -1.21 -17.78
CA VAL A 195 6.05 -0.62 -17.90
C VAL A 195 6.98 -1.75 -18.32
N LEU A 196 7.49 -1.69 -19.54
CA LEU A 196 8.42 -2.72 -20.02
C LEU A 196 9.84 -2.28 -19.68
N TYR A 197 10.56 -3.12 -18.94
CA TYR A 197 11.94 -2.85 -18.53
C TYR A 197 12.89 -3.72 -19.33
N ILE A 198 13.82 -3.10 -20.06
CA ILE A 198 14.85 -3.83 -20.80
C ILE A 198 16.20 -3.29 -20.35
N SER A 199 17.05 -4.17 -19.85
CA SER A 199 18.36 -3.78 -19.34
C SER A 199 19.43 -4.59 -20.04
N LEU A 200 20.45 -3.90 -20.53
CA LEU A 200 21.69 -4.51 -20.99
C LEU A 200 22.74 -4.18 -19.93
N HIS A 201 23.53 -5.18 -19.55
CA HIS A 201 24.47 -4.95 -18.46
C HIS A 201 25.55 -6.01 -18.46
N ARG A 202 26.72 -5.61 -17.98
CA ARG A 202 27.76 -6.56 -17.65
C ARG A 202 27.32 -7.40 -16.45
N TYR A 203 27.34 -8.72 -16.62
CA TYR A 203 26.82 -9.63 -15.62
C TYR A 203 27.91 -10.52 -15.00
N GLU A 204 28.70 -11.19 -15.84
CA GLU A 204 29.83 -12.02 -15.39
C GLU A 204 29.36 -13.11 -14.42
N ASP A 205 28.29 -13.80 -14.81
CA ASP A 205 27.72 -14.91 -14.02
C ASP A 205 27.39 -14.48 -12.59
N GLY A 206 26.90 -13.25 -12.45
CA GLY A 206 26.51 -12.71 -11.16
C GLY A 206 27.62 -12.06 -10.35
N ALA A 207 28.86 -12.01 -10.85
CA ALA A 207 29.96 -11.46 -10.08
C ALA A 207 30.08 -9.95 -10.17
N PHE A 208 29.53 -9.33 -11.21
CA PHE A 208 29.64 -7.88 -11.39
C PHE A 208 28.55 -7.16 -10.60
N PHE A 209 28.86 -5.95 -10.15
CA PHE A 209 27.93 -5.19 -9.35
C PHE A 209 26.62 -5.00 -10.14
N PRO A 210 25.44 -5.14 -9.50
CA PRO A 210 25.17 -5.28 -8.07
C PRO A 210 25.14 -6.73 -7.52
N ASN A 211 25.79 -7.66 -8.21
CA ASN A 211 26.18 -8.97 -7.65
C ASN A 211 25.01 -9.92 -7.38
N SER A 212 23.96 -9.87 -8.18
CA SER A 212 22.77 -10.67 -7.92
C SER A 212 22.34 -11.42 -9.17
N GLU A 213 21.98 -12.69 -9.02
CA GLU A 213 21.42 -13.43 -10.15
C GLU A 213 20.04 -12.93 -10.56
N ASP A 214 19.48 -11.93 -9.88
CA ASP A 214 18.29 -11.26 -10.40
C ASP A 214 18.52 -10.69 -11.80
N ALA A 215 19.76 -10.40 -12.16
CA ALA A 215 20.09 -9.77 -13.42
C ALA A 215 20.17 -10.74 -14.60
N ASN A 216 19.96 -12.03 -14.38
CA ASN A 216 20.18 -12.98 -15.46
C ASN A 216 19.02 -12.97 -16.46
N TYR A 217 19.22 -13.65 -17.59
CA TYR A 217 18.24 -13.62 -18.67
C TYR A 217 16.96 -14.36 -18.33
N ASP A 218 16.99 -15.29 -17.37
CA ASP A 218 15.81 -16.09 -17.05
C ASP A 218 14.86 -15.40 -16.09
N LYS A 219 15.14 -14.16 -15.69
CA LYS A 219 14.21 -13.39 -14.87
C LYS A 219 13.38 -12.55 -15.84
N VAL A 220 12.18 -13.04 -16.15
CA VAL A 220 11.36 -12.47 -17.22
C VAL A 220 10.19 -11.68 -16.69
N GLY A 221 10.06 -11.51 -15.39
CA GLY A 221 8.89 -10.88 -14.80
C GLY A 221 8.03 -11.87 -14.03
N LEU A 222 7.04 -11.31 -13.31
CA LEU A 222 6.19 -12.07 -12.41
C LEU A 222 4.71 -11.76 -12.69
N GLY A 223 3.86 -12.75 -12.51
CA GLY A 223 2.42 -12.53 -12.65
C GLY A 223 2.09 -11.98 -14.02
N LYS A 224 1.24 -10.96 -14.06
CA LYS A 224 0.95 -10.34 -15.35
C LYS A 224 2.18 -9.68 -15.95
N GLY A 225 3.24 -9.49 -15.16
CA GLY A 225 4.47 -8.96 -15.68
C GLY A 225 5.34 -9.93 -16.45
N ARG A 226 4.93 -11.20 -16.55
CA ARG A 226 5.77 -12.19 -17.23
C ARG A 226 5.99 -11.78 -18.69
N GLY A 227 7.26 -11.61 -19.06
CA GLY A 227 7.62 -11.11 -20.37
C GLY A 227 7.95 -9.62 -20.43
N TYR A 228 7.64 -8.87 -19.38
CA TYR A 228 7.84 -7.42 -19.38
C TYR A 228 9.09 -6.98 -18.64
N ASN A 229 9.99 -7.93 -18.39
CA ASN A 229 11.31 -7.65 -17.83
C ASN A 229 12.30 -8.40 -18.71
N VAL A 230 13.11 -7.67 -19.48
CA VAL A 230 14.06 -8.29 -20.41
C VAL A 230 15.47 -7.96 -19.94
N ASN A 231 16.19 -8.98 -19.47
CA ASN A 231 17.58 -8.83 -19.04
C ASN A 231 18.50 -9.40 -20.11
N ILE A 232 19.46 -8.59 -20.56
CA ILE A 232 20.43 -8.97 -21.58
C ILE A 232 21.80 -8.96 -20.89
N PRO A 233 22.25 -10.10 -20.36
CA PRO A 233 23.47 -10.09 -19.53
C PRO A 233 24.71 -10.47 -20.32
N TRP A 234 25.78 -9.68 -20.20
CA TRP A 234 27.02 -9.96 -20.92
C TRP A 234 27.98 -10.70 -20.01
N ASN A 235 28.68 -11.68 -20.59
CA ASN A 235 29.65 -12.48 -19.86
C ASN A 235 30.93 -12.60 -20.68
N GLY A 236 32.08 -12.57 -20.00
CA GLY A 236 33.33 -12.97 -20.62
C GLY A 236 33.71 -12.25 -21.90
N GLY A 237 33.82 -10.94 -21.83
CA GLY A 237 34.16 -10.17 -23.02
C GLY A 237 33.99 -8.69 -22.87
N LYS A 238 34.86 -7.93 -23.54
CA LYS A 238 34.79 -6.47 -23.56
C LYS A 238 33.82 -6.11 -24.67
N MET A 239 32.61 -5.73 -24.30
CA MET A 239 31.59 -5.49 -25.30
C MET A 239 31.59 -4.03 -25.74
N GLY A 240 31.13 -3.79 -26.95
CA GLY A 240 31.08 -2.46 -27.51
C GLY A 240 30.02 -2.34 -28.59
N ASP A 241 30.30 -1.50 -29.60
CA ASP A 241 29.27 -1.17 -30.60
C ASP A 241 28.67 -2.40 -31.28
N PRO A 242 29.43 -3.38 -31.78
CA PRO A 242 28.78 -4.51 -32.47
C PRO A 242 27.79 -5.25 -31.60
N GLU A 243 28.15 -5.49 -30.34
CA GLU A 243 27.28 -6.25 -29.45
C GLU A 243 26.03 -5.46 -29.08
N TYR A 244 26.15 -4.15 -28.89
CA TYR A 244 24.99 -3.35 -28.52
C TYR A 244 24.06 -3.16 -29.72
N MET A 245 24.63 -3.01 -30.91
CA MET A 245 23.81 -2.93 -32.11
C MET A 245 23.02 -4.21 -32.31
N ALA A 246 23.68 -5.37 -32.12
CA ALA A 246 23.03 -6.65 -32.33
C ALA A 246 21.95 -6.92 -31.29
N ALA A 247 22.22 -6.60 -30.02
CA ALA A 247 21.17 -6.70 -29.01
C ALA A 247 19.95 -5.86 -29.40
N PHE A 248 20.17 -4.68 -29.96
CA PHE A 248 19.04 -3.86 -30.38
C PHE A 248 18.32 -4.49 -31.57
N HIS A 249 19.06 -5.00 -32.54
CA HIS A 249 18.42 -5.54 -33.74
C HIS A 249 17.64 -6.81 -33.42
N HIS A 250 18.23 -7.69 -32.60
CA HIS A 250 17.63 -9.00 -32.35
C HIS A 250 16.64 -9.00 -31.21
N LEU A 251 16.75 -8.04 -30.28
CA LEU A 251 15.98 -8.10 -29.05
C LEU A 251 15.23 -6.82 -28.75
N VAL A 252 15.95 -5.70 -28.56
CA VAL A 252 15.34 -4.50 -27.98
C VAL A 252 14.27 -3.95 -28.91
N MET A 253 14.59 -3.78 -30.18
CA MET A 253 13.65 -3.14 -31.10
C MET A 253 12.49 -4.06 -31.49
N PRO A 254 12.70 -5.37 -31.73
CA PRO A 254 11.50 -6.21 -31.98
C PRO A 254 10.57 -6.21 -30.78
N ILE A 255 11.09 -6.42 -29.58
CA ILE A 255 10.23 -6.43 -28.39
C ILE A 255 9.58 -5.06 -28.20
N ALA A 256 10.37 -3.99 -28.29
CA ALA A 256 9.84 -2.64 -28.08
C ALA A 256 8.77 -2.30 -29.09
N ARG A 257 8.99 -2.64 -30.36
CA ARG A 257 7.97 -2.33 -31.37
C ARG A 257 6.68 -3.10 -31.11
N GLU A 258 6.79 -4.34 -30.65
CA GLU A 258 5.58 -5.09 -30.36
C GLU A 258 4.86 -4.52 -29.15
N PHE A 259 5.62 -4.07 -28.15
CA PHE A 259 5.04 -3.44 -26.97
C PHE A 259 4.36 -2.12 -27.34
N ALA A 260 4.90 -1.41 -28.34
CA ALA A 260 4.40 -0.11 -28.81
C ALA A 260 4.29 0.88 -27.66
N PRO A 261 5.40 1.31 -27.04
CA PRO A 261 5.29 2.26 -25.93
C PRO A 261 4.78 3.61 -26.41
N GLU A 262 4.21 4.35 -25.46
CA GLU A 262 3.81 5.74 -25.66
C GLU A 262 4.83 6.73 -25.11
N LEU A 263 5.75 6.27 -24.27
CA LEU A 263 6.85 7.09 -23.77
C LEU A 263 8.04 6.15 -23.62
N VAL A 264 9.23 6.62 -24.00
CA VAL A 264 10.46 5.85 -23.83
C VAL A 264 11.35 6.61 -22.86
N LEU A 265 11.69 5.97 -21.75
CA LEU A 265 12.69 6.49 -20.83
C LEU A 265 13.99 5.71 -21.02
N VAL A 266 15.11 6.42 -21.14
CA VAL A 266 16.41 5.78 -21.19
C VAL A 266 17.10 6.01 -19.86
N SER A 267 17.39 4.93 -19.15
CA SER A 267 18.31 4.98 -18.01
C SER A 267 19.69 5.00 -18.62
N ALA A 268 20.13 6.21 -18.96
CA ALA A 268 21.29 6.41 -19.83
C ALA A 268 22.52 6.59 -18.95
N GLY A 269 23.00 5.49 -18.41
CA GLY A 269 24.35 5.49 -17.88
C GLY A 269 25.35 5.40 -19.01
N PHE A 270 26.50 6.06 -18.84
CA PHE A 270 27.53 6.00 -19.87
C PHE A 270 28.79 5.33 -19.34
N ASP A 271 28.63 4.35 -18.45
CA ASP A 271 29.76 3.62 -17.92
C ASP A 271 30.10 2.37 -18.72
N ALA A 272 29.31 2.01 -19.74
CA ALA A 272 29.78 1.07 -20.76
C ALA A 272 30.61 1.75 -21.84
N ALA A 273 30.97 3.01 -21.66
CA ALA A 273 31.66 3.77 -22.70
C ALA A 273 33.13 3.41 -22.75
N ARG A 274 33.69 3.45 -23.97
CA ARG A 274 35.13 3.49 -24.14
C ARG A 274 35.74 4.56 -23.24
N GLY A 275 36.73 4.16 -22.43
CA GLY A 275 37.40 5.07 -21.52
C GLY A 275 36.89 5.04 -20.09
N ASP A 276 35.75 4.41 -19.83
CA ASP A 276 35.25 4.38 -18.46
C ASP A 276 36.25 3.68 -17.54
N PRO A 277 36.50 4.22 -16.35
CA PRO A 277 37.51 3.63 -15.45
C PRO A 277 37.05 2.35 -14.75
N LEU A 278 35.80 2.00 -14.84
CA LEU A 278 35.35 0.80 -14.16
C LEU A 278 34.36 -0.08 -14.94
N GLY A 279 33.82 0.39 -16.04
CA GLY A 279 32.87 -0.43 -16.78
C GLY A 279 33.52 -1.57 -17.54
N GLY A 280 34.70 -1.32 -18.11
CA GLY A 280 35.43 -2.32 -18.86
C GLY A 280 34.94 -2.58 -20.27
N PHE A 281 34.01 -1.77 -20.78
CA PHE A 281 33.39 -1.93 -22.08
C PHE A 281 33.87 -0.82 -23.02
N GLN A 282 33.37 -0.81 -24.25
CA GLN A 282 33.94 0.12 -25.23
C GLN A 282 32.91 0.71 -26.21
N VAL A 283 31.67 0.92 -25.76
CA VAL A 283 30.68 1.61 -26.59
C VAL A 283 31.17 3.03 -26.90
N THR A 284 31.14 3.39 -28.18
CA THR A 284 31.66 4.68 -28.64
C THR A 284 30.56 5.72 -28.60
N PRO A 285 30.91 7.02 -28.70
CA PRO A 285 29.85 8.03 -28.83
C PRO A 285 28.97 7.81 -30.04
N GLU A 286 29.55 7.34 -31.15
CA GLU A 286 28.77 6.93 -32.30
C GLU A 286 27.80 5.79 -31.94
N GLY A 287 28.25 4.84 -31.13
CA GLY A 287 27.37 3.77 -30.68
C GLY A 287 26.15 4.27 -29.94
N TYR A 288 26.36 5.14 -28.95
CA TYR A 288 25.24 5.72 -28.21
C TYR A 288 24.33 6.52 -29.13
N ALA A 289 24.91 7.24 -30.10
CA ALA A 289 24.08 7.93 -31.08
C ALA A 289 23.19 6.96 -31.84
N HIS A 290 23.76 5.81 -32.26
CA HIS A 290 22.97 4.81 -32.98
C HIS A 290 21.83 4.27 -32.12
N LEU A 291 22.14 3.96 -30.86
CA LEU A 291 21.09 3.50 -29.96
C LEU A 291 19.98 4.55 -29.81
N THR A 292 20.37 5.82 -29.63
CA THR A 292 19.36 6.86 -29.46
C THR A 292 18.47 6.98 -30.69
N HIS A 293 19.08 7.03 -31.87
CA HIS A 293 18.32 7.13 -33.10
C HIS A 293 17.38 5.95 -33.27
N GLN A 294 17.81 4.75 -32.88
CA GLN A 294 16.92 3.60 -32.94
C GLN A 294 15.69 3.81 -32.06
N LEU A 295 15.91 4.26 -30.82
CA LEU A 295 14.80 4.46 -29.90
C LEU A 295 13.87 5.59 -30.37
N MET A 296 14.38 6.57 -31.12
CA MET A 296 13.51 7.63 -31.60
C MET A 296 12.47 7.13 -32.60
N SER A 297 12.60 5.92 -33.13
CA SER A 297 11.56 5.35 -33.97
C SER A 297 10.40 4.78 -33.14
N LEU A 298 10.48 4.82 -31.81
CA LEU A 298 9.38 4.36 -30.98
C LEU A 298 8.61 5.54 -30.39
N ALA A 299 7.36 5.27 -29.98
CA ALA A 299 6.54 6.22 -29.23
C ALA A 299 6.42 7.56 -29.95
N ALA A 300 6.41 7.53 -31.28
CA ALA A 300 6.35 8.73 -32.11
C ALA A 300 7.44 9.72 -31.70
N GLY A 301 8.59 9.21 -31.30
CA GLY A 301 9.73 10.05 -30.93
C GLY A 301 9.73 10.60 -29.51
N ARG A 302 8.75 10.24 -28.69
CA ARG A 302 8.69 10.78 -27.32
C ARG A 302 9.68 10.00 -26.45
N VAL A 303 10.90 10.52 -26.39
CA VAL A 303 12.02 9.85 -25.72
C VAL A 303 12.63 10.82 -24.72
N LEU A 304 12.86 10.35 -23.50
CA LEU A 304 13.51 11.12 -22.45
C LEU A 304 14.77 10.39 -22.01
N ILE A 305 15.93 11.01 -22.23
CA ILE A 305 17.22 10.42 -21.88
C ILE A 305 17.64 10.94 -20.51
N ILE A 306 17.84 10.03 -19.55
CA ILE A 306 18.11 10.38 -18.16
C ILE A 306 19.50 9.85 -17.81
N LEU A 307 20.38 10.75 -17.39
CA LEU A 307 21.71 10.32 -16.96
C LEU A 307 21.62 9.39 -15.76
N GLU A 308 22.33 8.25 -15.83
CA GLU A 308 22.55 7.44 -14.64
C GLU A 308 24.03 7.46 -14.26
N GLY A 309 24.76 6.38 -14.55
CA GLY A 309 26.18 6.30 -14.23
C GLY A 309 27.07 6.76 -15.38
N GLY A 310 28.37 6.50 -15.23
CA GLY A 310 29.39 6.93 -16.19
C GLY A 310 30.45 7.84 -15.58
N TYR A 311 31.72 7.43 -15.63
CA TYR A 311 32.73 8.01 -14.75
C TYR A 311 33.98 8.54 -15.44
N ASN A 312 34.12 8.38 -16.76
CA ASN A 312 35.13 9.13 -17.51
C ASN A 312 34.46 10.44 -17.95
N LEU A 313 34.92 11.57 -17.40
CA LEU A 313 34.27 12.85 -17.63
C LEU A 313 34.21 13.19 -19.12
N THR A 314 35.30 12.92 -19.86
CA THR A 314 35.30 13.24 -21.29
C THR A 314 34.41 12.26 -22.06
N SER A 315 34.44 10.97 -21.69
CA SER A 315 33.61 9.98 -22.37
C SER A 315 32.12 10.27 -22.16
N ILE A 316 31.72 10.58 -20.93
CA ILE A 316 30.29 10.78 -20.74
C ILE A 316 29.83 12.07 -21.41
N SER A 317 30.70 13.09 -21.44
CA SER A 317 30.34 14.36 -22.05
C SER A 317 30.17 14.20 -23.56
N GLU A 318 31.09 13.49 -24.21
CA GLU A 318 30.96 13.23 -25.63
C GLU A 318 29.79 12.31 -25.92
N SER A 319 29.57 11.31 -25.06
CA SER A 319 28.54 10.32 -25.36
C SER A 319 27.16 10.93 -25.21
N MET A 320 26.93 11.67 -24.12
CA MET A 320 25.59 12.22 -23.94
C MET A 320 25.30 13.33 -24.93
N SER A 321 26.33 14.10 -25.31
CA SER A 321 26.12 15.15 -26.32
CA SER A 321 26.12 15.15 -26.32
C SER A 321 25.70 14.54 -27.65
N MET A 322 26.35 13.45 -28.08
CA MET A 322 25.92 12.76 -29.28
C MET A 322 24.48 12.30 -29.20
N CYS A 323 24.03 11.86 -28.02
CA CYS A 323 22.63 11.48 -27.88
C CYS A 323 21.71 12.66 -28.11
N THR A 324 22.05 13.82 -27.53
CA THR A 324 21.23 15.01 -27.74
C THR A 324 21.25 15.43 -29.20
N SER A 325 22.39 15.28 -29.88
CA SER A 325 22.46 15.59 -31.31
C SER A 325 21.47 14.73 -32.09
N MET A 326 21.30 13.47 -31.70
CA MET A 326 20.31 12.61 -32.35
C MET A 326 18.88 13.10 -32.07
N LEU A 327 18.59 13.46 -30.82
CA LEU A 327 17.23 13.91 -30.48
C LEU A 327 16.87 15.17 -31.24
N LEU A 328 17.85 16.03 -31.50
CA LEU A 328 17.65 17.27 -32.26
C LEU A 328 17.43 17.02 -33.74
N GLY A 329 17.59 15.80 -34.23
CA GLY A 329 17.38 15.50 -35.62
C GLY A 329 18.62 15.39 -36.48
N ASP A 330 19.81 15.47 -35.91
CA ASP A 330 21.03 15.33 -36.70
C ASP A 330 21.16 13.91 -37.24
N SER A 331 21.87 13.76 -38.35
CA SER A 331 21.95 12.45 -38.98
C SER A 331 22.87 11.52 -38.18
N PRO A 332 22.47 10.26 -37.97
CA PRO A 332 23.30 9.36 -37.18
C PRO A 332 24.57 9.00 -37.93
N PRO A 333 25.67 8.78 -37.23
CA PRO A 333 26.88 8.29 -37.90
C PRO A 333 26.64 6.90 -38.46
N SER A 334 27.27 6.63 -39.59
CA SER A 334 27.14 5.33 -40.25
C SER A 334 28.05 4.32 -39.57
N LEU A 335 27.52 3.15 -39.24
CA LEU A 335 28.26 2.12 -38.52
C LEU A 335 28.22 0.81 -39.30
N ASP A 336 29.15 -0.09 -38.96
CA ASP A 336 29.28 -1.36 -39.65
C ASP A 336 28.44 -2.40 -38.90
N HIS A 337 27.26 -2.69 -39.42
CA HIS A 337 26.38 -3.72 -38.86
C HIS A 337 26.86 -5.13 -39.15
N LEU A 338 27.99 -5.27 -39.83
CA LEU A 338 28.50 -6.57 -40.24
C LEU A 338 29.76 -6.98 -39.51
N THR A 339 30.26 -6.17 -38.59
CA THR A 339 31.39 -6.62 -37.76
C THR A 339 30.92 -7.76 -36.86
N PRO A 340 31.66 -8.86 -36.76
CA PRO A 340 31.15 -10.00 -36.00
C PRO A 340 31.20 -9.76 -34.50
N LEU A 341 30.29 -10.44 -33.80
CA LEU A 341 30.19 -10.33 -32.35
C LEU A 341 31.23 -11.19 -31.66
N LYS A 342 31.67 -10.73 -30.49
CA LYS A 342 32.45 -11.61 -29.64
C LYS A 342 31.58 -12.81 -29.27
N THR A 343 32.25 -13.95 -29.10
CA THR A 343 31.55 -15.23 -29.08
C THR A 343 30.51 -15.31 -27.97
N SER A 344 30.84 -14.83 -26.77
CA SER A 344 29.90 -14.95 -25.65
C SER A 344 28.70 -14.04 -25.80
N ALA A 345 28.81 -12.99 -26.61
CA ALA A 345 27.67 -12.08 -26.79
C ALA A 345 26.56 -12.75 -27.61
N THR A 346 26.95 -13.51 -28.63
CA THR A 346 26.00 -14.34 -29.36
C THR A 346 25.30 -15.33 -28.43
N VAL A 347 26.06 -15.96 -27.53
CA VAL A 347 25.47 -16.85 -26.53
C VAL A 347 24.49 -16.10 -25.64
N SER A 348 24.87 -14.91 -25.16
CA SER A 348 23.95 -14.14 -24.33
C SER A 348 22.68 -13.82 -25.10
N ILE A 349 22.80 -13.26 -26.30
CA ILE A 349 21.63 -12.85 -27.08
C ILE A 349 20.73 -14.05 -27.35
N ASN A 350 21.33 -15.21 -27.65
CA ASN A 350 20.52 -16.40 -27.89
C ASN A 350 19.78 -16.84 -26.63
N ASN A 351 20.43 -16.71 -25.47
CA ASN A 351 19.78 -17.10 -24.21
C ASN A 351 18.56 -16.22 -23.91
N VAL A 352 18.66 -14.93 -24.22
CA VAL A 352 17.51 -14.04 -24.03
C VAL A 352 16.41 -14.38 -25.02
N LEU A 353 16.76 -14.69 -26.27
CA LEU A 353 15.74 -15.01 -27.26
C LEU A 353 14.95 -16.25 -26.85
N ARG A 354 15.63 -17.27 -26.32
CA ARG A 354 14.95 -18.46 -25.84
CA ARG A 354 14.95 -18.46 -25.84
C ARG A 354 14.02 -18.13 -24.69
N ALA A 355 14.47 -17.27 -23.78
CA ALA A 355 13.67 -16.95 -22.60
C ALA A 355 12.44 -16.12 -22.94
N HIS A 356 12.53 -15.25 -23.96
CA HIS A 356 11.43 -14.33 -24.23
C HIS A 356 10.60 -14.64 -25.48
N ALA A 357 11.05 -15.57 -26.32
CA ALA A 357 10.21 -16.02 -27.42
C ALA A 357 8.81 -16.44 -26.98
N PRO A 358 8.62 -17.15 -25.86
CA PRO A 358 7.23 -17.48 -25.44
C PRO A 358 6.32 -16.27 -25.27
N PHE A 359 6.87 -15.08 -25.02
CA PHE A 359 6.04 -13.93 -24.69
C PHE A 359 5.89 -12.93 -25.83
N TRP A 360 6.75 -12.97 -26.84
CA TRP A 360 6.78 -11.96 -27.89
C TRP A 360 6.77 -12.66 -29.24
N SER A 361 5.65 -12.50 -29.98
CA SER A 361 5.52 -13.16 -31.28
C SER A 361 6.57 -12.68 -32.27
N SER A 362 7.02 -11.44 -32.11
CA SER A 362 8.03 -10.87 -32.99
C SER A 362 9.36 -11.61 -32.93
N LEU A 363 9.58 -12.42 -31.91
CA LEU A 363 10.79 -13.24 -31.82
C LEU A 363 10.60 -14.63 -32.40
N ARG A 364 9.35 -15.08 -32.54
CA ARG A 364 9.05 -16.44 -32.99
C ARG A 364 9.01 -16.49 -34.51
N PRO B 8 -9.93 16.81 -10.77
CA PRO B 8 -10.94 16.04 -11.50
C PRO B 8 -11.96 16.94 -12.20
N ILE B 9 -11.69 17.30 -13.46
CA ILE B 9 -12.49 18.28 -14.17
C ILE B 9 -13.21 17.61 -15.34
N THR B 10 -14.39 18.14 -15.67
CA THR B 10 -15.16 17.71 -16.82
C THR B 10 -15.12 18.80 -17.88
N GLY B 11 -14.79 18.42 -19.12
CA GLY B 11 -14.74 19.38 -20.20
C GLY B 11 -16.09 19.47 -20.91
N LEU B 12 -16.34 20.62 -21.54
CA LEU B 12 -17.55 20.79 -22.33
C LEU B 12 -17.18 21.55 -23.60
N VAL B 13 -17.55 21.00 -24.75
CA VAL B 13 -17.38 21.71 -26.02
C VAL B 13 -18.76 21.96 -26.63
N TYR B 14 -19.00 23.21 -26.98
CA TYR B 14 -20.20 23.61 -27.70
C TYR B 14 -19.87 24.89 -28.46
N ASP B 15 -20.28 24.93 -29.73
CA ASP B 15 -20.05 26.11 -30.57
C ASP B 15 -21.30 26.34 -31.40
N GLN B 16 -21.92 27.52 -31.23
CA GLN B 16 -23.17 27.78 -31.93
C GLN B 16 -23.01 27.82 -33.45
N ARG B 17 -21.79 27.88 -33.96
CA ARG B 17 -21.59 27.80 -35.42
C ARG B 17 -22.13 26.50 -35.99
N MET B 18 -22.21 25.45 -35.18
CA MET B 18 -22.76 24.19 -35.68
C MET B 18 -24.27 24.27 -35.91
N MET B 19 -24.93 25.37 -35.53
CA MET B 19 -26.34 25.59 -35.85
C MET B 19 -26.59 25.96 -37.30
N LEU B 20 -25.55 26.33 -38.06
CA LEU B 20 -25.79 26.90 -39.39
C LEU B 20 -26.16 25.84 -40.42
N HIS B 21 -25.77 24.59 -40.18
CA HIS B 21 -26.29 23.47 -40.96
C HIS B 21 -27.81 23.37 -40.80
N HIS B 22 -28.54 23.54 -41.91
CA HIS B 22 -29.99 23.57 -41.84
C HIS B 22 -30.59 23.00 -43.11
N ASN B 23 -31.85 22.59 -43.02
CA ASN B 23 -32.60 22.04 -44.15
C ASN B 23 -33.32 23.18 -44.86
N MET B 24 -32.82 23.55 -46.04
CA MET B 24 -33.35 24.71 -46.76
C MET B 24 -34.76 24.49 -47.30
N TRP B 25 -35.21 23.24 -47.40
CA TRP B 25 -36.48 22.97 -48.08
C TRP B 25 -37.56 22.39 -47.17
N ASP B 26 -37.23 22.07 -45.92
CA ASP B 26 -38.24 21.65 -44.93
C ASP B 26 -37.78 22.22 -43.59
N SER B 27 -38.37 23.34 -43.20
CA SER B 27 -37.95 23.99 -41.97
C SER B 27 -38.28 23.17 -40.73
N HIS B 28 -39.14 22.15 -40.85
CA HIS B 28 -39.55 21.35 -39.70
CA HIS B 28 -39.55 21.35 -39.70
C HIS B 28 -38.82 20.01 -39.64
N HIS B 29 -37.80 19.81 -40.46
CA HIS B 29 -37.06 18.57 -40.40
C HIS B 29 -36.53 18.35 -38.98
N PRO B 30 -36.65 17.13 -38.44
CA PRO B 30 -36.36 16.93 -37.00
C PRO B 30 -34.92 17.17 -36.60
N GLU B 31 -33.95 17.11 -37.52
CA GLU B 31 -32.55 17.36 -37.16
C GLU B 31 -32.28 18.86 -37.18
N LEU B 32 -32.84 19.54 -36.17
CA LEU B 32 -32.93 20.99 -36.10
C LEU B 32 -31.65 21.63 -35.57
N PRO B 33 -31.29 22.82 -36.09
CA PRO B 33 -30.23 23.62 -35.43
C PRO B 33 -30.39 23.71 -33.92
N GLN B 34 -31.62 23.92 -33.44
CA GLN B 34 -31.93 24.15 -32.03
C GLN B 34 -31.69 22.93 -31.15
N ARG B 35 -31.37 21.77 -31.74
CA ARG B 35 -31.04 20.60 -30.93
C ARG B 35 -29.84 20.89 -30.03
N ILE B 36 -28.79 21.50 -30.57
CA ILE B 36 -27.62 21.74 -29.73
C ILE B 36 -27.79 22.97 -28.86
N SER B 37 -28.46 24.02 -29.36
CA SER B 37 -28.63 25.22 -28.52
C SER B 37 -29.54 24.94 -27.32
N ARG B 38 -30.58 24.11 -27.50
CA ARG B 38 -31.43 23.78 -26.37
C ARG B 38 -30.66 22.99 -25.31
N ILE B 39 -29.83 22.03 -25.73
CA ILE B 39 -29.03 21.26 -24.78
C ILE B 39 -28.06 22.18 -24.04
N PHE B 40 -27.39 23.05 -24.79
CA PHE B 40 -26.49 24.01 -24.14
C PHE B 40 -27.24 24.89 -23.14
N SER B 41 -28.40 25.43 -23.54
CA SER B 41 -29.15 26.32 -22.65
C SER B 41 -29.55 25.62 -21.37
N ARG B 42 -29.95 24.35 -21.49
CA ARG B 42 -30.31 23.58 -20.31
C ARG B 42 -29.10 23.33 -19.41
N HIS B 43 -27.91 23.22 -20.00
CA HIS B 43 -26.70 23.08 -19.20
C HIS B 43 -26.45 24.35 -18.38
N GLU B 44 -26.69 25.52 -18.98
CA GLU B 44 -26.60 26.77 -18.23
C GLU B 44 -27.69 26.85 -17.16
N GLU B 45 -28.93 26.51 -17.52
CA GLU B 45 -30.05 26.64 -16.57
C GLU B 45 -29.82 25.78 -15.33
N LEU B 46 -29.32 24.57 -15.51
CA LEU B 46 -29.05 23.68 -14.39
C LEU B 46 -27.71 23.96 -13.72
N ARG B 47 -27.01 25.02 -14.12
CA ARG B 47 -25.73 25.45 -13.52
C ARG B 47 -24.63 24.42 -13.72
N LEU B 48 -24.71 23.65 -14.81
CA LEU B 48 -23.70 22.65 -15.11
C LEU B 48 -22.53 23.26 -15.88
N LEU B 49 -22.81 24.24 -16.73
CA LEU B 49 -21.78 24.83 -17.58
C LEU B 49 -20.64 25.41 -16.75
N SER B 50 -20.97 26.17 -15.71
CA SER B 50 -19.91 26.79 -14.90
C SER B 50 -19.07 25.78 -14.14
N ARG B 51 -19.56 24.54 -13.99
CA ARG B 51 -18.79 23.49 -13.35
C ARG B 51 -17.82 22.81 -14.30
N CYS B 52 -17.96 23.02 -15.60
CA CYS B 52 -17.09 22.38 -16.59
C CYS B 52 -15.98 23.33 -17.03
N HIS B 53 -14.91 22.74 -17.56
CA HIS B 53 -13.89 23.50 -18.27
C HIS B 53 -14.26 23.57 -19.73
N ARG B 54 -14.39 24.78 -20.27
CA ARG B 54 -14.84 24.94 -21.66
C ARG B 54 -13.74 24.56 -22.63
N ILE B 55 -14.01 23.57 -23.47
CA ILE B 55 -13.07 23.12 -24.51
C ILE B 55 -13.48 23.79 -25.81
N PRO B 56 -12.58 24.48 -26.49
CA PRO B 56 -12.98 25.16 -27.73
C PRO B 56 -13.16 24.19 -28.89
N ALA B 57 -14.13 24.52 -29.75
CA ALA B 57 -14.30 23.80 -31.00
C ALA B 57 -13.17 24.17 -31.96
N ARG B 58 -12.89 23.27 -32.91
CA ARG B 58 -11.99 23.60 -33.99
C ARG B 58 -12.41 22.80 -35.22
N LEU B 59 -11.91 23.24 -36.38
CA LEU B 59 -12.10 22.47 -37.60
C LEU B 59 -11.22 21.23 -37.58
N ALA B 60 -11.83 20.08 -37.87
CA ALA B 60 -11.04 18.95 -38.34
C ALA B 60 -10.34 19.33 -39.65
N THR B 61 -9.13 18.79 -39.84
CA THR B 61 -8.42 18.99 -41.08
C THR B 61 -8.77 17.87 -42.03
N GLU B 62 -8.50 18.09 -43.32
CA GLU B 62 -8.76 17.05 -44.30
C GLU B 62 -7.91 15.81 -44.02
N GLU B 63 -6.68 16.01 -43.56
CA GLU B 63 -5.84 14.87 -43.19
C GLU B 63 -6.50 14.02 -42.12
N GLU B 64 -7.10 14.66 -41.10
CA GLU B 64 -7.79 13.95 -40.03
C GLU B 64 -9.03 13.21 -40.53
N LEU B 65 -9.77 13.82 -41.45
CA LEU B 65 -10.91 13.13 -42.06
C LEU B 65 -10.47 11.86 -42.76
N ALA B 66 -9.27 11.87 -43.35
CA ALA B 66 -8.81 10.67 -44.04
C ALA B 66 -8.42 9.55 -43.08
N LEU B 67 -8.52 9.75 -41.75
CA LEU B 67 -8.33 8.65 -40.83
C LEU B 67 -9.38 7.56 -41.04
N CYS B 68 -10.58 7.95 -41.44
CA CYS B 68 -11.66 7.03 -41.70
C CYS B 68 -12.33 7.17 -43.06
N HIS B 69 -12.14 8.27 -43.78
CA HIS B 69 -12.93 8.54 -44.96
C HIS B 69 -12.05 8.62 -46.20
N SER B 70 -12.64 8.25 -47.35
CA SER B 70 -11.93 8.23 -48.62
C SER B 70 -11.76 9.64 -49.15
N SER B 71 -10.73 9.82 -49.99
CA SER B 71 -10.52 11.14 -50.60
C SER B 71 -11.72 11.58 -51.43
N LYS B 72 -12.40 10.62 -52.08
CA LYS B 72 -13.52 11.00 -52.97
C LYS B 72 -14.68 11.56 -52.16
N HIS B 73 -15.00 10.92 -51.04
CA HIS B 73 -16.09 11.37 -50.18
C HIS B 73 -15.76 12.70 -49.52
N ILE B 74 -14.54 12.83 -48.97
CA ILE B 74 -14.10 14.09 -48.42
C ILE B 74 -14.21 15.20 -49.46
N SER B 75 -13.76 14.92 -50.70
CA SER B 75 -13.77 15.97 -51.71
CA SER B 75 -13.77 15.95 -51.73
C SER B 75 -15.18 16.41 -52.06
N ILE B 76 -16.14 15.47 -52.13
CA ILE B 76 -17.50 15.80 -52.54
C ILE B 76 -18.20 16.64 -51.47
N ILE B 77 -18.10 16.23 -50.19
CA ILE B 77 -18.74 17.03 -49.14
C ILE B 77 -18.11 18.41 -49.07
N LYS B 78 -16.78 18.48 -49.10
CA LYS B 78 -16.08 19.76 -49.14
C LYS B 78 -16.59 20.66 -50.26
N SER B 79 -16.79 20.09 -51.46
CA SER B 79 -17.24 20.89 -52.60
C SER B 79 -18.60 21.50 -52.36
N SER B 80 -19.43 20.86 -51.51
CA SER B 80 -20.78 21.37 -51.31
C SER B 80 -20.77 22.76 -50.68
N GLU B 81 -19.66 23.15 -50.06
CA GLU B 81 -19.60 24.47 -49.43
C GLU B 81 -19.92 25.59 -50.42
N HIS B 82 -19.50 25.43 -51.68
CA HIS B 82 -19.65 26.49 -52.65
C HIS B 82 -20.76 26.24 -53.66
N MET B 83 -21.75 25.41 -53.32
CA MET B 83 -22.80 25.08 -54.27
C MET B 83 -23.99 25.99 -54.08
N LYS B 84 -24.68 26.24 -55.18
CA LYS B 84 -25.95 26.96 -55.13
C LYS B 84 -27.05 26.03 -54.64
N PRO B 85 -28.18 26.59 -54.19
CA PRO B 85 -29.22 25.76 -53.55
C PRO B 85 -29.70 24.54 -54.33
N ARG B 86 -30.04 24.69 -55.61
CA ARG B 86 -30.61 23.55 -56.31
C ARG B 86 -29.56 22.47 -56.52
N ASP B 87 -28.28 22.86 -56.58
CA ASP B 87 -27.23 21.86 -56.66
C ASP B 87 -27.04 21.17 -55.31
N LEU B 88 -27.24 21.91 -54.21
CA LEU B 88 -27.22 21.28 -52.88
C LEU B 88 -28.34 20.26 -52.74
N ASN B 89 -29.54 20.62 -53.21
CA ASN B 89 -30.67 19.70 -53.18
C ASN B 89 -30.37 18.44 -53.99
N ARG B 90 -29.83 18.62 -55.21
CA ARG B 90 -29.50 17.46 -56.03
C ARG B 90 -28.47 16.57 -55.35
N LEU B 91 -27.43 17.17 -54.77
CA LEU B 91 -26.41 16.35 -54.14
C LEU B 91 -26.98 15.58 -52.95
N GLY B 92 -27.67 16.28 -52.05
CA GLY B 92 -28.21 15.61 -50.86
C GLY B 92 -29.19 14.51 -51.21
N ASP B 93 -29.97 14.71 -52.27
CA ASP B 93 -30.93 13.72 -52.73
C ASP B 93 -30.26 12.45 -53.25
N GLU B 94 -28.95 12.47 -53.51
CA GLU B 94 -28.28 11.26 -53.97
C GLU B 94 -27.92 10.30 -52.83
N TYR B 95 -27.97 10.76 -51.59
CA TYR B 95 -27.71 9.95 -50.43
C TYR B 95 -29.03 9.47 -49.81
N ASN B 96 -28.92 8.48 -48.92
CA ASN B 96 -30.03 8.07 -48.07
C ASN B 96 -30.17 9.06 -46.92
N SER B 97 -31.24 9.86 -46.93
CA SER B 97 -31.65 10.69 -45.80
C SER B 97 -30.60 11.75 -45.42
N ILE B 98 -30.27 12.62 -46.38
CA ILE B 98 -29.35 13.72 -46.15
C ILE B 98 -29.94 15.01 -46.72
N PHE B 99 -29.80 16.11 -45.97
CA PHE B 99 -29.94 17.45 -46.52
C PHE B 99 -28.64 18.21 -46.33
N ILE B 100 -28.32 19.08 -47.29
CA ILE B 100 -27.07 19.85 -47.27
C ILE B 100 -27.38 21.31 -47.51
N SER B 101 -26.75 22.17 -46.72
CA SER B 101 -26.65 23.60 -46.93
C SER B 101 -25.18 23.97 -47.07
N ASN B 102 -24.92 25.25 -47.37
CA ASN B 102 -23.53 25.55 -47.64
CA ASN B 102 -23.57 25.72 -47.62
C ASN B 102 -22.69 25.64 -46.39
N GLU B 103 -23.27 25.46 -45.20
CA GLU B 103 -22.51 25.36 -43.96
C GLU B 103 -22.35 23.92 -43.46
N SER B 104 -22.92 22.94 -44.16
CA SER B 104 -22.90 21.57 -43.64
C SER B 104 -21.48 21.04 -43.52
N TYR B 105 -20.64 21.29 -44.53
CA TYR B 105 -19.24 20.88 -44.46
C TYR B 105 -18.56 21.49 -43.23
N THR B 106 -18.66 22.80 -43.07
CA THR B 106 -18.03 23.45 -41.93
C THR B 106 -18.55 22.87 -40.61
N CYS B 107 -19.86 22.66 -40.50
CA CYS B 107 -20.42 22.15 -39.25
C CYS B 107 -19.95 20.73 -38.95
N ALA B 108 -19.84 19.89 -39.98
CA ALA B 108 -19.32 18.54 -39.80
C ALA B 108 -17.84 18.58 -39.38
N LEU B 109 -17.07 19.49 -39.97
CA LEU B 109 -15.67 19.67 -39.56
C LEU B 109 -15.58 20.07 -38.10
N LEU B 110 -16.47 20.98 -37.66
CA LEU B 110 -16.43 21.47 -36.28
C LEU B 110 -16.86 20.40 -35.29
N ALA B 111 -17.84 19.58 -35.66
CA ALA B 111 -18.24 18.48 -34.77
C ALA B 111 -17.06 17.55 -34.51
N ALA B 112 -16.35 17.16 -35.58
CA ALA B 112 -15.21 16.24 -35.42
C ALA B 112 -14.06 16.91 -34.67
N GLY B 113 -13.74 18.15 -35.05
CA GLY B 113 -12.65 18.85 -34.38
C GLY B 113 -12.92 19.10 -32.91
N SER B 114 -14.17 19.39 -32.58
CA SER B 114 -14.57 19.52 -31.17
C SER B 114 -14.28 18.23 -30.41
N CYS B 115 -14.59 17.08 -31.02
CA CYS B 115 -14.36 15.83 -30.32
C CYS B 115 -12.88 15.50 -30.24
N PHE B 116 -12.10 15.89 -31.26
CA PHE B 116 -10.65 15.71 -31.20
C PHE B 116 -10.06 16.53 -30.04
N ASN B 117 -10.49 17.79 -29.90
CA ASN B 117 -9.95 18.60 -28.82
C ASN B 117 -10.32 18.00 -27.47
N SER B 118 -11.51 17.40 -27.36
CA SER B 118 -11.94 16.79 -26.10
C SER B 118 -11.13 15.53 -25.80
N ALA B 119 -10.97 14.66 -26.78
CA ALA B 119 -10.15 13.46 -26.60
C ALA B 119 -8.73 13.83 -26.22
N GLN B 120 -8.16 14.83 -26.90
CA GLN B 120 -6.81 15.30 -26.57
C GLN B 120 -6.74 15.78 -25.13
N ALA B 121 -7.74 16.55 -24.68
CA ALA B 121 -7.73 17.02 -23.29
C ALA B 121 -7.81 15.85 -22.32
N ILE B 122 -8.59 14.82 -22.67
CA ILE B 122 -8.71 13.66 -21.79
C ILE B 122 -7.39 12.91 -21.72
N LEU B 123 -6.72 12.73 -22.86
CA LEU B 123 -5.55 11.86 -22.91
C LEU B 123 -4.28 12.57 -22.43
N THR B 124 -4.30 13.89 -22.31
CA THR B 124 -3.11 14.61 -21.86
C THR B 124 -3.27 15.19 -20.46
N GLY B 125 -4.18 14.62 -19.66
CA GLY B 125 -4.26 15.03 -18.27
C GLY B 125 -4.90 16.37 -18.02
N GLN B 126 -5.59 16.95 -18.99
CA GLN B 126 -6.21 18.26 -18.78
C GLN B 126 -7.60 18.14 -18.17
N VAL B 127 -8.40 17.15 -18.59
CA VAL B 127 -9.65 16.82 -17.93
C VAL B 127 -9.76 15.30 -17.81
N ARG B 128 -10.65 14.87 -16.91
CA ARG B 128 -10.92 13.45 -16.76
C ARG B 128 -11.90 12.94 -17.81
N ASN B 129 -12.91 13.73 -18.15
CA ASN B 129 -13.97 13.32 -19.07
C ASN B 129 -14.54 14.58 -19.71
N ALA B 130 -15.46 14.41 -20.66
CA ALA B 130 -16.01 15.56 -21.36
C ALA B 130 -17.30 15.20 -22.09
N VAL B 131 -18.08 16.24 -22.39
CA VAL B 131 -19.30 16.13 -23.18
C VAL B 131 -19.17 17.03 -24.40
N ALA B 132 -19.67 16.55 -25.55
CA ALA B 132 -19.54 17.23 -26.84
C ALA B 132 -20.93 17.43 -27.41
N ILE B 133 -21.39 18.68 -27.37
CA ILE B 133 -22.74 19.04 -27.80
C ILE B 133 -22.58 19.49 -29.26
N VAL B 134 -22.70 18.53 -30.18
CA VAL B 134 -22.33 18.76 -31.57
C VAL B 134 -23.42 18.26 -32.51
N ARG B 135 -23.40 18.81 -33.73
CA ARG B 135 -24.21 18.35 -34.85
C ARG B 135 -23.55 18.85 -36.12
N PRO B 136 -23.81 18.21 -37.28
CA PRO B 136 -24.66 17.04 -37.56
C PRO B 136 -24.06 15.77 -36.96
N PRO B 137 -24.89 14.74 -36.77
CA PRO B 137 -24.39 13.51 -36.16
C PRO B 137 -23.42 12.78 -37.07
N GLY B 138 -22.96 11.60 -36.64
CA GLY B 138 -21.88 10.95 -37.35
C GLY B 138 -22.02 9.45 -37.59
N HIS B 139 -22.72 8.71 -36.73
CA HIS B 139 -22.49 7.27 -36.74
C HIS B 139 -23.05 6.55 -37.96
N HIS B 140 -23.90 7.19 -38.79
CA HIS B 140 -24.33 6.52 -40.01
C HIS B 140 -23.38 6.73 -41.17
N ALA B 141 -22.43 7.64 -41.05
CA ALA B 141 -21.52 7.91 -42.15
C ALA B 141 -20.52 6.77 -42.28
N GLU B 142 -20.34 6.33 -43.52
CA GLU B 142 -19.40 5.28 -43.91
C GLU B 142 -18.12 5.90 -44.45
N LYS B 143 -17.12 5.05 -44.65
CA LYS B 143 -15.85 5.49 -45.22
C LYS B 143 -16.05 6.32 -46.49
N ASP B 144 -17.01 5.92 -47.33
CA ASP B 144 -17.13 6.48 -48.67
C ASP B 144 -18.45 7.20 -48.92
N THR B 145 -19.29 7.44 -47.91
CA THR B 145 -20.58 8.04 -48.23
C THR B 145 -21.23 8.63 -46.99
N ALA B 146 -22.13 9.59 -47.23
CA ALA B 146 -22.97 10.17 -46.19
C ALA B 146 -24.26 9.37 -46.08
N CYS B 147 -24.89 9.44 -44.90
CA CYS B 147 -26.15 8.74 -44.73
C CYS B 147 -26.78 9.13 -43.41
N GLY B 148 -28.11 9.16 -43.38
CA GLY B 148 -28.85 9.27 -42.14
C GLY B 148 -28.55 10.49 -41.28
N PHE B 149 -28.43 11.66 -41.89
CA PHE B 149 -28.16 12.96 -41.28
C PHE B 149 -26.66 13.14 -40.98
N CYS B 150 -25.80 12.16 -41.32
CA CYS B 150 -24.39 12.16 -40.96
C CYS B 150 -23.51 12.34 -42.19
N PHE B 151 -22.49 13.19 -42.06
CA PHE B 151 -21.53 13.40 -43.15
C PHE B 151 -20.22 12.67 -42.91
N PHE B 152 -19.63 12.83 -41.73
CA PHE B 152 -18.39 12.15 -41.35
C PHE B 152 -18.63 11.42 -40.04
N ASN B 153 -17.93 10.29 -39.84
CA ASN B 153 -18.16 9.51 -38.63
C ASN B 153 -17.33 10.10 -37.47
N THR B 154 -17.93 11.11 -36.84
CA THR B 154 -17.31 11.82 -35.71
C THR B 154 -16.73 10.87 -34.67
N ALA B 155 -17.53 9.91 -34.17
CA ALA B 155 -17.02 9.02 -33.13
C ALA B 155 -15.89 8.14 -33.65
N ALA B 156 -16.06 7.56 -34.84
CA ALA B 156 -15.01 6.73 -35.42
C ALA B 156 -13.72 7.53 -35.63
N LEU B 157 -13.84 8.76 -36.15
CA LEU B 157 -12.65 9.61 -36.33
C LEU B 157 -11.95 9.86 -35.01
N THR B 158 -12.73 10.17 -33.96
CA THR B 158 -12.15 10.46 -32.65
C THR B 158 -11.38 9.26 -32.11
N ALA B 159 -11.88 8.05 -32.33
CA ALA B 159 -11.13 6.86 -31.93
C ALA B 159 -9.77 6.81 -32.62
N ARG B 160 -9.76 7.01 -33.95
CA ARG B 160 -8.49 7.00 -34.68
C ARG B 160 -7.62 8.19 -34.30
N TYR B 161 -8.22 9.36 -34.10
CA TYR B 161 -7.42 10.51 -33.67
C TYR B 161 -6.74 10.21 -32.34
N ALA B 162 -7.49 9.65 -31.39
CA ALA B 162 -6.93 9.28 -30.09
C ALA B 162 -5.78 8.28 -30.24
N GLN B 163 -5.94 7.28 -31.11
CA GLN B 163 -4.83 6.37 -31.37
C GLN B 163 -3.66 7.09 -32.02
N SER B 164 -3.93 8.09 -32.85
CA SER B 164 -2.85 8.81 -33.53
C SER B 164 -2.00 9.64 -32.57
N ILE B 165 -2.55 10.08 -31.43
CA ILE B 165 -1.78 10.88 -30.50
C ILE B 165 -1.31 10.08 -29.30
N THR B 166 -1.63 8.79 -29.23
CA THR B 166 -1.15 7.93 -28.16
C THR B 166 -0.34 6.78 -28.75
N ARG B 167 -1.00 5.69 -29.11
CA ARG B 167 -0.35 4.62 -29.86
C ARG B 167 -1.39 3.97 -30.75
N GLU B 168 -0.92 3.22 -31.75
CA GLU B 168 -1.84 2.65 -32.72
C GLU B 168 -2.84 1.71 -32.08
N SER B 169 -2.42 0.97 -31.05
CA SER B 169 -3.25 -0.06 -30.45
C SER B 169 -4.01 0.40 -29.20
N LEU B 170 -4.11 1.70 -28.95
CA LEU B 170 -4.91 2.16 -27.81
C LEU B 170 -6.32 1.57 -27.88
N ARG B 171 -6.74 0.91 -26.79
CA ARG B 171 -8.02 0.22 -26.75
C ARG B 171 -9.13 1.24 -26.51
N VAL B 172 -9.95 1.47 -27.53
CA VAL B 172 -11.06 2.41 -27.46
C VAL B 172 -12.36 1.64 -27.49
N LEU B 173 -13.22 1.90 -26.50
CA LEU B 173 -14.57 1.35 -26.48
C LEU B 173 -15.52 2.40 -27.03
N ILE B 174 -16.35 2.02 -27.99
CA ILE B 174 -17.44 2.88 -28.45
C ILE B 174 -18.74 2.21 -28.05
N VAL B 175 -19.49 2.85 -27.13
CA VAL B 175 -20.84 2.43 -26.80
C VAL B 175 -21.80 3.33 -27.56
N ASP B 176 -22.71 2.73 -28.33
CA ASP B 176 -23.60 3.49 -29.20
C ASP B 176 -25.01 3.21 -28.70
N TRP B 177 -25.56 4.13 -27.89
CA TRP B 177 -26.91 3.95 -27.36
C TRP B 177 -27.97 4.79 -28.06
N ASP B 178 -27.60 5.51 -29.13
CA ASP B 178 -28.59 6.01 -30.08
C ASP B 178 -29.54 4.87 -30.47
N VAL B 179 -30.80 5.19 -30.76
CA VAL B 179 -31.77 4.13 -30.99
C VAL B 179 -31.51 3.38 -32.30
N HIS B 180 -30.76 3.98 -33.23
CA HIS B 180 -30.42 3.35 -34.49
C HIS B 180 -29.03 2.72 -34.42
N HIS B 181 -28.82 1.70 -35.24
CA HIS B 181 -27.52 1.08 -35.36
C HIS B 181 -26.55 2.02 -36.06
N GLY B 182 -25.33 2.13 -35.53
CA GLY B 182 -24.31 2.91 -36.18
C GLY B 182 -23.62 2.09 -37.26
N ASN B 183 -24.29 1.91 -38.40
CA ASN B 183 -23.76 1.09 -39.50
C ASN B 183 -22.34 1.51 -39.86
N GLY B 184 -22.09 2.82 -39.94
CA GLY B 184 -20.77 3.28 -40.32
C GLY B 184 -19.71 2.92 -39.31
N THR B 185 -20.01 3.05 -38.02
CA THR B 185 -19.01 2.74 -37.01
C THR B 185 -18.69 1.25 -37.01
N GLN B 186 -19.72 0.40 -37.12
CA GLN B 186 -19.50 -1.03 -37.20
C GLN B 186 -18.55 -1.36 -38.35
N HIS B 187 -18.85 -0.82 -39.53
CA HIS B 187 -18.06 -1.16 -40.71
C HIS B 187 -16.61 -0.68 -40.60
N ILE B 188 -16.42 0.55 -40.14
CA ILE B 188 -15.07 1.11 -40.08
C ILE B 188 -14.16 0.22 -39.22
N PHE B 189 -14.69 -0.30 -38.12
CA PHE B 189 -13.88 -1.05 -37.16
C PHE B 189 -14.14 -2.55 -37.18
N GLU B 190 -14.88 -3.05 -38.16
CA GLU B 190 -15.32 -4.45 -38.15
C GLU B 190 -14.15 -5.43 -38.10
N GLU B 191 -13.02 -5.10 -38.73
CA GLU B 191 -11.86 -5.99 -38.73
C GLU B 191 -10.84 -5.64 -37.67
N ASP B 192 -11.23 -4.79 -36.71
CA ASP B 192 -10.29 -4.15 -35.81
C ASP B 192 -10.52 -4.65 -34.38
N ASP B 193 -9.44 -5.14 -33.74
CA ASP B 193 -9.52 -5.58 -32.36
C ASP B 193 -9.08 -4.51 -31.36
N SER B 194 -8.72 -3.32 -31.84
CA SER B 194 -8.35 -2.23 -30.96
C SER B 194 -9.50 -1.31 -30.63
N VAL B 195 -10.61 -1.41 -31.35
CA VAL B 195 -11.81 -0.60 -31.10
C VAL B 195 -12.97 -1.56 -30.94
N LEU B 196 -13.50 -1.64 -29.71
CA LEU B 196 -14.67 -2.45 -29.41
C LEU B 196 -15.90 -1.60 -29.66
N TYR B 197 -16.77 -2.06 -30.56
CA TYR B 197 -18.00 -1.37 -30.90
C TYR B 197 -19.15 -2.14 -30.26
N ILE B 198 -19.91 -1.48 -29.39
CA ILE B 198 -21.12 -2.06 -28.80
C ILE B 198 -22.30 -1.14 -29.11
N SER B 199 -23.28 -1.64 -29.84
CA SER B 199 -24.46 -0.86 -30.20
C SER B 199 -25.71 -1.55 -29.66
N LEU B 200 -26.62 -0.77 -29.06
CA LEU B 200 -27.96 -1.16 -28.62
C LEU B 200 -28.83 -0.40 -29.63
N HIS B 201 -29.78 -1.06 -30.23
CA HIS B 201 -30.57 -0.40 -31.26
C HIS B 201 -31.89 -1.10 -31.47
N ARG B 202 -32.90 -0.31 -31.80
CA ARG B 202 -34.15 -0.86 -32.33
C ARG B 202 -33.87 -1.45 -33.70
N TYR B 203 -34.30 -2.70 -33.91
CA TYR B 203 -33.94 -3.48 -35.08
C TYR B 203 -35.16 -3.95 -35.86
N GLU B 204 -36.16 -4.49 -35.18
CA GLU B 204 -37.41 -4.98 -35.79
C GLU B 204 -37.12 -5.89 -36.98
N ASP B 205 -36.28 -6.90 -36.75
CA ASP B 205 -35.93 -7.91 -37.76
C ASP B 205 -35.37 -7.29 -39.04
N GLY B 206 -34.62 -6.20 -38.90
CA GLY B 206 -34.04 -5.54 -40.06
C GLY B 206 -34.89 -4.45 -40.68
N ALA B 207 -36.09 -4.19 -40.17
CA ALA B 207 -37.02 -3.24 -40.79
C ALA B 207 -36.81 -1.80 -40.35
N PHE B 208 -36.23 -1.57 -39.19
CA PHE B 208 -35.98 -0.22 -38.70
C PHE B 208 -34.72 0.34 -39.36
N PHE B 209 -34.71 1.66 -39.57
CA PHE B 209 -33.55 2.32 -40.13
C PHE B 209 -32.32 1.98 -39.29
N PRO B 210 -31.16 1.71 -39.90
CA PRO B 210 -30.87 1.84 -41.33
C PRO B 210 -31.14 0.59 -42.20
N ASN B 211 -32.06 -0.28 -41.76
CA ASN B 211 -32.68 -1.29 -42.63
C ASN B 211 -31.70 -2.36 -43.13
N SER B 212 -30.82 -2.85 -42.26
CA SER B 212 -29.84 -3.83 -42.70
C SER B 212 -29.64 -4.90 -41.65
N GLU B 213 -29.53 -6.16 -42.10
CA GLU B 213 -29.24 -7.24 -41.17
C GLU B 213 -27.80 -7.20 -40.66
N ASP B 214 -26.99 -6.25 -41.12
CA ASP B 214 -25.68 -6.01 -40.51
C ASP B 214 -25.79 -5.69 -39.03
N ALA B 215 -26.96 -5.22 -38.59
CA ALA B 215 -27.20 -4.81 -37.21
C ALA B 215 -27.60 -5.97 -36.32
N ASN B 216 -27.73 -7.18 -36.85
CA ASN B 216 -28.25 -8.26 -36.01
C ASN B 216 -27.16 -8.80 -35.09
N TYR B 217 -27.58 -9.56 -34.07
CA TYR B 217 -26.66 -10.00 -33.02
C TYR B 217 -25.54 -10.92 -33.53
N ASP B 218 -25.74 -11.57 -34.68
CA ASP B 218 -24.77 -12.54 -35.16
C ASP B 218 -23.63 -11.90 -35.94
N LYS B 219 -23.61 -10.58 -36.07
CA LYS B 219 -22.50 -9.88 -36.71
C LYS B 219 -21.53 -9.51 -35.59
N VAL B 220 -20.46 -10.30 -35.45
CA VAL B 220 -19.56 -10.26 -34.31
C VAL B 220 -18.19 -9.71 -34.69
N GLY B 221 -18.02 -9.24 -35.92
CA GLY B 221 -16.73 -8.79 -36.40
C GLY B 221 -16.10 -9.80 -37.34
N LEU B 222 -15.03 -9.36 -38.00
CA LEU B 222 -14.39 -10.11 -39.07
C LEU B 222 -12.89 -10.25 -38.81
N GLY B 223 -12.35 -11.42 -39.14
CA GLY B 223 -10.91 -11.66 -38.98
C GLY B 223 -10.43 -11.41 -37.57
N LYS B 224 -9.38 -10.60 -37.44
CA LYS B 224 -8.88 -10.24 -36.11
C LYS B 224 -9.91 -9.50 -35.29
N GLY B 225 -10.91 -8.88 -35.93
CA GLY B 225 -11.95 -8.20 -35.21
C GLY B 225 -13.05 -9.08 -34.67
N ARG B 226 -12.96 -10.40 -34.80
CA ARG B 226 -14.05 -11.27 -34.36
C ARG B 226 -14.21 -11.20 -32.84
N GLY B 227 -15.44 -10.88 -32.41
CA GLY B 227 -15.74 -10.65 -31.02
C GLY B 227 -15.76 -9.19 -30.60
N TYR B 228 -15.19 -8.29 -31.42
CA TYR B 228 -15.08 -6.88 -31.06
C TYR B 228 -16.19 -6.03 -31.67
N ASN B 229 -17.29 -6.67 -32.06
CA ASN B 229 -18.47 -5.99 -32.57
C ASN B 229 -19.67 -6.62 -31.88
N VAL B 230 -20.32 -5.87 -30.98
CA VAL B 230 -21.42 -6.41 -30.19
C VAL B 230 -22.71 -5.65 -30.56
N ASN B 231 -23.61 -6.34 -31.24
CA ASN B 231 -24.89 -5.78 -31.66
C ASN B 231 -25.98 -6.29 -30.74
N ILE B 232 -26.68 -5.38 -30.07
CA ILE B 232 -27.77 -5.72 -29.16
C ILE B 232 -29.06 -5.20 -29.79
N PRO B 233 -29.77 -6.03 -30.55
CA PRO B 233 -30.91 -5.55 -31.34
C PRO B 233 -32.25 -5.82 -30.67
N TRP B 234 -33.09 -4.80 -30.57
CA TRP B 234 -34.42 -4.93 -29.96
C TRP B 234 -35.47 -5.18 -31.04
N ASN B 235 -36.45 -6.02 -30.70
CA ASN B 235 -37.55 -6.39 -31.60
C ASN B 235 -38.85 -6.43 -30.82
N GLY B 236 -39.93 -5.93 -31.43
CA GLY B 236 -41.26 -6.07 -30.89
C GLY B 236 -41.41 -5.74 -29.42
N GLY B 237 -41.14 -4.49 -29.07
CA GLY B 237 -41.30 -4.04 -27.70
C GLY B 237 -40.90 -2.59 -27.55
N LYS B 238 -41.61 -1.86 -26.68
CA LYS B 238 -41.22 -0.50 -26.32
C LYS B 238 -40.21 -0.62 -25.19
N MET B 239 -38.92 -0.52 -25.52
CA MET B 239 -37.88 -0.76 -24.52
C MET B 239 -37.59 0.51 -23.72
N GLY B 240 -37.14 0.31 -22.48
CA GLY B 240 -36.91 1.42 -21.59
C GLY B 240 -35.78 1.17 -20.62
N ASP B 241 -35.80 1.90 -19.50
CA ASP B 241 -34.77 1.73 -18.48
C ASP B 241 -34.51 0.28 -18.07
N PRO B 242 -35.51 -0.58 -17.84
CA PRO B 242 -35.18 -1.95 -17.41
C PRO B 242 -34.36 -2.72 -18.43
N GLU B 243 -34.73 -2.60 -19.70
CA GLU B 243 -34.07 -3.36 -20.75
C GLU B 243 -32.64 -2.87 -20.97
N TYR B 244 -32.42 -1.55 -20.88
CA TYR B 244 -31.07 -1.02 -21.05
C TYR B 244 -30.20 -1.31 -19.83
N MET B 245 -30.75 -1.18 -18.62
CA MET B 245 -30.02 -1.63 -17.43
C MET B 245 -29.61 -3.09 -17.57
N ALA B 246 -30.52 -3.95 -18.03
CA ALA B 246 -30.22 -5.38 -18.09
C ALA B 246 -29.21 -5.69 -19.18
N ALA B 247 -29.32 -5.00 -20.32
CA ALA B 247 -28.30 -5.13 -21.36
C ALA B 247 -26.93 -4.74 -20.83
N PHE B 248 -26.86 -3.70 -20.01
CA PHE B 248 -25.58 -3.31 -19.42
C PHE B 248 -25.09 -4.34 -18.41
N HIS B 249 -26.00 -4.88 -17.59
CA HIS B 249 -25.62 -5.86 -16.59
C HIS B 249 -25.10 -7.15 -17.24
N HIS B 250 -25.80 -7.66 -18.24
CA HIS B 250 -25.45 -8.97 -18.80
C HIS B 250 -24.37 -8.88 -19.89
N LEU B 251 -24.23 -7.74 -20.56
CA LEU B 251 -23.43 -7.73 -21.79
C LEU B 251 -22.43 -6.58 -21.80
N VAL B 252 -22.91 -5.34 -21.78
CA VAL B 252 -22.03 -4.19 -22.03
C VAL B 252 -20.90 -4.14 -21.02
N MET B 253 -21.24 -4.23 -19.73
CA MET B 253 -20.21 -4.04 -18.70
C MET B 253 -19.27 -5.24 -18.55
N PRO B 254 -19.75 -6.49 -18.59
CA PRO B 254 -18.79 -7.61 -18.50
C PRO B 254 -17.82 -7.62 -19.67
N ILE B 255 -18.32 -7.40 -20.89
CA ILE B 255 -17.44 -7.38 -22.05
C ILE B 255 -16.48 -6.21 -21.97
N ALA B 256 -16.98 -5.04 -21.56
CA ALA B 256 -16.13 -3.85 -21.49
C ALA B 256 -15.03 -4.01 -20.45
N ARG B 257 -15.37 -4.59 -19.29
CA ARG B 257 -14.36 -4.78 -18.26
C ARG B 257 -13.27 -5.75 -18.72
N GLU B 258 -13.65 -6.77 -19.50
CA GLU B 258 -12.67 -7.72 -19.99
C GLU B 258 -11.80 -7.08 -21.06
N PHE B 259 -12.39 -6.24 -21.91
CA PHE B 259 -11.63 -5.49 -22.90
C PHE B 259 -10.66 -4.51 -22.25
N ALA B 260 -11.06 -3.92 -21.10
CA ALA B 260 -10.28 -2.94 -20.36
C ALA B 260 -9.95 -1.74 -21.23
N PRO B 261 -10.94 -0.98 -21.70
CA PRO B 261 -10.65 0.16 -22.57
C PRO B 261 -9.81 1.20 -21.86
N GLU B 262 -8.96 1.88 -22.62
CA GLU B 262 -8.17 2.99 -22.13
C GLU B 262 -8.85 4.33 -22.34
N LEU B 263 -9.87 4.36 -23.21
CA LEU B 263 -10.69 5.54 -23.44
C LEU B 263 -12.08 5.04 -23.81
N VAL B 264 -13.13 5.73 -23.36
CA VAL B 264 -14.50 5.36 -23.68
C VAL B 264 -15.15 6.50 -24.44
N LEU B 265 -15.63 6.22 -25.64
CA LEU B 265 -16.47 7.15 -26.38
C LEU B 265 -17.90 6.65 -26.34
N VAL B 266 -18.84 7.60 -26.19
CA VAL B 266 -20.25 7.28 -26.27
C VAL B 266 -20.83 7.98 -27.48
N SER B 267 -21.34 7.19 -28.42
CA SER B 267 -22.19 7.71 -29.49
C SER B 267 -23.54 7.89 -28.82
N ALA B 268 -23.74 9.10 -28.27
CA ALA B 268 -24.85 9.37 -27.37
C ALA B 268 -25.96 10.05 -28.16
N GLY B 269 -26.71 9.23 -28.91
CA GLY B 269 -27.99 9.66 -29.40
C GLY B 269 -29.02 9.55 -28.29
N PHE B 270 -29.96 10.47 -28.27
CA PHE B 270 -31.02 10.45 -27.26
C PHE B 270 -32.38 10.27 -27.91
N ASP B 271 -32.41 9.55 -29.04
CA ASP B 271 -33.67 9.20 -29.69
C ASP B 271 -34.32 7.93 -29.14
N ALA B 272 -33.67 7.21 -28.23
CA ALA B 272 -34.39 6.19 -27.48
C ALA B 272 -35.12 6.78 -26.26
N ALA B 273 -35.13 8.10 -26.12
CA ALA B 273 -35.64 8.76 -24.92
C ALA B 273 -37.16 8.75 -24.89
N ARG B 274 -37.72 8.68 -23.68
CA ARG B 274 -39.13 8.96 -23.49
C ARG B 274 -39.49 10.28 -24.15
N GLY B 275 -40.55 10.27 -24.94
CA GLY B 275 -40.98 11.46 -25.64
C GLY B 275 -40.37 11.70 -27.02
N ASP B 276 -39.39 10.90 -27.45
CA ASP B 276 -38.83 11.14 -28.77
C ASP B 276 -39.92 10.96 -29.82
N PRO B 277 -39.93 11.77 -30.89
CA PRO B 277 -40.99 11.66 -31.90
C PRO B 277 -40.85 10.49 -32.86
N LEU B 278 -39.70 9.81 -32.91
CA LEU B 278 -39.56 8.70 -33.85
C LEU B 278 -38.90 7.44 -33.31
N GLY B 279 -38.25 7.46 -32.14
CA GLY B 279 -37.54 6.26 -31.70
C GLY B 279 -38.46 5.17 -31.17
N GLY B 280 -39.59 5.54 -30.58
CA GLY B 280 -40.54 4.57 -30.08
C GLY B 280 -40.26 4.00 -28.71
N PHE B 281 -39.17 4.44 -28.05
CA PHE B 281 -38.68 3.87 -26.79
C PHE B 281 -38.92 4.85 -25.63
N GLN B 282 -38.40 4.50 -24.44
CA GLN B 282 -38.75 5.30 -23.26
C GLN B 282 -37.67 5.31 -22.19
N VAL B 283 -36.40 5.28 -22.58
CA VAL B 283 -35.32 5.54 -21.63
C VAL B 283 -35.51 6.93 -21.02
N THR B 284 -35.41 7.01 -19.69
CA THR B 284 -35.64 8.27 -18.98
C THR B 284 -34.31 8.99 -18.78
N PRO B 285 -34.36 10.29 -18.43
CA PRO B 285 -33.10 10.98 -18.11
C PRO B 285 -32.31 10.26 -17.03
N GLU B 286 -32.99 9.70 -16.03
CA GLU B 286 -32.31 8.95 -14.98
C GLU B 286 -31.69 7.69 -15.54
N GLY B 287 -32.34 7.07 -16.53
CA GLY B 287 -31.77 5.90 -17.18
C GLY B 287 -30.45 6.21 -17.84
N TYR B 288 -30.42 7.28 -18.63
CA TYR B 288 -29.17 7.71 -19.25
C TYR B 288 -28.10 8.03 -18.21
N ALA B 289 -28.49 8.69 -17.12
CA ALA B 289 -27.55 8.95 -16.03
C ALA B 289 -26.95 7.66 -15.49
N HIS B 290 -27.80 6.68 -15.21
CA HIS B 290 -27.31 5.37 -14.77
C HIS B 290 -26.32 4.80 -15.76
N LEU B 291 -26.67 4.82 -17.06
CA LEU B 291 -25.78 4.23 -18.05
C LEU B 291 -24.44 4.95 -18.09
N THR B 292 -24.47 6.29 -17.97
CA THR B 292 -23.23 7.06 -17.95
C THR B 292 -22.38 6.67 -16.75
N HIS B 293 -22.99 6.62 -15.56
CA HIS B 293 -22.28 6.24 -14.35
C HIS B 293 -21.69 4.84 -14.47
N GLN B 294 -22.35 3.92 -15.17
CA GLN B 294 -21.76 2.59 -15.35
C GLN B 294 -20.48 2.70 -16.18
N LEU B 295 -20.53 3.45 -17.28
CA LEU B 295 -19.35 3.54 -18.14
C LEU B 295 -18.23 4.28 -17.43
N MET B 296 -18.55 5.18 -16.50
CA MET B 296 -17.48 5.89 -15.80
C MET B 296 -16.63 4.96 -14.93
N SER B 297 -17.07 3.72 -14.68
CA SER B 297 -16.20 2.79 -13.97
C SER B 297 -15.14 2.18 -14.87
N LEU B 298 -15.17 2.49 -16.16
CA LEU B 298 -14.18 2.04 -17.13
C LEU B 298 -13.16 3.14 -17.41
N ALA B 299 -11.95 2.73 -17.80
CA ALA B 299 -10.92 3.66 -18.23
C ALA B 299 -10.66 4.77 -17.21
N ALA B 300 -10.79 4.44 -15.92
CA ALA B 300 -10.64 5.41 -14.83
C ALA B 300 -11.55 6.62 -15.03
N GLY B 301 -12.73 6.39 -15.60
CA GLY B 301 -13.65 7.49 -15.84
C GLY B 301 -13.37 8.34 -17.06
N ARG B 302 -12.46 7.93 -17.94
CA ARG B 302 -12.12 8.70 -19.15
C ARG B 302 -13.18 8.43 -20.20
N VAL B 303 -14.25 9.23 -20.15
CA VAL B 303 -15.45 9.04 -20.96
C VAL B 303 -15.70 10.31 -21.76
N LEU B 304 -15.90 10.17 -23.07
CA LEU B 304 -16.25 11.27 -23.95
C LEU B 304 -17.64 11.00 -24.52
N ILE B 305 -18.61 11.84 -24.16
CA ILE B 305 -20.00 11.70 -24.58
C ILE B 305 -20.23 12.60 -25.80
N ILE B 306 -20.51 11.99 -26.95
CA ILE B 306 -20.71 12.70 -28.22
C ILE B 306 -22.19 12.60 -28.61
N LEU B 307 -22.84 13.76 -28.76
CA LEU B 307 -24.21 13.79 -29.25
C LEU B 307 -24.32 13.15 -30.63
N GLU B 308 -25.25 12.19 -30.77
CA GLU B 308 -25.64 11.72 -32.10
C GLU B 308 -27.05 12.24 -32.40
N GLY B 309 -28.06 11.36 -32.44
CA GLY B 309 -29.42 11.77 -32.71
C GLY B 309 -30.21 12.11 -31.46
N GLY B 310 -31.52 12.27 -31.64
CA GLY B 310 -32.45 12.62 -30.57
C GLY B 310 -33.22 13.87 -30.92
N TYR B 311 -34.55 13.79 -30.94
CA TYR B 311 -35.35 14.78 -31.66
C TYR B 311 -36.45 15.43 -30.84
N ASN B 312 -36.64 15.03 -29.59
CA ASN B 312 -37.49 15.79 -28.68
C ASN B 312 -36.59 16.78 -27.96
N LEU B 313 -36.78 18.08 -28.22
CA LEU B 313 -35.85 19.08 -27.71
C LEU B 313 -35.82 19.08 -26.18
N THR B 314 -36.96 18.87 -25.54
CA THR B 314 -36.94 18.75 -24.09
C THR B 314 -36.25 17.46 -23.64
N SER B 315 -36.60 16.33 -24.25
CA SER B 315 -36.02 15.06 -23.83
C SER B 315 -34.51 15.06 -23.93
N ILE B 316 -33.95 15.56 -25.04
CA ILE B 316 -32.51 15.46 -25.21
C ILE B 316 -31.79 16.45 -24.30
N SER B 317 -32.40 17.59 -24.01
CA SER B 317 -31.78 18.56 -23.12
C SER B 317 -31.68 18.01 -21.70
N GLU B 318 -32.77 17.42 -21.21
CA GLU B 318 -32.76 16.79 -19.88
C GLU B 318 -31.80 15.61 -19.84
N SER B 319 -31.84 14.76 -20.85
CA SER B 319 -31.08 13.51 -20.80
C SER B 319 -29.58 13.77 -20.87
N MET B 320 -29.15 14.59 -21.83
CA MET B 320 -27.71 14.84 -21.93
C MET B 320 -27.18 15.59 -20.71
N SER B 321 -27.96 16.55 -20.20
CA SER B 321 -27.56 17.26 -18.99
CA SER B 321 -27.55 17.26 -19.00
C SER B 321 -27.36 16.30 -17.82
N MET B 322 -28.25 15.32 -17.69
CA MET B 322 -28.09 14.33 -16.64
C MET B 322 -26.79 13.54 -16.83
N CYS B 323 -26.42 13.30 -18.09
CA CYS B 323 -25.15 12.62 -18.35
C CYS B 323 -23.97 13.45 -17.88
N THR B 324 -24.00 14.75 -18.22
CA THR B 324 -22.94 15.66 -17.77
C THR B 324 -22.90 15.73 -16.25
N SER B 325 -24.08 15.75 -15.61
CA SER B 325 -24.11 15.66 -14.16
C SER B 325 -23.33 14.45 -13.65
N MET B 326 -23.49 13.28 -14.29
CA MET B 326 -22.77 12.09 -13.84
C MET B 326 -21.26 12.27 -14.04
N LEU B 327 -20.84 12.74 -15.22
CA LEU B 327 -19.43 12.94 -15.51
C LEU B 327 -18.77 13.82 -14.46
N LEU B 328 -19.51 14.80 -13.94
CA LEU B 328 -19.02 15.73 -12.93
C LEU B 328 -18.95 15.13 -11.55
N GLY B 329 -19.47 13.91 -11.36
CA GLY B 329 -19.36 13.24 -10.09
C GLY B 329 -20.60 13.28 -9.24
N ASP B 330 -21.72 13.74 -9.78
CA ASP B 330 -22.94 13.78 -8.99
C ASP B 330 -23.47 12.36 -8.78
N SER B 331 -24.17 12.18 -7.67
CA SER B 331 -24.64 10.85 -7.29
C SER B 331 -25.68 10.34 -8.29
N PRO B 332 -25.54 9.10 -8.77
CA PRO B 332 -26.49 8.60 -9.77
C PRO B 332 -27.85 8.36 -9.14
N PRO B 333 -28.92 8.51 -9.93
CA PRO B 333 -30.26 8.21 -9.40
C PRO B 333 -30.41 6.74 -9.08
N SER B 334 -31.16 6.45 -8.04
CA SER B 334 -31.43 5.09 -7.62
C SER B 334 -32.56 4.53 -8.47
N LEU B 335 -32.30 3.44 -9.20
CA LEU B 335 -33.27 2.84 -10.10
C LEU B 335 -33.62 1.42 -9.63
N ASP B 336 -34.73 0.91 -10.14
CA ASP B 336 -35.21 -0.42 -9.78
C ASP B 336 -34.62 -1.44 -10.77
N HIS B 337 -33.70 -2.27 -10.29
CA HIS B 337 -33.09 -3.30 -11.10
C HIS B 337 -33.93 -4.57 -11.17
N LEU B 338 -35.09 -4.59 -10.53
CA LEU B 338 -35.94 -5.77 -10.47
C LEU B 338 -37.22 -5.65 -11.30
N THR B 339 -37.43 -4.54 -12.01
CA THR B 339 -38.55 -4.44 -12.94
C THR B 339 -38.37 -5.50 -14.03
N PRO B 340 -39.32 -6.41 -14.22
CA PRO B 340 -39.14 -7.46 -15.25
C PRO B 340 -39.05 -6.86 -16.64
N LEU B 341 -38.38 -7.59 -17.54
CA LEU B 341 -38.15 -7.13 -18.90
C LEU B 341 -39.31 -7.47 -19.81
N LYS B 342 -39.50 -6.68 -20.86
CA LYS B 342 -40.34 -7.13 -21.96
C LYS B 342 -39.81 -8.46 -22.46
N THR B 343 -40.72 -9.34 -22.88
CA THR B 343 -40.34 -10.72 -23.17
C THR B 343 -39.35 -10.81 -24.33
N SER B 344 -39.53 -9.97 -25.35
CA SER B 344 -38.59 -9.98 -26.47
C SER B 344 -37.22 -9.44 -26.10
N ALA B 345 -37.12 -8.68 -25.01
CA ALA B 345 -35.82 -8.16 -24.59
C ALA B 345 -34.96 -9.25 -23.99
N THR B 346 -35.58 -10.19 -23.25
CA THR B 346 -34.83 -11.32 -22.74
C THR B 346 -34.32 -12.19 -23.88
N VAL B 347 -35.17 -12.42 -24.88
CA VAL B 347 -34.77 -13.16 -26.08
C VAL B 347 -33.55 -12.49 -26.74
N SER B 348 -33.62 -11.17 -26.94
CA SER B 348 -32.51 -10.47 -27.57
C SER B 348 -31.21 -10.63 -26.77
N ILE B 349 -31.27 -10.39 -25.47
CA ILE B 349 -30.07 -10.47 -24.62
C ILE B 349 -29.50 -11.87 -24.66
N ASN B 350 -30.36 -12.90 -24.61
CA ASN B 350 -29.87 -14.28 -24.65
C ASN B 350 -29.25 -14.59 -26.01
N ASN B 351 -29.79 -14.02 -27.08
CA ASN B 351 -29.20 -14.24 -28.40
C ASN B 351 -27.81 -13.63 -28.50
N VAL B 352 -27.63 -12.44 -27.93
CA VAL B 352 -26.29 -11.84 -27.95
C VAL B 352 -25.35 -12.65 -27.08
N LEU B 353 -25.82 -13.11 -25.91
CA LEU B 353 -24.99 -13.90 -25.01
C LEU B 353 -24.44 -15.13 -25.73
N ARG B 354 -25.31 -15.86 -26.45
CA ARG B 354 -24.85 -17.04 -27.17
C ARG B 354 -23.85 -16.69 -28.27
N ALA B 355 -24.04 -15.55 -28.92
CA ALA B 355 -23.15 -15.16 -30.02
C ALA B 355 -21.76 -14.77 -29.51
N HIS B 356 -21.66 -14.23 -28.30
CA HIS B 356 -20.40 -13.67 -27.81
C HIS B 356 -19.77 -14.45 -26.68
N ALA B 357 -20.44 -15.48 -26.16
CA ALA B 357 -19.83 -16.36 -25.16
C ALA B 357 -18.54 -17.01 -25.65
N PRO B 358 -18.39 -17.41 -26.92
CA PRO B 358 -17.10 -17.96 -27.35
C PRO B 358 -15.97 -16.94 -27.32
N PHE B 359 -16.26 -15.63 -27.31
CA PHE B 359 -15.23 -14.62 -27.41
C PHE B 359 -14.88 -13.97 -26.07
N TRP B 360 -15.79 -13.98 -25.10
CA TRP B 360 -15.60 -13.22 -23.88
C TRP B 360 -15.76 -14.14 -22.69
N SER B 361 -14.65 -14.39 -21.98
CA SER B 361 -14.65 -15.31 -20.86
C SER B 361 -15.54 -14.86 -19.72
N SER B 362 -15.91 -13.57 -19.68
CA SER B 362 -16.66 -13.01 -18.57
C SER B 362 -18.16 -13.30 -18.66
N LEU B 363 -18.66 -13.73 -19.81
CA LEU B 363 -20.10 -13.86 -20.01
C LEU B 363 -20.61 -15.19 -19.44
N ARG B 364 -21.74 -15.11 -18.74
CA ARG B 364 -22.44 -16.29 -18.19
C ARG B 364 -23.82 -16.42 -18.82
N PRO C 8 -10.22 -23.77 26.65
CA PRO C 8 -11.45 -23.88 25.87
C PRO C 8 -12.66 -23.33 26.61
N ILE C 9 -12.59 -22.05 26.99
CA ILE C 9 -13.58 -21.42 27.85
C ILE C 9 -14.15 -20.20 27.13
N THR C 10 -15.46 -20.01 27.26
CA THR C 10 -16.16 -18.86 26.71
C THR C 10 -16.57 -17.94 27.84
N GLY C 11 -16.23 -16.65 27.72
CA GLY C 11 -16.68 -15.69 28.69
C GLY C 11 -18.01 -15.07 28.30
N LEU C 12 -18.72 -14.54 29.30
CA LEU C 12 -19.99 -13.88 29.06
C LEU C 12 -20.11 -12.76 30.07
N VAL C 13 -20.48 -11.57 29.61
CA VAL C 13 -20.71 -10.45 30.50
C VAL C 13 -22.13 -9.92 30.26
N TYR C 14 -22.82 -9.64 31.37
CA TYR C 14 -24.17 -9.09 31.34
C TYR C 14 -24.42 -8.46 32.70
N ASP C 15 -25.00 -7.25 32.70
CA ASP C 15 -25.33 -6.61 33.97
C ASP C 15 -26.66 -5.89 33.83
N GLN C 16 -27.59 -6.19 34.75
CA GLN C 16 -28.95 -5.63 34.66
C GLN C 16 -28.95 -4.12 34.81
N ARG C 17 -27.87 -3.52 35.30
CA ARG C 17 -27.80 -2.07 35.38
C ARG C 17 -27.88 -1.41 34.02
N MET C 18 -27.44 -2.10 32.96
CA MET C 18 -27.54 -1.48 31.65
C MET C 18 -28.98 -1.41 31.15
N MET C 19 -29.94 -2.02 31.86
CA MET C 19 -31.35 -1.82 31.56
CA MET C 19 -31.35 -1.82 31.56
C MET C 19 -31.84 -0.43 31.94
N LEU C 20 -31.05 0.32 32.70
CA LEU C 20 -31.56 1.54 33.32
C LEU C 20 -31.69 2.69 32.34
N HIS C 21 -30.88 2.70 31.28
CA HIS C 21 -31.04 3.62 30.17
C HIS C 21 -32.37 3.35 29.47
N HIS C 22 -33.20 4.37 29.32
CA HIS C 22 -34.50 4.18 28.65
C HIS C 22 -34.99 5.50 28.07
N ASN C 23 -35.95 5.40 27.17
CA ASN C 23 -36.57 6.54 26.50
C ASN C 23 -37.74 6.99 27.36
N MET C 24 -37.57 8.07 28.11
CA MET C 24 -38.64 8.40 29.06
C MET C 24 -39.87 9.00 28.41
N TRP C 25 -39.90 9.21 27.11
CA TRP C 25 -41.09 9.76 26.46
C TRP C 25 -41.76 8.76 25.54
N ASP C 26 -41.28 7.51 25.50
CA ASP C 26 -41.81 6.48 24.62
C ASP C 26 -41.49 5.13 25.26
N SER C 27 -42.49 4.49 25.86
CA SER C 27 -42.24 3.18 26.44
C SER C 27 -42.21 2.07 25.42
N HIS C 28 -42.38 2.38 24.13
CA HIS C 28 -42.33 1.39 23.06
C HIS C 28 -41.18 1.65 22.10
N HIS C 29 -40.21 2.47 22.47
CA HIS C 29 -39.06 2.67 21.61
C HIS C 29 -38.35 1.34 21.38
N PRO C 30 -37.84 1.08 20.17
CA PRO C 30 -37.22 -0.22 19.89
C PRO C 30 -35.96 -0.51 20.70
N GLU C 31 -35.16 0.52 21.02
CA GLU C 31 -33.97 0.33 21.85
C GLU C 31 -34.42 0.27 23.30
N LEU C 32 -35.01 -0.86 23.65
CA LEU C 32 -35.76 -1.21 24.84
C LEU C 32 -34.84 -1.83 25.90
N PRO C 33 -34.99 -1.46 27.17
CA PRO C 33 -34.23 -2.15 28.23
C PRO C 33 -34.30 -3.67 28.15
N GLN C 34 -35.46 -4.23 27.75
CA GLN C 34 -35.67 -5.66 27.72
C GLN C 34 -34.85 -6.36 26.63
N ARG C 35 -34.21 -5.61 25.72
CA ARG C 35 -33.35 -6.24 24.73
C ARG C 35 -32.30 -7.11 25.39
N ILE C 36 -31.63 -6.60 26.43
CA ILE C 36 -30.52 -7.38 26.98
C ILE C 36 -31.01 -8.41 28.00
N SER C 37 -32.08 -8.10 28.76
CA SER C 37 -32.58 -9.10 29.69
C SER C 37 -33.20 -10.29 28.96
N ARG C 38 -33.80 -10.05 27.79
CA ARG C 38 -34.35 -11.16 27.01
C ARG C 38 -33.25 -12.04 26.42
N ILE C 39 -32.17 -11.44 25.92
CA ILE C 39 -31.06 -12.25 25.43
C ILE C 39 -30.46 -13.07 26.57
N PHE C 40 -30.22 -12.42 27.71
CA PHE C 40 -29.68 -13.12 28.87
C PHE C 40 -30.57 -14.28 29.30
N SER C 41 -31.88 -14.04 29.43
CA SER C 41 -32.78 -15.11 29.84
CA SER C 41 -32.79 -15.11 29.84
C SER C 41 -32.76 -16.27 28.86
N ARG C 42 -32.64 -15.98 27.56
CA ARG C 42 -32.60 -17.05 26.58
C ARG C 42 -31.35 -17.89 26.77
N HIS C 43 -30.22 -17.26 27.13
CA HIS C 43 -29.01 -18.01 27.46
C HIS C 43 -29.24 -18.92 28.65
N GLU C 44 -30.02 -18.48 29.63
CA GLU C 44 -30.36 -19.33 30.76
C GLU C 44 -31.24 -20.50 30.32
N GLU C 45 -32.34 -20.21 29.62
CA GLU C 45 -33.24 -21.28 29.16
C GLU C 45 -32.48 -22.33 28.35
N LEU C 46 -31.59 -21.90 27.46
CA LEU C 46 -30.83 -22.83 26.63
C LEU C 46 -29.67 -23.47 27.37
N ARG C 47 -29.53 -23.21 28.68
CA ARG C 47 -28.47 -23.78 29.51
C ARG C 47 -27.09 -23.38 29.04
N LEU C 48 -26.99 -22.27 28.29
CA LEU C 48 -25.70 -21.77 27.82
C LEU C 48 -24.99 -20.96 28.90
N LEU C 49 -25.74 -20.19 29.70
CA LEU C 49 -25.11 -19.35 30.72
C LEU C 49 -24.17 -20.16 31.62
N SER C 50 -24.67 -21.26 32.18
CA SER C 50 -23.87 -22.07 33.09
C SER C 50 -22.67 -22.71 32.43
N ARG C 51 -22.61 -22.73 31.09
CA ARG C 51 -21.44 -23.25 30.40
C ARG C 51 -20.33 -22.21 30.24
N CYS C 52 -20.61 -20.92 30.47
CA CYS C 52 -19.68 -19.82 30.28
C CYS C 52 -19.02 -19.42 31.59
N HIS C 53 -17.88 -18.73 31.46
CA HIS C 53 -17.25 -18.07 32.59
C HIS C 53 -17.79 -16.64 32.68
N ARG C 54 -18.41 -16.32 33.82
CA ARG C 54 -19.06 -15.02 33.99
C ARG C 54 -18.01 -13.92 34.23
N ILE C 55 -17.88 -13.02 33.27
CA ILE C 55 -16.96 -11.89 33.35
C ILE C 55 -17.72 -10.70 33.95
N PRO C 56 -17.21 -10.06 35.00
CA PRO C 56 -17.95 -8.93 35.59
C PRO C 56 -17.90 -7.70 34.70
N ALA C 57 -19.01 -6.96 34.67
CA ALA C 57 -19.02 -5.61 34.12
C ALA C 57 -18.16 -4.69 34.97
N ARG C 58 -17.68 -3.62 34.34
CA ARG C 58 -16.98 -2.57 35.05
C ARG C 58 -17.18 -1.28 34.28
N LEU C 59 -16.92 -0.16 34.94
CA LEU C 59 -17.03 1.14 34.30
C LEU C 59 -15.82 1.44 33.44
N ALA C 60 -16.04 1.94 32.23
CA ALA C 60 -14.93 2.56 31.51
C ALA C 60 -14.51 3.84 32.23
N THR C 61 -13.22 4.15 32.15
CA THR C 61 -12.74 5.43 32.66
C THR C 61 -12.77 6.49 31.56
N GLU C 62 -12.78 7.75 32.00
CA GLU C 62 -12.74 8.84 31.04
C GLU C 62 -11.45 8.82 30.22
N GLU C 63 -10.35 8.35 30.81
CA GLU C 63 -9.12 8.20 30.03
C GLU C 63 -9.29 7.14 28.95
N GLU C 64 -9.99 6.05 29.26
CA GLU C 64 -10.28 5.03 28.26
C GLU C 64 -11.22 5.56 27.18
N LEU C 65 -12.25 6.31 27.58
CA LEU C 65 -13.13 6.91 26.57
C LEU C 65 -12.35 7.79 25.60
N ALA C 66 -11.33 8.49 26.11
CA ALA C 66 -10.49 9.40 25.33
C ALA C 66 -9.59 8.68 24.32
N LEU C 67 -9.48 7.35 24.38
CA LEU C 67 -8.83 6.59 23.31
C LEU C 67 -9.48 6.84 21.96
N CYS C 68 -10.79 7.11 21.95
CA CYS C 68 -11.52 7.33 20.72
C CYS C 68 -12.32 8.62 20.67
N HIS C 69 -12.69 9.20 21.81
CA HIS C 69 -13.60 10.34 21.81
C HIS C 69 -12.91 11.61 22.31
N SER C 70 -13.46 12.74 21.88
CA SER C 70 -12.96 14.05 22.26
C SER C 70 -13.38 14.39 23.69
N SER C 71 -12.61 15.26 24.31
N SER C 71 -12.60 15.26 24.32
CA SER C 71 -12.92 15.72 25.66
CA SER C 71 -12.95 15.69 25.67
C SER C 71 -14.24 16.47 25.69
C SER C 71 -14.25 16.47 25.69
N LYS C 72 -14.56 17.18 24.61
CA LYS C 72 -15.85 17.89 24.52
C LYS C 72 -17.01 16.91 24.50
N HIS C 73 -16.92 15.85 23.69
CA HIS C 73 -18.01 14.90 23.60
C HIS C 73 -18.19 14.14 24.90
N ILE C 74 -17.08 13.72 25.54
CA ILE C 74 -17.20 13.03 26.82
C ILE C 74 -17.85 13.94 27.86
N SER C 75 -17.44 15.21 27.90
CA SER C 75 -17.95 16.08 28.95
CA SER C 75 -17.95 16.10 28.94
C SER C 75 -19.43 16.39 28.75
N ILE C 76 -19.89 16.49 27.50
CA ILE C 76 -21.30 16.78 27.22
C ILE C 76 -22.17 15.60 27.63
N ILE C 77 -21.82 14.38 27.19
CA ILE C 77 -22.60 13.22 27.59
C ILE C 77 -22.56 13.07 29.11
N LYS C 78 -21.38 13.24 29.71
CA LYS C 78 -21.29 13.15 31.16
C LYS C 78 -22.26 14.11 31.85
N SER C 79 -22.31 15.36 31.36
CA SER C 79 -23.15 16.37 31.99
C SER C 79 -24.64 16.05 31.92
N SER C 80 -25.06 15.15 31.01
CA SER C 80 -26.48 14.84 30.93
C SER C 80 -27.02 14.25 32.22
N GLU C 81 -26.18 13.52 32.99
CA GLU C 81 -26.71 12.83 34.17
C GLU C 81 -27.16 13.77 35.26
N HIS C 82 -26.84 15.06 35.19
CA HIS C 82 -27.33 16.03 36.16
C HIS C 82 -28.60 16.73 35.72
N MET C 83 -29.06 16.49 34.49
CA MET C 83 -30.09 17.31 33.87
C MET C 83 -31.50 16.88 34.25
N LYS C 84 -32.41 17.85 34.28
CA LYS C 84 -33.83 17.56 34.42
C LYS C 84 -34.40 17.06 33.09
N PRO C 85 -35.51 16.33 33.14
CA PRO C 85 -36.05 15.73 31.91
C PRO C 85 -36.20 16.71 30.75
N ARG C 86 -36.68 17.94 31.00
CA ARG C 86 -36.84 18.90 29.93
C ARG C 86 -35.51 19.17 29.21
N ASP C 87 -34.43 19.27 29.99
CA ASP C 87 -33.12 19.53 29.39
C ASP C 87 -32.52 18.27 28.76
N LEU C 88 -32.81 17.09 29.33
CA LEU C 88 -32.43 15.85 28.67
C LEU C 88 -33.07 15.76 27.28
N ASN C 89 -34.34 16.11 27.17
CA ASN C 89 -34.99 16.04 25.87
C ASN C 89 -34.36 17.04 24.91
N ARG C 90 -34.12 18.27 25.37
CA ARG C 90 -33.50 19.28 24.52
C ARG C 90 -32.14 18.81 24.03
N LEU C 91 -31.34 18.19 24.91
CA LEU C 91 -30.00 17.76 24.51
C LEU C 91 -30.07 16.63 23.48
N GLY C 92 -30.89 15.60 23.73
CA GLY C 92 -30.97 14.49 22.80
C GLY C 92 -31.47 14.90 21.44
N ASP C 93 -32.34 15.91 21.39
CA ASP C 93 -32.91 16.38 20.13
C ASP C 93 -31.86 16.97 19.21
N GLU C 94 -30.74 17.46 19.77
CA GLU C 94 -29.64 18.00 18.99
C GLU C 94 -28.89 16.95 18.19
N TYR C 95 -28.98 15.69 18.58
CA TYR C 95 -28.34 14.61 17.85
C TYR C 95 -29.33 13.96 16.89
N ASN C 96 -28.77 13.19 15.94
CA ASN C 96 -29.53 12.30 15.09
C ASN C 96 -29.89 11.05 15.89
N SER C 97 -31.18 10.87 16.17
CA SER C 97 -31.74 9.62 16.70
C SER C 97 -31.09 9.22 18.03
N ILE C 98 -31.23 10.09 19.00
CA ILE C 98 -30.73 9.87 20.36
C ILE C 98 -31.81 10.27 21.35
N PHE C 99 -32.09 9.39 22.31
CA PHE C 99 -32.77 9.74 23.55
C PHE C 99 -31.79 9.57 24.70
N ILE C 100 -31.96 10.38 25.73
CA ILE C 100 -31.08 10.38 26.88
C ILE C 100 -31.93 10.42 28.15
N SER C 101 -31.53 9.61 29.14
CA SER C 101 -32.06 9.68 30.50
C SER C 101 -30.88 9.92 31.46
N ASN C 102 -31.19 10.09 32.75
CA ASN C 102 -30.14 10.44 33.70
C ASN C 102 -29.18 9.28 33.93
N GLU C 103 -29.60 8.05 33.61
CA GLU C 103 -28.78 6.86 33.74
C GLU C 103 -27.97 6.55 32.49
N SER C 104 -28.19 7.27 31.38
CA SER C 104 -27.57 6.89 30.11
C SER C 104 -26.06 6.87 30.20
N TYR C 105 -25.46 7.89 30.82
CA TYR C 105 -24.00 7.97 30.85
C TYR C 105 -23.41 6.75 31.54
N THR C 106 -23.93 6.41 32.72
CA THR C 106 -23.44 5.24 33.46
C THR C 106 -23.62 3.95 32.66
N CYS C 107 -24.76 3.79 31.99
CA CYS C 107 -24.94 2.59 31.17
C CYS C 107 -23.91 2.53 30.05
N ALA C 108 -23.61 3.67 29.41
CA ALA C 108 -22.61 3.64 28.34
C ALA C 108 -21.22 3.31 28.88
N LEU C 109 -20.90 3.71 30.11
CA LEU C 109 -19.63 3.35 30.73
C LEU C 109 -19.57 1.85 31.00
N LEU C 110 -20.69 1.27 31.46
CA LEU C 110 -20.73 -0.16 31.75
C LEU C 110 -20.62 -0.99 30.48
N ALA C 111 -21.25 -0.53 29.39
CA ALA C 111 -21.16 -1.27 28.14
C ALA C 111 -19.71 -1.35 27.67
N ALA C 112 -19.03 -0.20 27.62
CA ALA C 112 -17.62 -0.18 27.22
C ALA C 112 -16.77 -0.98 28.19
N GLY C 113 -16.92 -0.69 29.49
CA GLY C 113 -16.10 -1.38 30.48
C GLY C 113 -16.29 -2.89 30.46
N SER C 114 -17.52 -3.35 30.25
CA SER C 114 -17.77 -4.78 30.14
C SER C 114 -16.99 -5.39 28.98
N CYS C 115 -16.86 -4.65 27.89
CA CYS C 115 -16.13 -5.17 26.75
C CYS C 115 -14.63 -5.10 26.96
N PHE C 116 -14.15 -4.09 27.69
CA PHE C 116 -12.73 -4.05 28.04
C PHE C 116 -12.34 -5.27 28.87
N ASN C 117 -13.12 -5.57 29.92
CA ASN C 117 -12.86 -6.75 30.73
C ASN C 117 -12.89 -8.02 29.90
N SER C 118 -13.82 -8.09 28.93
CA SER C 118 -13.90 -9.30 28.09
C SER C 118 -12.68 -9.43 27.20
N ALA C 119 -12.26 -8.32 26.58
CA ALA C 119 -11.05 -8.38 25.76
C ALA C 119 -9.82 -8.71 26.61
N GLN C 120 -9.78 -8.24 27.85
CA GLN C 120 -8.64 -8.54 28.70
C GLN C 120 -8.62 -10.01 29.09
N ALA C 121 -9.79 -10.58 29.39
CA ALA C 121 -9.86 -12.01 29.69
C ALA C 121 -9.40 -12.83 28.50
N ILE C 122 -9.77 -12.42 27.29
CA ILE C 122 -9.31 -13.11 26.09
C ILE C 122 -7.80 -12.97 25.92
N LEU C 123 -7.30 -11.73 26.02
CA LEU C 123 -5.90 -11.49 25.67
C LEU C 123 -4.92 -12.04 26.71
N THR C 124 -5.35 -12.17 27.98
CA THR C 124 -4.53 -12.83 28.98
C THR C 124 -4.68 -14.35 28.98
N GLY C 125 -5.63 -14.88 28.22
CA GLY C 125 -5.85 -16.30 28.18
C GLY C 125 -6.78 -16.84 29.23
N GLN C 126 -7.46 -15.97 29.99
CA GLN C 126 -8.42 -16.48 30.96
C GLN C 126 -9.57 -17.20 30.26
N VAL C 127 -9.99 -16.67 29.10
CA VAL C 127 -10.99 -17.31 28.25
C VAL C 127 -10.43 -17.31 26.83
N ARG C 128 -11.00 -18.18 25.99
CA ARG C 128 -10.64 -18.18 24.57
C ARG C 128 -11.45 -17.14 23.79
N ASN C 129 -12.72 -16.99 24.12
CA ASN C 129 -13.60 -16.09 23.39
C ASN C 129 -14.64 -15.59 24.39
N ALA C 130 -15.53 -14.69 23.93
CA ALA C 130 -16.47 -14.11 24.88
C ALA C 130 -17.62 -13.44 24.13
N VAL C 131 -18.69 -13.22 24.87
CA VAL C 131 -19.88 -12.55 24.36
C VAL C 131 -20.25 -11.47 25.37
N ALA C 132 -20.67 -10.32 24.86
CA ALA C 132 -20.98 -9.15 25.69
C ALA C 132 -22.40 -8.73 25.36
N ILE C 133 -23.30 -8.93 26.32
CA ILE C 133 -24.72 -8.59 26.14
C ILE C 133 -24.90 -7.19 26.72
N VAL C 134 -24.66 -6.17 25.90
CA VAL C 134 -24.55 -4.81 26.39
C VAL C 134 -25.49 -3.87 25.64
N ARG C 135 -25.84 -2.77 26.30
CA ARG C 135 -26.55 -1.64 25.69
C ARG C 135 -26.26 -0.40 26.53
N PRO C 136 -26.39 0.81 25.95
CA PRO C 136 -26.73 1.17 24.57
C PRO C 136 -25.65 0.74 23.58
N PRO C 137 -26.02 0.63 22.29
CA PRO C 137 -25.03 0.26 21.27
C PRO C 137 -23.97 1.33 21.05
N GLY C 138 -23.04 1.08 20.14
CA GLY C 138 -21.92 1.98 20.01
C GLY C 138 -21.45 2.41 18.63
N HIS C 139 -21.71 1.63 17.58
CA HIS C 139 -20.95 1.76 16.34
C HIS C 139 -21.32 2.98 15.49
N HIS C 140 -22.44 3.67 15.75
CA HIS C 140 -22.74 4.94 15.10
C HIS C 140 -22.08 6.12 15.80
N ALA C 141 -21.56 5.92 17.02
CA ALA C 141 -20.96 7.03 17.74
C ALA C 141 -19.63 7.42 17.12
N GLU C 142 -19.42 8.72 16.95
CA GLU C 142 -18.21 9.27 16.37
C GLU C 142 -17.28 9.81 17.46
N LYS C 143 -16.06 10.15 17.04
CA LYS C 143 -15.12 10.80 17.97
C LYS C 143 -15.79 11.93 18.75
N ASP C 144 -16.58 12.77 18.08
CA ASP C 144 -17.06 14.01 18.66
C ASP C 144 -18.58 14.11 18.81
N THR C 145 -19.33 13.03 18.56
CA THR C 145 -20.78 13.19 18.68
C THR C 145 -21.47 11.84 18.83
N ALA C 146 -22.68 11.88 19.37
CA ALA C 146 -23.52 10.70 19.53
C ALA C 146 -24.50 10.61 18.36
N CYS C 147 -24.95 9.39 18.08
CA CYS C 147 -25.79 9.17 16.91
C CYS C 147 -26.42 7.77 16.96
N GLY C 148 -27.65 7.67 16.44
CA GLY C 148 -28.31 6.40 16.25
C GLY C 148 -28.32 5.47 17.43
N PHE C 149 -28.73 5.95 18.60
CA PHE C 149 -28.86 5.23 19.87
C PHE C 149 -27.50 4.99 20.55
N CYS C 150 -26.39 5.49 19.99
CA CYS C 150 -25.05 5.17 20.45
C CYS C 150 -24.40 6.41 21.04
N PHE C 151 -23.75 6.27 22.21
CA PHE C 151 -23.06 7.38 22.86
C PHE C 151 -21.55 7.34 22.68
N PHE C 152 -20.92 6.21 23.01
CA PHE C 152 -19.49 6.01 22.82
C PHE C 152 -19.33 4.76 21.97
N ASN C 153 -18.28 4.72 21.17
CA ASN C 153 -18.13 3.61 20.23
C ASN C 153 -17.46 2.45 20.96
N THR C 154 -18.28 1.58 21.55
CA THR C 154 -17.74 0.51 22.39
C THR C 154 -16.73 -0.38 21.64
N ALA C 155 -17.04 -0.77 20.40
CA ALA C 155 -16.13 -1.66 19.67
C ALA C 155 -14.81 -0.98 19.36
N ALA C 156 -14.89 0.26 18.86
CA ALA C 156 -13.68 1.02 18.58
C ALA C 156 -12.85 1.21 19.84
N LEU C 157 -13.50 1.54 20.96
CA LEU C 157 -12.77 1.68 22.22
C LEU C 157 -12.11 0.36 22.61
N THR C 158 -12.81 -0.77 22.41
CA THR C 158 -12.28 -2.06 22.83
C THR C 158 -11.04 -2.44 22.01
N ALA C 159 -11.03 -2.11 20.71
CA ALA C 159 -9.81 -2.32 19.91
C ALA C 159 -8.65 -1.48 20.46
N ARG C 160 -8.91 -0.22 20.79
CA ARG C 160 -7.82 0.61 21.33
C ARG C 160 -7.42 0.15 22.73
N TYR C 161 -8.38 -0.25 23.55
CA TYR C 161 -8.03 -0.77 24.87
C TYR C 161 -7.18 -2.02 24.74
N ALA C 162 -7.55 -2.91 23.80
CA ALA C 162 -6.76 -4.12 23.56
C ALA C 162 -5.33 -3.77 23.16
N GLN C 163 -5.17 -2.77 22.30
CA GLN C 163 -3.82 -2.37 21.91
C GLN C 163 -3.04 -1.79 23.09
N SER C 164 -3.72 -1.09 24.01
CA SER C 164 -3.03 -0.51 25.15
C SER C 164 -2.53 -1.56 26.14
N ILE C 165 -3.10 -2.77 26.13
CA ILE C 165 -2.65 -3.82 27.06
C ILE C 165 -1.85 -4.90 26.35
N THR C 166 -1.50 -4.70 25.08
CA THR C 166 -0.63 -5.64 24.38
C THR C 166 0.48 -4.84 23.73
N ARG C 167 0.22 -4.30 22.54
CA ARG C 167 1.10 -3.39 21.84
C ARG C 167 0.25 -2.53 20.91
N GLU C 168 0.73 -1.33 20.64
CA GLU C 168 -0.06 -0.37 19.88
C GLU C 168 -0.44 -0.89 18.49
N SER C 169 0.43 -1.68 17.88
CA SER C 169 0.19 -2.19 16.52
C SER C 169 -0.53 -3.53 16.50
N LEU C 170 -1.09 -3.97 17.63
CA LEU C 170 -1.87 -5.20 17.67
C LEU C 170 -2.93 -5.19 16.57
N ARG C 171 -2.97 -6.26 15.79
CA ARG C 171 -3.81 -6.31 14.61
C ARG C 171 -5.21 -6.74 15.03
N VAL C 172 -6.19 -5.83 14.90
CA VAL C 172 -7.56 -6.07 15.31
C VAL C 172 -8.47 -6.00 14.09
N LEU C 173 -9.28 -7.03 13.92
CA LEU C 173 -10.32 -7.04 12.91
C LEU C 173 -11.65 -6.74 13.59
N ILE C 174 -12.37 -5.75 13.06
CA ILE C 174 -13.75 -5.49 13.48
C ILE C 174 -14.68 -5.90 12.34
N VAL C 175 -15.51 -6.90 12.59
CA VAL C 175 -16.54 -7.35 11.65
C VAL C 175 -17.87 -6.86 12.18
N ASP C 176 -18.54 -6.02 11.41
CA ASP C 176 -19.74 -5.33 11.83
C ASP C 176 -20.89 -5.87 10.96
N TRP C 177 -21.68 -6.79 11.51
CA TRP C 177 -22.78 -7.39 10.76
C TRP C 177 -24.14 -6.85 11.16
N ASP C 178 -24.17 -5.81 11.99
CA ASP C 178 -25.37 -5.00 12.14
C ASP C 178 -25.89 -4.61 10.76
N VAL C 179 -27.20 -4.42 10.65
CA VAL C 179 -27.73 -4.13 9.32
C VAL C 179 -27.36 -2.72 8.86
N HIS C 180 -27.01 -1.84 9.79
CA HIS C 180 -26.62 -0.47 9.48
C HIS C 180 -25.10 -0.36 9.40
N HIS C 181 -24.64 0.64 8.66
CA HIS C 181 -23.21 0.90 8.56
C HIS C 181 -22.68 1.51 9.85
N GLY C 182 -21.58 0.98 10.35
CA GLY C 182 -20.96 1.63 11.51
C GLY C 182 -20.13 2.83 11.11
N ASN C 183 -20.81 3.95 10.84
CA ASN C 183 -20.11 5.15 10.39
C ASN C 183 -19.05 5.60 11.38
N GLY C 184 -19.30 5.42 12.69
CA GLY C 184 -18.34 5.86 13.68
C GLY C 184 -17.09 5.01 13.69
N THR C 185 -17.26 3.69 13.60
CA THR C 185 -16.10 2.79 13.56
C THR C 185 -15.25 3.05 12.31
N GLN C 186 -15.90 3.16 11.14
CA GLN C 186 -15.17 3.46 9.92
C GLN C 186 -14.31 4.71 10.07
N HIS C 187 -14.93 5.80 10.52
CA HIS C 187 -14.23 7.09 10.59
C HIS C 187 -13.09 7.05 11.61
N ILE C 188 -13.32 6.42 12.77
CA ILE C 188 -12.30 6.37 13.80
C ILE C 188 -11.03 5.70 13.28
N PHE C 189 -11.17 4.65 12.48
CA PHE C 189 -10.04 3.86 12.03
C PHE C 189 -9.68 4.11 10.57
N GLU C 190 -10.22 5.16 9.95
CA GLU C 190 -10.17 5.26 8.50
C GLU C 190 -8.74 5.40 7.96
N GLU C 191 -7.85 6.02 8.74
CA GLU C 191 -6.45 6.17 8.33
C GLU C 191 -5.53 5.15 9.00
N ASP C 192 -6.07 4.10 9.60
CA ASP C 192 -5.33 3.19 10.47
C ASP C 192 -5.21 1.83 9.79
N ASP C 193 -3.98 1.29 9.72
CA ASP C 193 -3.77 -0.04 9.16
C ASP C 193 -3.60 -1.13 10.23
N SER C 194 -3.75 -0.79 11.51
CA SER C 194 -3.70 -1.79 12.56
C SER C 194 -5.09 -2.33 12.92
N VAL C 195 -6.16 -1.62 12.53
CA VAL C 195 -7.52 -2.06 12.75
C VAL C 195 -8.21 -2.18 11.38
N LEU C 196 -8.56 -3.41 10.99
CA LEU C 196 -9.29 -3.65 9.75
C LEU C 196 -10.78 -3.62 10.04
N TYR C 197 -11.50 -2.72 9.38
CA TYR C 197 -12.94 -2.60 9.58
C TYR C 197 -13.65 -3.22 8.38
N ILE C 198 -14.52 -4.19 8.64
CA ILE C 198 -15.31 -4.82 7.59
C ILE C 198 -16.77 -4.74 8.01
N SER C 199 -17.58 -4.00 7.24
CA SER C 199 -18.99 -3.85 7.54
C SER C 199 -19.83 -4.40 6.38
N LEU C 200 -20.86 -5.17 6.72
CA LEU C 200 -21.92 -5.54 5.80
C LEU C 200 -23.15 -4.73 6.20
N HIS C 201 -23.85 -4.14 5.24
CA HIS C 201 -24.92 -3.27 5.68
C HIS C 201 -25.93 -3.04 4.55
N ARG C 202 -27.17 -2.89 4.94
CA ARG C 202 -28.17 -2.44 3.97
C ARG C 202 -27.86 -1.00 3.60
N TYR C 203 -27.78 -0.74 2.29
CA TYR C 203 -27.31 0.56 1.81
C TYR C 203 -28.36 1.29 0.98
N GLU C 204 -28.98 0.62 0.02
CA GLU C 204 -29.99 1.21 -0.86
C GLU C 204 -29.53 2.55 -1.42
N ASP C 205 -28.37 2.52 -2.08
CA ASP C 205 -27.80 3.68 -2.77
C ASP C 205 -27.75 4.91 -1.86
N GLY C 206 -27.48 4.67 -0.57
CA GLY C 206 -27.32 5.75 0.39
C GLY C 206 -28.59 6.24 1.08
N ALA C 207 -29.74 5.62 0.81
CA ALA C 207 -31.00 6.09 1.36
C ALA C 207 -31.34 5.50 2.73
N PHE C 208 -30.65 4.45 3.15
CA PHE C 208 -30.91 3.77 4.42
C PHE C 208 -30.02 4.36 5.52
N PHE C 209 -30.53 4.35 6.76
CA PHE C 209 -29.78 4.93 7.87
C PHE C 209 -28.41 4.27 7.97
N PRO C 210 -27.32 5.04 8.23
CA PRO C 210 -27.25 6.49 8.53
C PRO C 210 -27.18 7.44 7.33
N ASN C 211 -27.58 7.00 6.14
CA ASN C 211 -27.94 7.91 5.04
C ASN C 211 -26.72 8.61 4.44
N SER C 212 -25.53 8.04 4.55
CA SER C 212 -24.32 8.63 4.01
C SER C 212 -23.70 7.72 2.97
N GLU C 213 -23.21 8.33 1.88
CA GLU C 213 -22.43 7.60 0.88
C GLU C 213 -21.07 7.13 1.40
N ASP C 214 -20.67 7.55 2.61
CA ASP C 214 -19.48 6.99 3.24
C ASP C 214 -19.54 5.48 3.34
N ALA C 215 -20.74 4.90 3.28
CA ALA C 215 -20.93 3.47 3.44
C ALA C 215 -20.77 2.70 2.14
N ASN C 216 -20.46 3.38 1.03
CA ASN C 216 -20.38 2.69 -0.25
C ASN C 216 -19.09 1.88 -0.35
N TYR C 217 -19.07 0.98 -1.35
CA TYR C 217 -17.94 0.06 -1.45
C TYR C 217 -16.64 0.77 -1.83
N ASP C 218 -16.72 1.94 -2.46
CA ASP C 218 -15.51 2.60 -2.92
C ASP C 218 -14.76 3.36 -1.82
N LYS C 219 -15.25 3.33 -0.58
CA LYS C 219 -14.55 4.00 0.51
C LYS C 219 -13.64 2.96 1.15
N VAL C 220 -12.38 2.93 0.71
CA VAL C 220 -11.45 1.84 1.02
C VAL C 220 -10.45 2.22 2.11
N GLY C 221 -10.61 3.37 2.75
CA GLY C 221 -9.65 3.85 3.72
C GLY C 221 -8.84 5.02 3.18
N LEU C 222 -8.07 5.63 4.08
CA LEU C 222 -7.31 6.82 3.74
C LEU C 222 -5.84 6.66 4.14
N GLY C 223 -4.93 7.13 3.29
CA GLY C 223 -3.51 7.13 3.63
C GLY C 223 -2.98 5.72 3.87
N LYS C 224 -2.29 5.54 4.99
CA LYS C 224 -1.81 4.21 5.38
C LYS C 224 -2.96 3.24 5.59
N GLY C 225 -4.18 3.74 5.74
CA GLY C 225 -5.34 2.89 5.89
C GLY C 225 -6.00 2.46 4.62
N ARG C 226 -5.48 2.82 3.45
CA ARG C 226 -6.04 2.33 2.20
C ARG C 226 -6.02 0.80 2.19
N GLY C 227 -7.20 0.21 1.95
CA GLY C 227 -7.39 -1.23 1.95
C GLY C 227 -7.91 -1.80 3.26
N TYR C 228 -7.88 -1.03 4.34
CA TYR C 228 -8.25 -1.53 5.65
C TYR C 228 -9.66 -1.09 6.06
N ASN C 229 -10.45 -0.57 5.12
CA ASN C 229 -11.86 -0.29 5.31
C ASN C 229 -12.64 -0.99 4.19
N VAL C 230 -13.43 -1.99 4.55
CA VAL C 230 -14.11 -2.85 3.56
C VAL C 230 -15.61 -2.72 3.79
N ASN C 231 -16.29 -1.92 2.94
CA ASN C 231 -17.74 -1.77 3.00
C ASN C 231 -18.41 -2.73 2.00
N ILE C 232 -19.32 -3.54 2.50
CA ILE C 232 -20.11 -4.44 1.66
C ILE C 232 -21.55 -3.96 1.67
N PRO C 233 -21.96 -3.09 0.73
CA PRO C 233 -23.30 -2.49 0.80
C PRO C 233 -24.35 -3.28 0.02
N TRP C 234 -25.50 -3.53 0.64
CA TRP C 234 -26.59 -4.27 -0.01
C TRP C 234 -27.62 -3.29 -0.57
N ASN C 235 -28.08 -3.57 -1.80
CA ASN C 235 -29.10 -2.76 -2.46
C ASN C 235 -30.18 -3.65 -3.05
N GLY C 236 -31.43 -3.21 -2.92
CA GLY C 236 -32.52 -3.73 -3.72
C GLY C 236 -32.76 -5.22 -3.61
N GLY C 237 -32.88 -5.70 -2.38
CA GLY C 237 -33.14 -7.10 -2.15
C GLY C 237 -33.17 -7.46 -0.69
N LYS C 238 -33.99 -8.45 -0.36
CA LYS C 238 -34.15 -8.96 1.01
C LYS C 238 -33.04 -9.95 1.29
N MET C 239 -31.91 -9.45 1.78
CA MET C 239 -30.75 -10.32 1.91
C MET C 239 -30.91 -11.29 3.06
N GLY C 240 -30.24 -12.43 2.96
CA GLY C 240 -30.35 -13.46 3.97
C GLY C 240 -29.09 -14.30 4.09
N ASP C 241 -29.24 -15.50 4.66
CA ASP C 241 -28.10 -16.41 4.82
C ASP C 241 -27.27 -16.62 3.55
N PRO C 242 -27.86 -16.86 2.38
CA PRO C 242 -27.00 -17.08 1.20
C PRO C 242 -26.09 -15.91 0.88
N GLU C 243 -26.60 -14.68 0.96
CA GLU C 243 -25.80 -13.52 0.61
C GLU C 243 -24.71 -13.27 1.64
N TYR C 244 -25.05 -13.39 2.93
CA TYR C 244 -24.06 -13.19 3.98
C TYR C 244 -23.00 -14.28 3.96
N MET C 245 -23.41 -15.54 3.71
CA MET C 245 -22.42 -16.61 3.64
C MET C 245 -21.53 -16.46 2.40
N ALA C 246 -22.11 -15.97 1.29
CA ALA C 246 -21.30 -15.68 0.12
C ALA C 246 -20.35 -14.51 0.37
N ALA C 247 -20.79 -13.50 1.12
CA ALA C 247 -19.92 -12.35 1.38
C ALA C 247 -18.72 -12.76 2.23
N PHE C 248 -18.93 -13.67 3.19
CA PHE C 248 -17.82 -14.19 3.97
C PHE C 248 -16.90 -15.04 3.11
N HIS C 249 -17.46 -15.90 2.25
CA HIS C 249 -16.63 -16.77 1.42
C HIS C 249 -15.76 -15.96 0.46
N HIS C 250 -16.35 -15.00 -0.25
CA HIS C 250 -15.63 -14.24 -1.29
C HIS C 250 -14.84 -13.05 -0.77
N LEU C 251 -15.23 -12.47 0.36
CA LEU C 251 -14.64 -11.22 0.80
C LEU C 251 -14.10 -11.25 2.23
N VAL C 252 -14.99 -11.41 3.22
CA VAL C 252 -14.59 -11.24 4.61
C VAL C 252 -13.44 -12.18 4.97
N MET C 253 -13.59 -13.47 4.66
CA MET C 253 -12.64 -14.48 5.12
C MET C 253 -11.31 -14.43 4.39
N PRO C 254 -11.25 -14.29 3.06
CA PRO C 254 -9.93 -14.16 2.41
C PRO C 254 -9.18 -12.90 2.83
N ILE C 255 -9.86 -11.76 2.97
CA ILE C 255 -9.18 -10.55 3.45
C ILE C 255 -8.72 -10.74 4.90
N ALA C 256 -9.62 -11.18 5.78
CA ALA C 256 -9.26 -11.38 7.18
C ALA C 256 -8.11 -12.35 7.34
N ARG C 257 -8.13 -13.45 6.58
CA ARG C 257 -7.05 -14.42 6.68
C ARG C 257 -5.72 -13.81 6.28
N GLU C 258 -5.72 -12.92 5.28
CA GLU C 258 -4.48 -12.29 4.84
C GLU C 258 -4.05 -11.22 5.85
N PHE C 259 -5.01 -10.47 6.38
CA PHE C 259 -4.75 -9.54 7.49
C PHE C 259 -4.11 -10.26 8.67
N ALA C 260 -4.58 -11.47 8.98
CA ALA C 260 -4.06 -12.28 10.09
C ALA C 260 -4.26 -11.55 11.41
N PRO C 261 -5.51 -11.30 11.81
CA PRO C 261 -5.77 -10.56 13.03
C PRO C 261 -5.32 -11.33 14.26
N GLU C 262 -4.96 -10.57 15.31
CA GLU C 262 -4.63 -11.14 16.60
C GLU C 262 -5.80 -11.05 17.57
N LEU C 263 -6.85 -10.35 17.18
CA LEU C 263 -8.08 -10.23 17.95
C LEU C 263 -9.20 -9.90 16.96
N VAL C 264 -10.36 -10.52 17.17
CA VAL C 264 -11.53 -10.30 16.32
C VAL C 264 -12.63 -9.74 17.21
N LEU C 265 -13.12 -8.56 16.88
CA LEU C 265 -14.30 -7.99 17.52
C LEU C 265 -15.45 -8.02 16.53
N VAL C 266 -16.62 -8.42 16.99
CA VAL C 266 -17.82 -8.44 16.16
C VAL C 266 -18.75 -7.38 16.69
N SER C 267 -18.99 -6.35 15.90
CA SER C 267 -20.10 -5.43 16.13
C SER C 267 -21.36 -6.18 15.74
N ALA C 268 -21.89 -6.94 16.68
CA ALA C 268 -22.93 -7.94 16.41
C ALA C 268 -24.30 -7.32 16.69
N GLY C 269 -24.74 -6.47 15.77
CA GLY C 269 -26.14 -6.11 15.74
C GLY C 269 -26.94 -7.24 15.12
N PHE C 270 -28.16 -7.44 15.61
CA PHE C 270 -28.99 -8.52 15.08
C PHE C 270 -30.23 -7.98 14.41
N ASP C 271 -30.12 -6.81 13.78
CA ASP C 271 -31.25 -6.23 13.09
C ASP C 271 -31.38 -6.66 11.63
N ALA C 272 -30.39 -7.35 11.05
CA ALA C 272 -30.62 -8.03 9.78
C ALA C 272 -31.34 -9.37 9.95
N ALA C 273 -31.76 -9.68 11.18
CA ALA C 273 -32.40 -10.94 11.49
C ALA C 273 -33.80 -11.02 10.88
N ARG C 274 -34.15 -12.22 10.42
CA ARG C 274 -35.55 -12.55 10.14
C ARG C 274 -36.43 -12.09 11.30
N GLY C 275 -37.45 -11.28 10.98
CA GLY C 275 -38.40 -10.82 11.97
C GLY C 275 -38.08 -9.49 12.63
N ASP C 276 -36.95 -8.87 12.29
CA ASP C 276 -36.68 -7.54 12.83
C ASP C 276 -37.71 -6.54 12.28
N PRO C 277 -38.20 -5.62 13.12
CA PRO C 277 -39.24 -4.69 12.64
C PRO C 277 -38.71 -3.59 11.75
N LEU C 278 -37.42 -3.38 11.76
CA LEU C 278 -36.90 -2.34 10.88
C LEU C 278 -35.74 -2.64 9.92
N GLY C 279 -35.16 -3.81 10.03
CA GLY C 279 -34.01 -4.11 9.19
C GLY C 279 -34.35 -4.53 7.78
N GLY C 280 -35.44 -5.29 7.62
CA GLY C 280 -35.92 -5.70 6.32
C GLY C 280 -35.23 -6.90 5.70
N PHE C 281 -34.41 -7.62 6.46
CA PHE C 281 -33.59 -8.72 5.97
C PHE C 281 -34.05 -10.02 6.64
N GLN C 282 -33.43 -11.14 6.30
CA GLN C 282 -33.91 -12.43 6.81
C GLN C 282 -32.76 -13.37 7.16
N VAL C 283 -31.69 -12.85 7.77
CA VAL C 283 -30.66 -13.72 8.31
C VAL C 283 -31.25 -14.55 9.46
N THR C 284 -31.01 -15.86 9.44
CA THR C 284 -31.57 -16.75 10.45
C THR C 284 -30.60 -16.91 11.62
N PRO C 285 -31.06 -17.46 12.77
CA PRO C 285 -30.12 -17.76 13.85
C PRO C 285 -29.01 -18.69 13.41
N GLU C 286 -29.34 -19.68 12.59
CA GLU C 286 -28.33 -20.56 12.00
C GLU C 286 -27.35 -19.77 11.14
N GLY C 287 -27.83 -18.79 10.37
CA GLY C 287 -26.93 -17.95 9.60
C GLY C 287 -25.88 -17.27 10.47
N TYR C 288 -26.31 -16.69 11.58
CA TYR C 288 -25.37 -16.00 12.46
C TYR C 288 -24.41 -16.99 13.11
N ALA C 289 -24.90 -18.18 13.44
CA ALA C 289 -24.01 -19.23 13.96
C ALA C 289 -22.90 -19.53 12.98
N HIS C 290 -23.24 -19.67 11.70
CA HIS C 290 -22.25 -19.97 10.68
C HIS C 290 -21.19 -18.87 10.60
N LEU C 291 -21.65 -17.61 10.57
CA LEU C 291 -20.72 -16.48 10.52
C LEU C 291 -19.79 -16.49 11.72
N THR C 292 -20.34 -16.69 12.92
CA THR C 292 -19.50 -16.80 14.12
C THR C 292 -18.47 -17.91 13.95
N HIS C 293 -18.93 -19.09 13.55
CA HIS C 293 -18.02 -20.23 13.43
C HIS C 293 -16.92 -19.96 12.42
N GLN C 294 -17.21 -19.18 11.38
CA GLN C 294 -16.19 -18.80 10.41
C GLN C 294 -15.13 -17.92 11.06
N LEU C 295 -15.55 -16.94 11.86
CA LEU C 295 -14.60 -16.02 12.46
C LEU C 295 -13.75 -16.70 13.51
N MET C 296 -14.25 -17.77 14.12
CA MET C 296 -13.48 -18.52 15.12
C MET C 296 -12.25 -19.20 14.53
N SER C 297 -12.18 -19.33 13.20
CA SER C 297 -10.97 -19.87 12.60
C SER C 297 -9.85 -18.85 12.53
N LEU C 298 -10.11 -17.62 12.98
CA LEU C 298 -9.15 -16.52 12.96
C LEU C 298 -8.57 -16.28 14.35
N ALA C 299 -7.38 -15.68 14.37
CA ALA C 299 -6.84 -15.10 15.59
C ALA C 299 -6.72 -16.13 16.71
N ALA C 300 -6.45 -17.38 16.36
CA ALA C 300 -6.35 -18.46 17.34
C ALA C 300 -7.64 -18.62 18.14
N GLY C 301 -8.77 -18.20 17.58
CA GLY C 301 -10.05 -18.32 18.24
C GLY C 301 -10.45 -17.16 19.12
N ARG C 302 -9.66 -16.08 19.15
CA ARG C 302 -9.87 -14.95 20.05
C ARG C 302 -10.93 -14.02 19.46
N VAL C 303 -12.19 -14.29 19.81
CA VAL C 303 -13.35 -13.61 19.25
C VAL C 303 -14.17 -13.04 20.40
N LEU C 304 -14.50 -11.76 20.30
CA LEU C 304 -15.41 -11.10 21.24
C LEU C 304 -16.61 -10.62 20.44
N ILE C 305 -17.79 -11.11 20.82
CA ILE C 305 -19.06 -10.75 20.18
C ILE C 305 -19.74 -9.69 21.02
N ILE C 306 -20.01 -8.53 20.42
CA ILE C 306 -20.51 -7.34 21.13
C ILE C 306 -21.87 -6.97 20.55
N LEU C 307 -22.91 -6.98 21.38
CA LEU C 307 -24.24 -6.58 20.92
C LEU C 307 -24.25 -5.14 20.44
N GLU C 308 -24.83 -4.91 19.26
CA GLU C 308 -25.13 -3.56 18.81
C GLU C 308 -26.65 -3.43 18.72
N GLY C 309 -27.19 -3.37 17.51
CA GLY C 309 -28.63 -3.23 17.31
C GLY C 309 -29.33 -4.58 17.28
N GLY C 310 -30.60 -4.53 16.85
CA GLY C 310 -31.43 -5.72 16.87
C GLY C 310 -32.65 -5.52 17.75
N TYR C 311 -33.86 -5.59 17.17
CA TYR C 311 -35.03 -5.08 17.87
C TYR C 311 -36.21 -6.03 17.95
N ASN C 312 -36.17 -7.20 17.32
CA ASN C 312 -37.14 -8.25 17.62
C ASN C 312 -36.57 -9.07 18.78
N LEU C 313 -37.23 -8.98 19.94
CA LEU C 313 -36.70 -9.59 21.16
C LEU C 313 -36.48 -11.08 20.98
N THR C 314 -37.45 -11.76 20.38
CA THR C 314 -37.27 -13.19 20.12
C THR C 314 -36.14 -13.42 19.13
N SER C 315 -36.08 -12.63 18.05
CA SER C 315 -35.05 -12.82 17.02
C SER C 315 -33.65 -12.58 17.57
N ILE C 316 -33.47 -11.49 18.33
CA ILE C 316 -32.12 -11.23 18.84
C ILE C 316 -31.76 -12.23 19.92
N SER C 317 -32.73 -12.69 20.71
CA SER C 317 -32.41 -13.66 21.76
C SER C 317 -31.95 -14.97 21.15
N GLU C 318 -32.68 -15.47 20.15
CA GLU C 318 -32.30 -16.71 19.46
C GLU C 318 -30.98 -16.56 18.71
N SER C 319 -30.79 -15.43 18.02
CA SER C 319 -29.59 -15.27 17.19
C SER C 319 -28.33 -15.15 18.05
N MET C 320 -28.32 -14.28 19.05
CA MET C 320 -27.11 -14.13 19.85
C MET C 320 -26.79 -15.41 20.61
N SER C 321 -27.83 -16.11 21.10
CA SER C 321 -27.62 -17.38 21.77
CA SER C 321 -27.60 -17.38 21.78
C SER C 321 -26.93 -18.38 20.86
N MET C 322 -27.36 -18.44 19.60
CA MET C 322 -26.73 -19.35 18.65
C MET C 322 -25.25 -19.03 18.47
N CYS C 323 -24.91 -17.74 18.48
CA CYS C 323 -23.51 -17.35 18.43
C CYS C 323 -22.75 -17.87 19.63
N THR C 324 -23.31 -17.69 20.85
CA THR C 324 -22.62 -18.19 22.03
C THR C 324 -22.43 -19.69 21.96
N SER C 325 -23.44 -20.41 21.48
CA SER C 325 -23.30 -21.85 21.27
C SER C 325 -22.11 -22.17 20.38
N MET C 326 -21.88 -21.36 19.33
CA MET C 326 -20.71 -21.61 18.49
C MET C 326 -19.43 -21.34 19.26
N LEU C 327 -19.38 -20.26 20.04
CA LEU C 327 -18.18 -19.97 20.82
C LEU C 327 -17.85 -21.10 21.78
N LEU C 328 -18.88 -21.74 22.33
CA LEU C 328 -18.70 -22.84 23.27
C LEU C 328 -18.22 -24.11 22.58
N GLY C 329 -18.17 -24.13 21.25
CA GLY C 329 -17.66 -25.26 20.52
C GLY C 329 -18.73 -26.20 19.97
N ASP C 330 -20.00 -25.82 20.03
CA ASP C 330 -21.05 -26.69 19.51
C ASP C 330 -20.96 -26.80 17.98
N SER C 331 -21.52 -27.88 17.44
CA SER C 331 -21.37 -28.17 16.02
C SER C 331 -22.11 -27.12 15.19
N PRO C 332 -21.48 -26.55 14.14
CA PRO C 332 -22.16 -25.51 13.38
C PRO C 332 -23.32 -26.09 12.59
N PRO C 333 -24.33 -25.28 12.29
CA PRO C 333 -25.48 -25.80 11.56
C PRO C 333 -25.16 -25.99 10.09
N SER C 334 -25.83 -26.96 9.48
CA SER C 334 -25.72 -27.15 8.04
C SER C 334 -26.68 -26.21 7.33
N LEU C 335 -26.19 -25.53 6.30
CA LEU C 335 -26.98 -24.57 5.55
C LEU C 335 -26.86 -24.87 4.07
N ASP C 336 -27.73 -24.26 3.28
CA ASP C 336 -27.79 -24.46 1.83
C ASP C 336 -26.83 -23.49 1.16
N HIS C 337 -25.61 -23.96 0.86
CA HIS C 337 -24.60 -23.16 0.17
C HIS C 337 -24.79 -23.15 -1.34
N LEU C 338 -25.83 -23.82 -1.86
CA LEU C 338 -26.10 -23.83 -3.28
C LEU C 338 -27.27 -22.94 -3.66
N THR C 339 -27.91 -22.33 -2.68
CA THR C 339 -28.95 -21.35 -2.95
C THR C 339 -28.36 -20.22 -3.77
N PRO C 340 -28.90 -19.92 -4.95
CA PRO C 340 -28.35 -18.81 -5.74
C PRO C 340 -28.60 -17.47 -5.05
N LEU C 341 -27.63 -16.58 -5.14
CA LEU C 341 -27.77 -15.26 -4.55
C LEU C 341 -28.75 -14.42 -5.34
N LYS C 342 -29.42 -13.51 -4.64
CA LYS C 342 -30.09 -12.43 -5.32
C LYS C 342 -29.10 -11.66 -6.20
N THR C 343 -29.59 -11.21 -7.36
CA THR C 343 -28.69 -10.67 -8.37
C THR C 343 -27.91 -9.47 -7.85
N SER C 344 -28.57 -8.57 -7.10
CA SER C 344 -27.88 -7.37 -6.63
C SER C 344 -26.76 -7.69 -5.65
N ALA C 345 -26.86 -8.81 -4.93
CA ALA C 345 -25.80 -9.20 -4.01
C ALA C 345 -24.55 -9.66 -4.75
N THR C 346 -24.71 -10.34 -5.87
CA THR C 346 -23.54 -10.65 -6.70
C THR C 346 -22.89 -9.37 -7.18
N VAL C 347 -23.70 -8.39 -7.59
CA VAL C 347 -23.20 -7.10 -8.07
C VAL C 347 -22.45 -6.38 -6.96
N SER C 348 -23.01 -6.38 -5.74
CA SER C 348 -22.33 -5.77 -4.61
C SER C 348 -21.01 -6.47 -4.31
N ILE C 349 -21.04 -7.79 -4.20
CA ILE C 349 -19.80 -8.52 -3.90
C ILE C 349 -18.74 -8.21 -4.96
N ASN C 350 -19.15 -8.16 -6.23
CA ASN C 350 -18.19 -7.90 -7.30
C ASN C 350 -17.64 -6.48 -7.26
N ASN C 351 -18.48 -5.50 -6.88
CA ASN C 351 -17.99 -4.13 -6.74
C ASN C 351 -16.95 -4.02 -5.63
N VAL C 352 -17.17 -4.71 -4.50
CA VAL C 352 -16.19 -4.70 -3.42
C VAL C 352 -14.91 -5.38 -3.85
N LEU C 353 -15.03 -6.54 -4.51
CA LEU C 353 -13.86 -7.27 -5.00
C LEU C 353 -13.02 -6.39 -5.91
N ARG C 354 -13.67 -5.63 -6.78
CA ARG C 354 -12.97 -4.76 -7.72
C ARG C 354 -12.25 -3.62 -6.99
N ALA C 355 -12.87 -3.09 -5.94
CA ALA C 355 -12.29 -1.96 -5.22
C ALA C 355 -11.14 -2.38 -4.31
N HIS C 356 -11.10 -3.63 -3.85
CA HIS C 356 -10.09 -4.06 -2.91
C HIS C 356 -9.04 -5.02 -3.48
N ALA C 357 -9.21 -5.51 -4.71
CA ALA C 357 -8.15 -6.30 -5.32
C ALA C 357 -6.79 -5.61 -5.32
N PRO C 358 -6.67 -4.29 -5.55
CA PRO C 358 -5.34 -3.65 -5.52
C PRO C 358 -4.66 -3.76 -4.18
N PHE C 359 -5.39 -4.04 -3.11
CA PHE C 359 -4.82 -4.05 -1.77
C PHE C 359 -4.61 -5.44 -1.19
N TRP C 360 -5.25 -6.46 -1.74
CA TRP C 360 -5.28 -7.78 -1.10
C TRP C 360 -4.97 -8.84 -2.15
N SER C 361 -3.74 -9.38 -2.11
CA SER C 361 -3.37 -10.42 -3.05
C SER C 361 -4.28 -11.64 -2.97
N SER C 362 -5.02 -11.82 -1.86
CA SER C 362 -5.95 -12.93 -1.78
C SER C 362 -7.12 -12.77 -2.73
N LEU C 363 -7.39 -11.55 -3.19
CA LEU C 363 -8.44 -11.28 -4.17
C LEU C 363 -7.91 -11.21 -5.61
N ARG C 364 -6.63 -11.52 -5.83
CA ARG C 364 -6.01 -11.39 -7.14
C ARG C 364 -5.60 -12.75 -7.69
N PRO D 8 10.72 -22.45 17.27
CA PRO D 8 11.94 -23.09 17.78
C PRO D 8 13.20 -22.58 17.08
N ILE D 9 13.26 -21.27 16.88
CA ILE D 9 14.34 -20.61 16.16
C ILE D 9 15.11 -19.73 17.14
N THR D 10 16.44 -19.77 17.06
CA THR D 10 17.31 -18.95 17.88
C THR D 10 17.97 -17.90 17.01
N GLY D 11 17.92 -16.63 17.42
CA GLY D 11 18.57 -15.56 16.70
C GLY D 11 19.99 -15.35 17.19
N LEU D 12 20.86 -14.88 16.31
CA LEU D 12 22.24 -14.55 16.70
C LEU D 12 22.62 -13.25 16.03
N VAL D 13 23.23 -12.33 16.78
CA VAL D 13 23.72 -11.09 16.18
C VAL D 13 25.20 -10.95 16.50
N TYR D 14 25.98 -10.64 15.47
CA TYR D 14 27.40 -10.39 15.59
C TYR D 14 27.78 -9.51 14.40
N ASP D 15 28.62 -8.51 14.66
CA ASP D 15 29.12 -7.63 13.61
C ASP D 15 30.56 -7.28 13.92
N GLN D 16 31.44 -7.50 12.94
CA GLN D 16 32.86 -7.25 13.15
C GLN D 16 33.20 -5.77 13.34
N ARG D 17 32.30 -4.85 12.96
CA ARG D 17 32.56 -3.44 13.24
C ARG D 17 32.71 -3.15 14.73
N MET D 18 32.14 -3.99 15.60
CA MET D 18 32.28 -3.75 17.03
C MET D 18 33.68 -4.06 17.53
N MET D 19 34.52 -4.68 16.69
CA MET D 19 35.94 -4.85 17.03
C MET D 19 36.72 -3.56 16.93
N LEU D 20 36.15 -2.50 16.37
CA LEU D 20 36.96 -1.33 16.06
C LEU D 20 37.32 -0.52 17.31
N HIS D 21 36.49 -0.61 18.35
CA HIS D 21 36.78 -0.02 19.64
C HIS D 21 37.99 -0.72 20.25
N HIS D 22 39.01 0.04 20.62
CA HIS D 22 40.20 -0.58 21.20
C HIS D 22 40.97 0.43 22.04
N ASN D 23 41.87 -0.11 22.88
CA ASN D 23 42.72 0.71 23.74
C ASN D 23 43.95 1.10 22.95
N MET D 24 43.98 2.34 22.49
CA MET D 24 45.07 2.72 21.60
C MET D 24 46.39 2.91 22.32
N TRP D 25 46.42 2.79 23.65
CA TRP D 25 47.68 2.88 24.38
C TRP D 25 48.09 1.55 25.00
N ASP D 26 47.35 0.47 24.73
CA ASP D 26 47.67 -0.84 25.31
C ASP D 26 47.06 -1.90 24.40
N SER D 27 47.91 -2.62 23.67
CA SER D 27 47.42 -3.69 22.82
C SER D 27 47.12 -4.97 23.57
N HIS D 28 47.36 -5.02 24.89
CA HIS D 28 47.10 -6.21 25.69
CA HIS D 28 47.10 -6.21 25.69
C HIS D 28 46.04 -5.93 26.76
N HIS D 29 45.22 -4.91 26.56
CA HIS D 29 44.14 -4.67 27.49
C HIS D 29 43.15 -5.83 27.44
N PRO D 30 42.56 -6.22 28.58
CA PRO D 30 41.69 -7.40 28.57
C PRO D 30 40.42 -7.24 27.75
N GLU D 31 39.84 -6.05 27.68
CA GLU D 31 38.63 -5.81 26.89
C GLU D 31 39.06 -5.62 25.43
N LEU D 32 39.52 -6.72 24.83
CA LEU D 32 40.18 -6.92 23.53
C LEU D 32 39.16 -7.00 22.42
N PRO D 33 39.44 -6.41 21.24
CA PRO D 33 38.55 -6.64 20.08
C PRO D 33 38.31 -8.10 19.80
N GLN D 34 39.33 -8.94 20.00
CA GLN D 34 39.21 -10.36 19.70
C GLN D 34 38.27 -11.10 20.66
N ARG D 35 37.76 -10.46 21.72
CA ARG D 35 36.76 -11.14 22.55
C ARG D 35 35.57 -11.58 21.71
N ILE D 36 35.06 -10.71 20.85
CA ILE D 36 33.84 -11.05 20.14
C ILE D 36 34.13 -11.89 18.90
N SER D 37 35.25 -11.66 18.22
CA SER D 37 35.58 -12.49 17.05
C SER D 37 35.88 -13.94 17.44
N ARG D 38 36.47 -14.17 18.62
CA ARG D 38 36.73 -15.54 19.05
C ARG D 38 35.43 -16.25 19.42
N ILE D 39 34.51 -15.54 20.08
CA ILE D 39 33.22 -16.14 20.42
C ILE D 39 32.48 -16.52 19.15
N PHE D 40 32.46 -15.61 18.17
CA PHE D 40 31.80 -15.88 16.90
C PHE D 40 32.42 -17.09 16.21
N SER D 41 33.77 -17.12 16.14
CA SER D 41 34.44 -18.25 15.48
C SER D 41 34.11 -19.56 16.16
N ARG D 42 33.98 -19.54 17.49
CA ARG D 42 33.68 -20.78 18.18
C ARG D 42 32.28 -21.26 17.83
N HIS D 43 31.34 -20.35 17.61
CA HIS D 43 30.00 -20.74 17.17
C HIS D 43 30.05 -21.43 15.80
N GLU D 44 30.93 -20.95 14.92
CA GLU D 44 31.13 -21.62 13.63
C GLU D 44 31.73 -23.01 13.84
N GLU D 45 32.85 -23.09 14.57
CA GLU D 45 33.54 -24.37 14.77
C GLU D 45 32.61 -25.43 15.34
N LEU D 46 31.79 -25.06 16.32
CA LEU D 46 30.85 -26.00 16.91
C LEU D 46 29.55 -26.15 16.11
N ARG D 47 29.49 -25.63 14.89
CA ARG D 47 28.35 -25.80 13.99
C ARG D 47 27.05 -25.26 14.59
N LEU D 48 27.16 -24.19 15.39
CA LEU D 48 25.98 -23.53 15.95
C LEU D 48 25.49 -22.38 15.10
N LEU D 49 26.42 -21.65 14.47
CA LEU D 49 26.04 -20.48 13.68
C LEU D 49 24.99 -20.82 12.63
N SER D 50 25.24 -21.84 11.82
CA SER D 50 24.33 -22.17 10.73
C SER D 50 22.96 -22.61 11.23
N ARG D 51 22.84 -22.97 12.51
CA ARG D 51 21.53 -23.34 13.05
C ARG D 51 20.74 -22.13 13.52
N CYS D 52 21.32 -20.93 13.48
CA CYS D 52 20.69 -19.74 14.03
C CYS D 52 20.16 -18.87 12.90
N HIS D 53 19.15 -18.07 13.21
CA HIS D 53 18.70 -17.02 12.31
C HIS D 53 19.55 -15.78 12.56
N ARG D 54 20.26 -15.33 11.53
CA ARG D 54 21.21 -14.22 11.69
C ARG D 54 20.43 -12.91 11.78
N ILE D 55 20.49 -12.27 12.95
CA ILE D 55 19.82 -11.00 13.17
C ILE D 55 20.83 -9.91 12.80
N PRO D 56 20.47 -8.91 12.02
CA PRO D 56 21.43 -7.87 11.66
C PRO D 56 21.65 -6.87 12.79
N ALA D 57 22.90 -6.45 12.96
CA ALA D 57 23.17 -5.32 13.84
C ALA D 57 22.55 -4.04 13.26
N ARG D 58 22.29 -3.08 14.14
CA ARG D 58 21.87 -1.75 13.74
C ARG D 58 22.34 -0.75 14.79
N LEU D 59 22.30 0.53 14.42
CA LEU D 59 22.64 1.61 15.34
C LEU D 59 21.46 1.93 16.24
N ALA D 60 21.72 2.07 17.54
CA ALA D 60 20.73 2.70 18.39
C ALA D 60 20.61 4.16 18.01
N THR D 61 19.43 4.72 18.21
CA THR D 61 19.28 6.15 17.99
C THR D 61 19.54 6.88 19.29
N GLU D 62 19.76 8.19 19.19
CA GLU D 62 19.98 8.96 20.40
C GLU D 62 18.71 9.04 21.25
N GLU D 63 17.53 9.04 20.62
CA GLU D 63 16.29 8.94 21.36
C GLU D 63 16.21 7.62 22.15
N GLU D 64 16.71 6.54 21.56
CA GLU D 64 16.74 5.25 22.25
C GLU D 64 17.70 5.29 23.44
N LEU D 65 18.87 5.88 23.23
CA LEU D 65 19.79 6.07 24.36
C LEU D 65 19.16 6.90 25.47
N ALA D 66 18.28 7.86 25.13
CA ALA D 66 17.67 8.69 26.16
C ALA D 66 16.63 7.94 26.98
N LEU D 67 16.30 6.70 26.60
CA LEU D 67 15.47 5.86 27.45
C LEU D 67 16.09 5.64 28.82
N CYS D 68 17.43 5.65 28.90
CA CYS D 68 18.10 5.44 30.19
C CYS D 68 19.16 6.46 30.51
N HIS D 69 19.71 7.17 29.54
CA HIS D 69 20.85 8.04 29.77
C HIS D 69 20.45 9.50 29.63
N SER D 70 21.20 10.35 30.33
CA SER D 70 20.97 11.78 30.26
C SER D 70 21.50 12.32 28.93
N SER D 71 20.93 13.47 28.51
CA SER D 71 21.39 14.10 27.28
C SER D 71 22.86 14.53 27.36
N LYS D 72 23.29 15.03 28.52
CA LYS D 72 24.70 15.43 28.66
C LYS D 72 25.63 14.23 28.52
N HIS D 73 25.29 13.09 29.10
CA HIS D 73 26.15 11.91 28.97
C HIS D 73 26.23 11.47 27.52
N ILE D 74 25.07 11.36 26.86
CA ILE D 74 25.08 10.99 25.44
C ILE D 74 25.94 11.95 24.64
N SER D 75 25.86 13.25 24.94
CA SER D 75 26.56 14.21 24.10
C SER D 75 28.07 14.18 24.34
N ILE D 76 28.51 13.87 25.56
CA ILE D 76 29.95 13.79 25.81
C ILE D 76 30.56 12.59 25.09
N ILE D 77 29.91 11.42 25.20
CA ILE D 77 30.46 10.24 24.55
C ILE D 77 30.41 10.39 23.03
N LYS D 78 29.36 11.04 22.50
CA LYS D 78 29.35 11.33 21.06
C LYS D 78 30.50 12.26 20.69
N SER D 79 30.77 13.27 21.51
CA SER D 79 31.80 14.26 21.17
C SER D 79 33.17 13.61 21.06
N SER D 80 33.39 12.48 21.76
CA SER D 80 34.69 11.84 21.75
C SER D 80 35.13 11.43 20.34
N GLU D 81 34.18 11.14 19.45
CA GLU D 81 34.56 10.59 18.15
C GLU D 81 35.25 11.59 17.23
N HIS D 82 35.21 12.88 17.56
CA HIS D 82 35.90 13.90 16.79
C HIS D 82 37.28 14.22 17.36
N MET D 83 37.65 13.60 18.47
CA MET D 83 38.81 14.01 19.27
C MET D 83 40.10 13.40 18.75
N LYS D 84 41.19 14.16 18.87
CA LYS D 84 42.52 13.62 18.65
C LYS D 84 42.95 12.79 19.85
N PRO D 85 43.94 11.90 19.67
CA PRO D 85 44.30 10.97 20.75
C PRO D 85 44.58 11.60 22.11
N ARG D 86 45.25 12.76 22.16
CA ARG D 86 45.53 13.37 23.46
C ARG D 86 44.23 13.75 24.18
N ASP D 87 43.22 14.22 23.43
CA ASP D 87 41.95 14.56 24.04
C ASP D 87 41.17 13.30 24.42
N LEU D 88 41.23 12.27 23.58
CA LEU D 88 40.63 10.98 23.94
C LEU D 88 41.24 10.43 25.23
N ASN D 89 42.54 10.61 25.41
CA ASN D 89 43.15 10.10 26.63
C ASN D 89 42.67 10.89 27.83
N ARG D 90 42.64 12.22 27.72
CA ARG D 90 42.13 13.04 28.81
C ARG D 90 40.69 12.67 29.16
N LEU D 91 39.84 12.53 28.14
CA LEU D 91 38.41 12.31 28.44
C LEU D 91 38.22 10.98 29.15
N GLY D 92 38.84 9.92 28.63
CA GLY D 92 38.69 8.61 29.24
C GLY D 92 39.24 8.56 30.66
N ASP D 93 40.30 9.33 30.92
CA ASP D 93 40.88 9.39 32.26
C ASP D 93 39.93 10.00 33.28
N GLU D 94 38.91 10.73 32.82
CA GLU D 94 37.92 11.31 33.73
C GLU D 94 36.99 10.27 34.33
N TYR D 95 36.88 9.10 33.71
CA TYR D 95 35.98 8.07 34.21
C TYR D 95 36.76 7.03 35.00
N ASN D 96 36.02 6.16 35.69
CA ASN D 96 36.58 4.99 36.35
C ASN D 96 36.71 3.88 35.30
N SER D 97 37.96 3.51 34.98
CA SER D 97 38.25 2.32 34.17
C SER D 97 37.58 2.38 32.79
N ILE D 98 37.93 3.43 32.03
CA ILE D 98 37.40 3.64 30.69
C ILE D 98 38.56 4.00 29.76
N PHE D 99 38.65 3.31 28.63
CA PHE D 99 39.45 3.81 27.51
C PHE D 99 38.52 4.14 26.35
N ILE D 100 38.89 5.15 25.55
CA ILE D 100 38.06 5.61 24.44
C ILE D 100 38.92 5.74 23.19
N SER D 101 38.39 5.27 22.06
CA SER D 101 38.97 5.52 20.74
C SER D 101 37.93 6.22 19.87
N ASN D 102 38.36 6.72 18.71
CA ASN D 102 37.42 7.48 17.88
CA ASN D 102 37.43 7.47 17.85
C ASN D 102 36.26 6.63 17.38
N GLU D 103 36.39 5.31 17.40
CA GLU D 103 35.31 4.43 16.98
C GLU D 103 34.44 3.96 18.14
N SER D 104 34.73 4.35 19.38
CA SER D 104 34.01 3.80 20.54
C SER D 104 32.51 4.11 20.48
N TYR D 105 32.15 5.36 20.19
CA TYR D 105 30.74 5.74 20.19
C TYR D 105 29.95 4.89 19.20
N THR D 106 30.43 4.77 17.96
CA THR D 106 29.73 3.94 16.98
C THR D 106 29.58 2.50 17.47
N CYS D 107 30.63 1.94 18.08
CA CYS D 107 30.53 0.57 18.55
C CYS D 107 29.50 0.43 19.66
N ALA D 108 29.47 1.38 20.59
CA ALA D 108 28.45 1.35 21.63
C ALA D 108 27.05 1.39 21.02
N LEU D 109 26.88 2.23 20.00
CA LEU D 109 25.57 2.33 19.34
C LEU D 109 25.17 1.00 18.71
N LEU D 110 26.13 0.33 18.06
CA LEU D 110 25.87 -0.96 17.44
C LEU D 110 25.62 -2.04 18.47
N ALA D 111 26.30 -1.99 19.62
CA ALA D 111 26.05 -2.98 20.66
C ALA D 111 24.60 -2.91 21.13
N ALA D 112 24.12 -1.70 21.41
CA ALA D 112 22.76 -1.54 21.87
C ALA D 112 21.76 -1.84 20.76
N GLY D 113 21.97 -1.28 19.57
CA GLY D 113 21.02 -1.50 18.49
C GLY D 113 20.88 -2.97 18.14
N SER D 114 21.99 -3.73 18.27
CA SER D 114 21.97 -5.18 18.04
C SER D 114 21.05 -5.85 19.04
N CYS D 115 21.09 -5.39 20.28
CA CYS D 115 20.24 -6.00 21.29
C CYS D 115 18.79 -5.63 21.06
N PHE D 116 18.54 -4.38 20.65
CA PHE D 116 17.18 -3.95 20.30
C PHE D 116 16.60 -4.82 19.18
N ASN D 117 17.37 -5.05 18.11
CA ASN D 117 16.86 -5.90 17.03
C ASN D 117 16.59 -7.32 17.52
N SER D 118 17.40 -7.83 18.44
CA SER D 118 17.18 -9.16 18.99
C SER D 118 15.93 -9.20 19.86
N ALA D 119 15.72 -8.19 20.73
CA ALA D 119 14.49 -8.16 21.53
C ALA D 119 13.26 -7.98 20.65
N GLN D 120 13.37 -7.18 19.59
CA GLN D 120 12.26 -7.05 18.65
C GLN D 120 11.96 -8.39 17.98
N ALA D 121 13.00 -9.11 17.54
CA ALA D 121 12.77 -10.41 16.91
C ALA D 121 12.12 -11.38 17.88
N ILE D 122 12.53 -11.35 19.14
CA ILE D 122 11.92 -12.22 20.13
C ILE D 122 10.46 -11.84 20.37
N LEU D 123 10.21 -10.53 20.54
CA LEU D 123 8.88 -10.11 20.99
C LEU D 123 7.84 -10.14 19.89
N THR D 124 8.26 -10.08 18.61
CA THR D 124 7.37 -10.23 17.47
C THR D 124 7.23 -11.67 17.01
N GLY D 125 7.91 -12.61 17.64
CA GLY D 125 7.76 -14.01 17.30
C GLY D 125 8.62 -14.50 16.14
N GLN D 126 9.50 -13.65 15.62
CA GLN D 126 10.38 -14.10 14.55
C GLN D 126 11.36 -15.16 15.04
N VAL D 127 11.81 -15.07 16.29
CA VAL D 127 12.61 -16.10 16.94
C VAL D 127 12.07 -16.33 18.34
N ARG D 128 12.42 -17.47 18.92
CA ARG D 128 12.08 -17.79 20.29
C ARG D 128 13.01 -17.09 21.27
N ASN D 129 14.31 -17.14 21.00
CA ASN D 129 15.32 -16.61 21.89
C ASN D 129 16.48 -16.11 21.01
N ALA D 130 17.51 -15.56 21.65
CA ALA D 130 18.56 -14.95 20.85
C ALA D 130 19.81 -14.76 21.70
N VAL D 131 20.93 -14.64 21.01
CA VAL D 131 22.23 -14.41 21.63
CA VAL D 131 22.24 -14.43 21.62
C VAL D 131 22.87 -13.24 20.90
N ALA D 132 23.52 -12.35 21.66
CA ALA D 132 24.08 -11.12 21.13
C ALA D 132 25.53 -11.03 21.55
N ILE D 133 26.43 -11.17 20.57
CA ILE D 133 27.88 -11.18 20.80
C ILE D 133 28.35 -9.76 20.54
N VAL D 134 28.27 -8.90 21.56
CA VAL D 134 28.45 -7.46 21.41
C VAL D 134 29.53 -6.95 22.38
N ARG D 135 30.12 -5.83 21.99
CA ARG D 135 31.01 -5.05 22.85
C ARG D 135 31.05 -3.64 22.30
N PRO D 136 31.37 -2.64 23.13
CA PRO D 136 31.77 -2.68 24.54
C PRO D 136 30.61 -3.12 25.44
N PRO D 137 30.92 -3.59 26.64
CA PRO D 137 29.85 -4.04 27.55
C PRO D 137 29.04 -2.87 28.09
N GLY D 138 28.07 -3.18 28.96
CA GLY D 138 27.10 -2.16 29.33
C GLY D 138 26.75 -1.97 30.80
N HIS D 139 26.85 -3.01 31.63
CA HIS D 139 26.10 -2.94 32.89
C HIS D 139 26.76 -2.06 33.96
N HIS D 140 27.96 -1.54 33.75
CA HIS D 140 28.49 -0.56 34.69
C HIS D 140 28.08 0.86 34.36
N ALA D 141 27.57 1.11 33.15
CA ALA D 141 27.20 2.46 32.73
C ALA D 141 25.97 2.93 33.48
N GLU D 142 26.03 4.16 33.98
CA GLU D 142 24.95 4.79 34.74
C GLU D 142 24.17 5.75 33.84
N LYS D 143 23.07 6.29 34.38
CA LYS D 143 22.33 7.29 33.62
C LYS D 143 23.26 8.38 33.10
N ASP D 144 24.17 8.86 33.95
CA ASP D 144 24.94 10.06 33.65
C ASP D 144 26.43 9.84 33.48
N THR D 145 26.91 8.59 33.50
CA THR D 145 28.35 8.43 33.31
C THR D 145 28.69 7.05 32.78
N ALA D 146 29.87 6.96 32.18
CA ALA D 146 30.47 5.70 31.73
C ALA D 146 31.36 5.16 32.82
N CYS D 147 31.55 3.85 32.81
CA CYS D 147 32.32 3.24 33.89
C CYS D 147 32.65 1.79 33.52
N GLY D 148 33.82 1.34 33.95
CA GLY D 148 34.18 -0.07 33.89
C GLY D 148 34.02 -0.69 32.52
N PHE D 149 34.63 -0.05 31.51
CA PHE D 149 34.65 -0.49 30.12
C PHE D 149 33.31 -0.25 29.42
N CYS D 150 32.31 0.32 30.09
CA CYS D 150 30.93 0.44 29.58
C CYS D 150 30.57 1.90 29.33
N PHE D 151 29.96 2.18 28.19
CA PHE D 151 29.54 3.52 27.82
C PHE D 151 28.03 3.75 27.99
N PHE D 152 27.21 2.90 27.39
CA PHE D 152 25.77 2.96 27.59
C PHE D 152 25.31 1.61 28.12
N ASN D 153 24.25 1.62 28.93
CA ASN D 153 23.83 0.38 29.57
C ASN D 153 22.95 -0.41 28.61
N THR D 154 23.60 -1.31 27.86
CA THR D 154 22.93 -2.02 26.77
C THR D 154 21.74 -2.85 27.28
N ALA D 155 21.93 -3.61 28.35
CA ALA D 155 20.82 -4.40 28.90
C ALA D 155 19.68 -3.50 29.39
N ALA D 156 20.01 -2.46 30.16
CA ALA D 156 18.95 -1.59 30.65
C ALA D 156 18.17 -0.94 29.50
N LEU D 157 18.90 -0.44 28.49
CA LEU D 157 18.22 0.15 27.33
C LEU D 157 17.32 -0.88 26.65
N THR D 158 17.79 -2.12 26.56
CA THR D 158 17.01 -3.15 25.88
C THR D 158 15.70 -3.42 26.63
N ALA D 159 15.74 -3.37 27.97
CA ALA D 159 14.50 -3.53 28.73
C ALA D 159 13.54 -2.38 28.45
N ARG D 160 14.05 -1.14 28.44
CA ARG D 160 13.18 0.00 28.14
C ARG D 160 12.73 -0.03 26.67
N TYR D 161 13.62 -0.44 25.77
CA TYR D 161 13.21 -0.58 24.38
C TYR D 161 12.08 -1.58 24.24
N ALA D 162 12.22 -2.73 24.90
CA ALA D 162 11.17 -3.76 24.81
C ALA D 162 9.83 -3.21 25.30
N GLN D 163 9.85 -2.45 26.41
CA GLN D 163 8.62 -1.83 26.87
C GLN D 163 8.09 -0.82 25.85
N SER D 164 8.99 -0.14 25.12
CA SER D 164 8.54 0.88 24.18
C SER D 164 7.80 0.28 22.99
N ILE D 165 8.09 -0.97 22.61
CA ILE D 165 7.45 -1.58 21.46
C ILE D 165 6.36 -2.58 21.89
N THR D 166 6.03 -2.62 23.17
CA THR D 166 4.92 -3.42 23.64
C THR D 166 4.03 -2.52 24.51
N ARG D 167 4.21 -2.59 25.82
CA ARG D 167 3.49 -1.71 26.73
C ARG D 167 4.43 -1.35 27.89
N GLU D 168 4.18 -0.18 28.49
CA GLU D 168 5.08 0.34 29.51
C GLU D 168 5.30 -0.66 30.65
N SER D 169 4.29 -1.47 30.97
CA SER D 169 4.31 -2.37 32.11
C SER D 169 4.77 -3.78 31.76
N LEU D 170 5.28 -3.99 30.54
CA LEU D 170 5.87 -5.28 30.20
C LEU D 170 6.89 -5.70 31.26
N ARG D 171 6.76 -6.91 31.78
CA ARG D 171 7.61 -7.35 32.89
C ARG D 171 8.90 -7.94 32.35
N VAL D 172 10.04 -7.33 32.73
CA VAL D 172 11.33 -7.73 32.21
C VAL D 172 12.19 -8.21 33.38
N LEU D 173 12.76 -9.40 33.23
CA LEU D 173 13.75 -9.90 34.19
C LEU D 173 15.13 -9.70 33.59
N ILE D 174 16.03 -9.10 34.37
CA ILE D 174 17.45 -9.05 34.02
C ILE D 174 18.20 -9.89 35.05
N VAL D 175 18.71 -11.04 34.60
CA VAL D 175 19.67 -11.83 35.37
C VAL D 175 21.07 -11.42 34.93
N ASP D 176 21.90 -10.97 35.86
CA ASP D 176 23.24 -10.50 35.56
C ASP D 176 24.23 -11.45 36.22
N TRP D 177 24.81 -12.38 35.43
CA TRP D 177 25.75 -13.35 35.99
C TRP D 177 27.21 -13.02 35.69
N ASP D 178 27.48 -11.84 35.14
CA ASP D 178 28.83 -11.31 35.17
C ASP D 178 29.37 -11.38 36.60
N VAL D 179 30.69 -11.57 36.73
CA VAL D 179 31.27 -11.69 38.07
C VAL D 179 31.13 -10.37 38.83
N HIS D 180 30.97 -9.26 38.14
CA HIS D 180 30.88 -7.95 38.77
C HIS D 180 29.44 -7.51 38.93
N HIS D 181 29.17 -6.71 39.96
CA HIS D 181 27.84 -6.15 40.15
C HIS D 181 27.53 -5.13 39.06
N GLY D 182 26.35 -5.23 38.46
CA GLY D 182 25.96 -4.25 37.48
C GLY D 182 25.39 -3.01 38.13
N ASN D 183 26.27 -2.14 38.64
CA ASN D 183 25.82 -0.97 39.39
C ASN D 183 24.83 -0.13 38.59
N GLY D 184 25.12 0.07 37.30
CA GLY D 184 24.25 0.92 36.49
C GLY D 184 22.87 0.34 36.34
N THR D 185 22.78 -0.97 36.13
CA THR D 185 21.46 -1.57 35.95
C THR D 185 20.66 -1.52 37.23
N GLN D 186 21.30 -1.80 38.36
CA GLN D 186 20.62 -1.65 39.66
C GLN D 186 20.10 -0.23 39.81
N HIS D 187 20.95 0.77 39.60
CA HIS D 187 20.53 2.15 39.82
C HIS D 187 19.44 2.57 38.84
N ILE D 188 19.49 2.09 37.60
CA ILE D 188 18.51 2.53 36.61
C ILE D 188 17.11 2.05 36.96
N PHE D 189 16.98 0.84 37.50
CA PHE D 189 15.67 0.25 37.79
C PHE D 189 15.36 0.17 39.29
N GLU D 190 16.15 0.86 40.13
CA GLU D 190 16.06 0.72 41.58
C GLU D 190 14.66 1.01 42.11
N GLU D 191 13.97 2.00 41.53
CA GLU D 191 12.63 2.39 41.94
C GLU D 191 11.54 1.80 41.05
N ASP D 192 11.88 0.82 40.22
CA ASP D 192 10.97 0.30 39.20
C ASP D 192 10.52 -1.11 39.55
N ASP D 193 9.21 -1.35 39.55
CA ASP D 193 8.66 -2.68 39.77
C ASP D 193 8.33 -3.41 38.48
N SER D 194 8.58 -2.80 37.31
CA SER D 194 8.35 -3.51 36.06
C SER D 194 9.57 -4.26 35.57
N VAL D 195 10.75 -4.02 36.15
CA VAL D 195 12.00 -4.64 35.74
C VAL D 195 12.63 -5.23 37.00
N LEU D 196 12.61 -6.55 37.10
CA LEU D 196 13.27 -7.22 38.21
C LEU D 196 14.75 -7.40 37.86
N TYR D 197 15.63 -6.90 38.72
CA TYR D 197 17.07 -7.01 38.53
C TYR D 197 17.63 -8.01 39.53
N ILE D 198 18.30 -9.06 39.04
CA ILE D 198 18.92 -10.09 39.88
C ILE D 198 20.38 -10.24 39.46
N SER D 199 21.30 -9.96 40.39
CA SER D 199 22.73 -10.03 40.12
C SER D 199 23.40 -11.02 41.07
N LEU D 200 24.27 -11.84 40.53
CA LEU D 200 25.15 -12.67 41.34
C LEU D 200 26.52 -12.01 41.09
N HIS D 201 27.30 -11.79 42.12
CA HIS D 201 28.57 -11.10 41.86
C HIS D 201 29.55 -11.36 42.99
N ARG D 202 30.83 -11.39 42.63
CA ARG D 202 31.88 -11.34 43.65
C ARG D 202 31.81 -10.00 44.37
N TYR D 203 31.71 -10.05 45.70
CA TYR D 203 31.55 -8.85 46.51
C TYR D 203 32.72 -8.57 47.44
N GLU D 204 33.12 -9.56 48.25
CA GLU D 204 34.23 -9.44 49.20
C GLU D 204 34.09 -8.21 50.09
N ASP D 205 32.95 -8.11 50.78
CA ASP D 205 32.65 -7.01 51.70
C ASP D 205 32.86 -5.64 51.05
N GLY D 206 32.58 -5.55 49.75
CA GLY D 206 32.69 -4.29 49.04
C GLY D 206 34.07 -3.96 48.50
N ALA D 207 35.03 -4.88 48.58
CA ALA D 207 36.39 -4.64 48.12
C ALA D 207 36.58 -4.96 46.64
N PHE D 208 35.71 -5.75 46.03
CA PHE D 208 35.82 -6.12 44.63
C PHE D 208 35.15 -5.06 43.75
N PHE D 209 35.71 -4.82 42.57
CA PHE D 209 35.13 -3.86 41.64
C PHE D 209 33.65 -4.19 41.44
N PRO D 210 32.75 -3.19 41.45
CA PRO D 210 33.00 -1.74 41.47
C PRO D 210 33.06 -1.08 42.86
N ASN D 211 33.38 -1.84 43.91
CA ASN D 211 33.88 -1.27 45.18
C ASN D 211 32.82 -0.51 45.96
N SER D 212 31.55 -0.89 45.84
CA SER D 212 30.47 -0.18 46.48
C SER D 212 29.59 -1.14 47.28
N GLU D 213 29.18 -0.69 48.49
CA GLU D 213 28.22 -1.43 49.28
C GLU D 213 26.84 -1.45 48.65
N ASP D 214 26.63 -0.68 47.56
CA ASP D 214 25.40 -0.81 46.78
C ASP D 214 25.14 -2.24 46.34
N ALA D 215 26.20 -3.07 46.26
CA ALA D 215 26.07 -4.44 45.77
C ALA D 215 25.70 -5.44 46.85
N ASN D 216 25.54 -5.01 48.10
CA ASN D 216 25.27 -5.96 49.16
C ASN D 216 23.82 -6.44 49.10
N TYR D 217 23.55 -7.54 49.82
CA TYR D 217 22.26 -8.21 49.71
C TYR D 217 21.11 -7.40 50.29
N ASP D 218 21.40 -6.40 51.11
CA ASP D 218 20.35 -5.65 51.78
C ASP D 218 19.84 -4.49 50.94
N LYS D 219 20.43 -4.26 49.77
CA LYS D 219 19.90 -3.28 48.83
C LYS D 219 18.86 -4.02 48.00
N VAL D 220 17.59 -3.86 48.37
CA VAL D 220 16.48 -4.62 47.83
C VAL D 220 15.60 -3.80 46.89
N GLY D 221 15.93 -2.54 46.68
CA GLY D 221 15.13 -1.63 45.89
C GLY D 221 14.51 -0.55 46.73
N LEU D 222 13.95 0.45 46.04
CA LEU D 222 13.43 1.65 46.67
C LEU D 222 11.98 1.88 46.26
N GLY D 223 11.17 2.34 47.20
CA GLY D 223 9.81 2.75 46.89
C GLY D 223 8.99 1.61 46.31
N LYS D 224 8.35 1.87 45.17
CA LYS D 224 7.61 0.82 44.47
C LYS D 224 8.50 -0.35 44.08
N GLY D 225 9.81 -0.14 43.97
CA GLY D 225 10.73 -1.17 43.55
C GLY D 225 11.31 -2.04 44.66
N ARG D 226 10.82 -1.89 45.89
CA ARG D 226 11.31 -2.73 46.98
C ARG D 226 10.94 -4.18 46.72
N GLY D 227 11.94 -5.05 46.84
CA GLY D 227 11.82 -6.44 46.46
C GLY D 227 12.24 -6.74 45.03
N TYR D 228 12.30 -5.73 44.16
CA TYR D 228 12.60 -5.93 42.74
C TYR D 228 14.07 -5.72 42.41
N ASN D 229 14.93 -5.75 43.43
CA ASN D 229 16.38 -5.71 43.25
C ASN D 229 16.97 -6.78 44.15
N VAL D 230 17.58 -7.79 43.54
CA VAL D 230 18.05 -8.96 44.26
C VAL D 230 19.55 -9.06 43.99
N ASN D 231 20.35 -8.68 44.98
CA ASN D 231 21.80 -8.82 44.95
C ASN D 231 22.21 -10.08 45.71
N ILE D 232 22.97 -10.93 45.04
CA ILE D 232 23.49 -12.16 45.65
C ILE D 232 25.01 -12.05 45.71
N PRO D 233 25.58 -11.54 46.81
CA PRO D 233 27.01 -11.22 46.85
C PRO D 233 27.88 -12.32 47.46
N TRP D 234 28.95 -12.70 46.75
CA TRP D 234 29.87 -13.73 47.20
C TRP D 234 31.05 -13.12 47.94
N ASN D 235 31.43 -13.77 49.04
CA ASN D 235 32.54 -13.35 49.90
C ASN D 235 33.38 -14.56 50.23
N GLY D 236 34.70 -14.43 50.08
CA GLY D 236 35.64 -15.45 50.53
C GLY D 236 35.30 -16.87 50.15
N GLY D 237 35.17 -17.12 48.86
CA GLY D 237 34.91 -18.44 48.36
C GLY D 237 35.20 -18.47 46.89
N LYS D 238 35.87 -19.52 46.41
CA LYS D 238 36.12 -19.67 44.98
C LYS D 238 34.89 -20.34 44.37
N MET D 239 33.89 -19.52 44.07
CA MET D 239 32.59 -20.03 43.68
C MET D 239 32.62 -20.63 42.27
N GLY D 240 31.76 -21.61 42.06
CA GLY D 240 31.71 -22.35 40.81
C GLY D 240 30.32 -22.90 40.56
N ASP D 241 30.24 -24.00 39.80
CA ASP D 241 28.96 -24.57 39.41
C ASP D 241 28.04 -24.88 40.59
N PRO D 242 28.49 -25.57 41.65
CA PRO D 242 27.55 -25.88 42.74
C PRO D 242 26.97 -24.64 43.40
N GLU D 243 27.79 -23.60 43.56
CA GLU D 243 27.32 -22.40 44.23
C GLU D 243 26.29 -21.66 43.40
N TYR D 244 26.55 -21.52 42.09
CA TYR D 244 25.60 -20.84 41.23
C TYR D 244 24.35 -21.69 41.02
N MET D 245 24.50 -23.00 40.95
CA MET D 245 23.31 -23.86 40.84
C MET D 245 22.43 -23.72 42.08
N ALA D 246 23.05 -23.59 43.26
CA ALA D 246 22.27 -23.47 44.49
C ALA D 246 21.57 -22.11 44.57
N ALA D 247 22.22 -21.04 44.09
CA ALA D 247 21.57 -19.72 44.11
C ALA D 247 20.40 -19.66 43.15
N PHE D 248 20.48 -20.35 42.00
CA PHE D 248 19.33 -20.41 41.12
C PHE D 248 18.19 -21.21 41.77
N HIS D 249 18.53 -22.34 42.40
CA HIS D 249 17.52 -23.20 43.03
C HIS D 249 16.76 -22.46 44.14
N HIS D 250 17.50 -21.78 45.02
CA HIS D 250 16.89 -21.18 46.20
C HIS D 250 16.41 -19.75 45.99
N LEU D 251 16.98 -19.03 45.03
CA LEU D 251 16.69 -17.61 44.91
C LEU D 251 16.21 -17.23 43.53
N VAL D 252 17.07 -17.37 42.52
CA VAL D 252 16.78 -16.77 41.21
C VAL D 252 15.50 -17.36 40.63
N MET D 253 15.40 -18.69 40.60
CA MET D 253 14.24 -19.29 39.94
C MET D 253 12.95 -19.10 40.74
N PRO D 254 12.93 -19.30 42.07
CA PRO D 254 11.67 -19.01 42.80
C PRO D 254 11.17 -17.58 42.62
N ILE D 255 12.07 -16.59 42.79
CA ILE D 255 11.67 -15.20 42.65
C ILE D 255 11.21 -14.92 41.22
N ALA D 256 11.98 -15.40 40.24
CA ALA D 256 11.66 -15.13 38.85
C ALA D 256 10.30 -15.72 38.47
N ARG D 257 10.05 -16.97 38.88
CA ARG D 257 8.77 -17.60 38.56
C ARG D 257 7.61 -16.85 39.18
N GLU D 258 7.81 -16.26 40.37
CA GLU D 258 6.75 -15.47 40.97
C GLU D 258 6.58 -14.12 40.28
N PHE D 259 7.69 -13.52 39.86
CA PHE D 259 7.62 -12.30 39.08
C PHE D 259 6.91 -12.52 37.75
N ALA D 260 7.05 -13.73 37.17
CA ALA D 260 6.42 -14.11 35.91
C ALA D 260 6.83 -13.18 34.77
N PRO D 261 8.12 -13.07 34.47
CA PRO D 261 8.54 -12.11 33.43
C PRO D 261 7.95 -12.46 32.07
N GLU D 262 7.80 -11.45 31.23
CA GLU D 262 7.44 -11.65 29.84
C GLU D 262 8.63 -11.57 28.91
N LEU D 263 9.80 -11.20 29.43
CA LEU D 263 11.01 -11.20 28.65
C LEU D 263 12.16 -11.33 29.63
N VAL D 264 13.11 -12.22 29.33
CA VAL D 264 14.29 -12.42 30.17
C VAL D 264 15.49 -11.91 29.39
N LEU D 265 16.26 -11.00 29.99
CA LEU D 265 17.54 -10.54 29.47
C LEU D 265 18.63 -11.04 30.40
N VAL D 266 19.68 -11.62 29.84
CA VAL D 266 20.83 -12.04 30.63
C VAL D 266 21.99 -11.08 30.35
N SER D 267 22.41 -10.33 31.37
CA SER D 267 23.69 -9.64 31.33
C SER D 267 24.74 -10.72 31.50
N ALA D 268 25.17 -11.33 30.39
CA ALA D 268 25.97 -12.55 30.42
C ALA D 268 27.45 -12.19 30.28
N GLY D 269 28.03 -11.70 31.38
CA GLY D 269 29.47 -11.68 31.49
C GLY D 269 29.98 -13.09 31.77
N PHE D 270 31.11 -13.43 31.17
CA PHE D 270 31.72 -14.72 31.40
C PHE D 270 33.04 -14.61 32.16
N ASP D 271 33.17 -13.58 33.00
CA ASP D 271 34.36 -13.42 33.81
C ASP D 271 34.30 -14.20 35.12
N ALA D 272 33.19 -14.86 35.45
CA ALA D 272 33.18 -15.84 36.52
C ALA D 272 33.59 -17.23 36.04
N ALA D 273 34.09 -17.34 34.82
CA ALA D 273 34.40 -18.64 34.25
C ALA D 273 35.72 -19.18 34.75
N ARG D 274 35.81 -20.50 34.84
CA ARG D 274 37.09 -21.17 35.01
C ARG D 274 38.10 -20.62 33.99
N GLY D 275 39.21 -20.09 34.47
CA GLY D 275 40.28 -19.65 33.62
C GLY D 275 40.31 -18.16 33.37
N ASP D 276 39.32 -17.42 33.85
CA ASP D 276 39.34 -15.97 33.68
C ASP D 276 40.51 -15.38 34.43
N PRO D 277 41.21 -14.40 33.84
CA PRO D 277 42.41 -13.85 34.50
C PRO D 277 42.11 -12.97 35.71
N LEU D 278 40.88 -12.48 35.87
CA LEU D 278 40.58 -11.54 36.97
C LEU D 278 39.39 -11.90 37.84
N GLY D 279 38.48 -12.77 37.38
CA GLY D 279 37.26 -13.01 38.16
C GLY D 279 37.49 -13.83 39.41
N GLY D 280 38.41 -14.79 39.34
CA GLY D 280 38.76 -15.61 40.49
C GLY D 280 37.81 -16.77 40.76
N PHE D 281 36.89 -17.06 39.86
CA PHE D 281 35.85 -18.06 40.06
C PHE D 281 36.07 -19.21 39.09
N GLN D 282 35.16 -20.17 39.08
CA GLN D 282 35.39 -21.37 38.27
C GLN D 282 34.08 -21.95 37.74
N VAL D 283 33.17 -21.10 37.27
CA VAL D 283 31.99 -21.61 36.57
C VAL D 283 32.43 -22.26 35.26
N THR D 284 31.94 -23.50 35.00
CA THR D 284 32.34 -24.22 33.79
C THR D 284 31.37 -23.94 32.65
N PRO D 285 31.75 -24.26 31.40
CA PRO D 285 30.79 -24.08 30.30
C PRO D 285 29.52 -24.90 30.50
N GLU D 286 29.64 -26.10 31.06
CA GLU D 286 28.47 -26.89 31.41
C GLU D 286 27.63 -26.18 32.47
N GLY D 287 28.28 -25.49 33.41
CA GLY D 287 27.54 -24.71 34.39
C GLY D 287 26.70 -23.61 33.76
N TYR D 288 27.31 -22.83 32.85
CA TYR D 288 26.56 -21.79 32.15
C TYR D 288 25.41 -22.39 31.35
N ALA D 289 25.63 -23.57 30.74
CA ALA D 289 24.56 -24.26 30.02
C ALA D 289 23.35 -24.52 30.92
N HIS D 290 23.61 -25.04 32.12
CA HIS D 290 22.49 -25.33 33.02
C HIS D 290 21.80 -24.05 33.48
N LEU D 291 22.54 -22.94 33.68
CA LEU D 291 21.89 -21.69 34.03
C LEU D 291 20.98 -21.21 32.92
N THR D 292 21.48 -21.20 31.68
CA THR D 292 20.65 -20.82 30.54
C THR D 292 19.40 -21.69 30.47
N HIS D 293 19.58 -23.00 30.60
CA HIS D 293 18.47 -23.92 30.42
C HIS D 293 17.37 -23.67 31.44
N GLN D 294 17.74 -23.31 32.68
CA GLN D 294 16.75 -22.99 33.70
C GLN D 294 16.01 -21.71 33.37
N LEU D 295 16.74 -20.68 32.89
CA LEU D 295 16.08 -19.44 32.50
C LEU D 295 15.13 -19.66 31.33
N MET D 296 15.46 -20.58 30.42
CA MET D 296 14.56 -20.88 29.31
C MET D 296 13.19 -21.37 29.79
N SER D 297 13.09 -21.82 31.04
CA SER D 297 11.77 -22.17 31.56
C SER D 297 10.91 -20.94 31.89
N LEU D 298 11.41 -19.73 31.73
CA LEU D 298 10.64 -18.53 32.00
C LEU D 298 10.15 -17.87 30.72
N ALA D 299 9.14 -17.01 30.88
CA ALA D 299 8.70 -16.08 29.83
C ALA D 299 8.36 -16.77 28.52
N ALA D 300 7.88 -18.01 28.61
CA ALA D 300 7.62 -18.85 27.42
C ALA D 300 8.87 -19.01 26.58
N GLY D 301 10.04 -18.95 27.22
CA GLY D 301 11.30 -19.12 26.53
C GLY D 301 11.86 -17.87 25.89
N ARG D 302 11.29 -16.70 26.15
N ARG D 302 11.30 -16.70 26.16
CA ARG D 302 11.75 -15.45 25.55
CA ARG D 302 11.76 -15.47 25.52
C ARG D 302 12.98 -14.96 26.30
C ARG D 302 12.97 -14.94 26.28
N VAL D 303 14.16 -15.41 25.86
CA VAL D 303 15.42 -15.15 26.55
C VAL D 303 16.39 -14.53 25.56
N LEU D 304 17.05 -13.45 25.96
CA LEU D 304 18.12 -12.81 25.18
C LEU D 304 19.39 -12.78 26.02
N ILE D 305 20.45 -13.42 25.53
CA ILE D 305 21.74 -13.53 26.21
C ILE D 305 22.64 -12.45 25.64
N ILE D 306 23.07 -11.50 26.47
CA ILE D 306 23.86 -10.34 26.06
C ILE D 306 25.25 -10.42 26.70
N LEU D 307 26.30 -10.49 25.86
CA LEU D 307 27.67 -10.53 26.37
C LEU D 307 27.97 -9.27 27.16
N GLU D 308 28.52 -9.45 28.36
CA GLU D 308 29.09 -8.33 29.11
C GLU D 308 30.59 -8.59 29.20
N GLY D 309 31.13 -8.91 30.37
CA GLY D 309 32.56 -9.11 30.54
C GLY D 309 33.01 -10.52 30.17
N GLY D 310 34.23 -10.83 30.57
CA GLY D 310 34.82 -12.13 30.26
C GLY D 310 36.11 -11.98 29.48
N TYR D 311 37.23 -12.44 30.04
CA TYR D 311 38.53 -12.04 29.53
C TYR D 311 39.49 -13.17 29.18
N ASN D 312 39.14 -14.42 29.46
CA ASN D 312 39.85 -15.55 28.89
C ASN D 312 39.18 -15.88 27.57
N LEU D 313 39.90 -15.69 26.46
CA LEU D 313 39.30 -15.85 25.14
C LEU D 313 38.73 -17.24 24.97
N THR D 314 39.47 -18.27 25.36
CA THR D 314 38.96 -19.64 25.26
C THR D 314 37.76 -19.86 26.17
N SER D 315 37.80 -19.29 27.38
CA SER D 315 36.71 -19.52 28.34
C SER D 315 35.40 -18.94 27.85
N ILE D 316 35.41 -17.68 27.42
CA ILE D 316 34.16 -17.03 27.02
C ILE D 316 33.60 -17.65 25.74
N SER D 317 34.49 -18.13 24.86
CA SER D 317 34.05 -18.71 23.60
C SER D 317 33.32 -20.03 23.85
N GLU D 318 33.89 -20.90 24.67
CA GLU D 318 33.23 -22.15 25.04
C GLU D 318 31.96 -21.88 25.85
N SER D 319 32.05 -20.99 26.83
CA SER D 319 30.92 -20.74 27.74
C SER D 319 29.73 -20.17 26.98
N MET D 320 29.95 -19.13 26.18
CA MET D 320 28.83 -18.53 25.47
C MET D 320 28.27 -19.48 24.41
N SER D 321 29.14 -20.26 23.75
CA SER D 321 28.66 -21.24 22.78
CA SER D 321 28.65 -21.23 22.78
C SER D 321 27.73 -22.26 23.44
N MET D 322 28.06 -22.69 24.66
CA MET D 322 27.19 -23.62 25.37
C MET D 322 25.81 -23.01 25.59
N CYS D 323 25.76 -21.73 25.96
CA CYS D 323 24.46 -21.08 26.17
C CYS D 323 23.64 -21.09 24.89
N THR D 324 24.27 -20.80 23.74
CA THR D 324 23.54 -20.86 22.48
C THR D 324 23.08 -22.27 22.16
N SER D 325 23.93 -23.26 22.43
CA SER D 325 23.50 -24.65 22.26
C SER D 325 22.24 -24.95 23.07
N MET D 326 22.14 -24.36 24.26
CA MET D 326 20.95 -24.54 25.08
C MET D 326 19.75 -23.82 24.47
N LEU D 327 19.95 -22.57 24.00
CA LEU D 327 18.82 -21.86 23.39
C LEU D 327 18.28 -22.61 22.18
N LEU D 328 19.17 -23.33 21.48
CA LEU D 328 18.74 -24.07 20.29
C LEU D 328 18.03 -25.37 20.64
N GLY D 329 17.91 -25.70 21.92
CA GLY D 329 17.19 -26.86 22.37
C GLY D 329 18.04 -28.08 22.64
N ASP D 330 19.36 -27.97 22.57
CA ASP D 330 20.19 -29.15 22.80
C ASP D 330 20.08 -29.60 24.26
N SER D 331 20.23 -30.90 24.48
CA SER D 331 20.11 -31.44 25.83
C SER D 331 21.22 -30.90 26.73
N PRO D 332 20.92 -30.48 27.95
CA PRO D 332 21.96 -29.99 28.83
C PRO D 332 23.04 -31.03 29.03
N PRO D 333 24.29 -30.62 29.19
CA PRO D 333 25.37 -31.59 29.38
C PRO D 333 25.37 -32.16 30.80
N SER D 334 26.09 -33.26 30.95
CA SER D 334 26.23 -33.85 32.28
C SER D 334 26.96 -32.89 33.22
N LEU D 335 26.60 -32.96 34.49
CA LEU D 335 27.09 -32.04 35.51
C LEU D 335 26.79 -32.62 36.88
N ASP D 336 27.82 -32.80 37.70
CA ASP D 336 27.66 -33.45 38.99
C ASP D 336 26.93 -32.56 40.00
N THR D 339 27.51 -32.28 44.61
CA THR D 339 28.72 -31.65 45.14
C THR D 339 28.37 -30.66 46.25
N PRO D 340 29.00 -30.81 47.41
CA PRO D 340 28.73 -29.87 48.52
C PRO D 340 29.28 -28.48 48.23
N LEU D 341 28.57 -27.48 48.74
CA LEU D 341 28.95 -26.09 48.50
C LEU D 341 30.10 -25.66 49.39
N LYS D 342 30.78 -24.61 48.95
CA LYS D 342 31.57 -23.80 49.86
C LYS D 342 30.66 -23.27 50.95
N THR D 343 31.16 -23.26 52.19
CA THR D 343 30.37 -22.83 53.34
C THR D 343 29.97 -21.36 53.22
N SER D 344 30.83 -20.52 52.62
CA SER D 344 30.51 -19.11 52.48
C SER D 344 29.36 -18.88 51.50
N ALA D 345 29.22 -19.75 50.50
CA ALA D 345 28.09 -19.63 49.57
C ALA D 345 26.76 -19.78 50.30
N THR D 346 26.66 -20.78 51.19
CA THR D 346 25.43 -20.99 51.93
C THR D 346 25.09 -19.76 52.76
N VAL D 347 26.10 -19.11 53.34
CA VAL D 347 25.83 -17.92 54.15
C VAL D 347 25.25 -16.81 53.30
N SER D 348 25.84 -16.57 52.12
CA SER D 348 25.32 -15.54 51.22
C SER D 348 23.86 -15.83 50.84
N ILE D 349 23.57 -17.08 50.46
CA ILE D 349 22.20 -17.44 50.07
C ILE D 349 21.23 -17.17 51.20
N ASN D 350 21.59 -17.56 52.43
CA ASN D 350 20.71 -17.29 53.56
C ASN D 350 20.55 -15.81 53.83
N ASN D 351 21.61 -15.02 53.62
CA ASN D 351 21.46 -13.57 53.76
C ASN D 351 20.43 -13.02 52.78
N VAL D 352 20.49 -13.47 51.51
CA VAL D 352 19.54 -12.97 50.53
C VAL D 352 18.13 -13.46 50.87
N LEU D 353 18.00 -14.73 51.25
CA LEU D 353 16.69 -15.25 51.65
C LEU D 353 16.10 -14.40 52.77
N ARG D 354 16.90 -14.12 53.81
CA ARG D 354 16.42 -13.31 54.92
C ARG D 354 15.97 -11.92 54.47
N ALA D 355 16.71 -11.31 53.53
CA ALA D 355 16.37 -9.95 53.12
C ALA D 355 15.17 -9.89 52.18
N HIS D 356 14.85 -10.99 51.49
CA HIS D 356 13.84 -10.96 50.44
C HIS D 356 12.61 -11.79 50.76
N ALA D 357 12.66 -12.64 51.80
CA ALA D 357 11.45 -13.30 52.27
C ALA D 357 10.27 -12.34 52.47
N PRO D 358 10.43 -11.13 53.02
CA PRO D 358 9.26 -10.24 53.14
C PRO D 358 8.61 -9.86 51.83
N PHE D 359 9.29 -10.05 50.69
CA PHE D 359 8.79 -9.58 49.42
C PHE D 359 8.29 -10.70 48.49
N TRP D 360 8.69 -11.95 48.73
CA TRP D 360 8.37 -13.04 47.82
C TRP D 360 7.82 -14.21 48.61
N SER D 361 6.52 -14.43 48.51
CA SER D 361 5.87 -15.56 49.18
C SER D 361 6.54 -16.89 48.83
N SER D 362 7.15 -16.98 47.64
CA SER D 362 7.83 -18.21 47.23
C SER D 362 9.04 -18.54 48.07
N LEU D 363 9.57 -17.58 48.83
CA LEU D 363 10.68 -17.83 49.75
C LEU D 363 10.22 -18.10 51.18
N ARG D 364 8.93 -17.94 51.47
CA ARG D 364 8.40 -18.16 52.81
C ARG D 364 7.75 -19.54 52.94
#